data_7PRC
#
_entry.id   7PRC
#
_cell.length_a   223.500
_cell.length_b   223.500
_cell.length_c   113.600
_cell.angle_alpha   90.00
_cell.angle_beta   90.00
_cell.angle_gamma   90.00
#
_symmetry.space_group_name_H-M   'P 43 21 2'
#
loop_
_entity.id
_entity.type
_entity.pdbx_description
1 polymer 'PHOTOSYNTHETIC REACTION CENTER'
2 polymer 'PHOTOSYNTHETIC REACTION CENTER'
3 polymer 'PHOTOSYNTHETIC REACTION CENTER'
4 polymer 'PHOTOSYNTHETIC REACTION CENTER'
5 non-polymer 'PROTOPORPHYRIN IX CONTAINING FE'
6 non-polymer 'BACTERIOCHLOROPHYLL B'
7 non-polymer 'BACTERIOPHEOPHYTIN B'
8 non-polymer "2-CHLORO-4-ETHYLAMINO-6-(R(+)-2'-CYANO-4-BUTYLAMINO)-1,3,5-TRIAZINE"
9 non-polymer 'LAURYL DIMETHYLAMINE-N-OXIDE'
10 non-polymer 'FE (II) ION'
11 non-polymer 'SULFATE ION'
12 non-polymer MENAQUINONE-7
13 non-polymer 15-cis-1,2-dihydroneurosporene
14 water water
#
loop_
_entity_poly.entity_id
_entity_poly.type
_entity_poly.pdbx_seq_one_letter_code
_entity_poly.pdbx_strand_id
1 'polypeptide(L)'
;CFEPPPATTTQTGFRGLSMGEVLHPATVKAKKERDAQYPPALAAVKAEGPPVSQVYKNVKVLGNLTEAEFLRTMTAITEW
VSPQEGCTYCHDENNLASEAKYPYVVARRMLEMTRAINTNWTQHVAQTGVTCYTCHRGTPLPPYVRYLEPTLPLNNRETP
THVERVETRSGYVVRLAKYTAYSALNYDPFTMFLANDKRQVRVVPQTALPLVGVSRGKERRPLSDAYATFALMMSISDSL
GTNCTFCHNAQTFESWGKKSTPQRAIAWWGIRMVRDLNMNYLAPLNASLPASRLGRQGEAPQADCRTCHQGVTKPLFGAS
RLKDYPELGPIKAAAK
;
C
2 'polypeptide(L)'
;ALLSFERKYRVRGGTLIGGDLFDFWVGPYFVGFFGVSAIFFIFLGVSLIGYAASQGPTWDPFAISINPPDLKYGLGAAPL
LEGGFWQAITVCALGAFISWMLREVEISRKLGIGWHVPLAFCVPIFMFCVLQVFRPLLLGSWGHAFPYGILSHLDWVNNF
GYQYLNWHYNPGHMSSVSFLFVNAMALGLHGGLILSVANPGDGDKVKTAEHENQYFRDVVGYSIGALSIHRLGLFLASNI
FLTGAFGTIASGPFWTRGWPEWWGWWLDIPFWS
;
L
3 'polypeptide(L)'
;ADYQTIYTQIQARGPHITVSGEWGDNDRVGKPFYSYWLGKIGDAQIGPIYLGASGIAAFAFGSTAILIILFNMAAEVHFD
PLQFFRQFFWLGLYPPKAQYGMGIPPLHDGGWWLMAGLFMTLSLGSWWIRVYSRARALGLGTHIAWNFAAAIFFVLCIGC
IHPTLVGSWSEGVPFGIWPHIDWLTAFSIRYGNFYYCPWHGFSIGFAYGCGLLFAAHGATILAVARFGGDREIEQITDRG
TAVERAALFWRWTIGFNATIESVHRWGWFFSLMVMVSASVGILLTGTFVDNWYLWCVKHGAAPDYPAYLPATPDPASLPG
APK
;
M
4 'polypeptide(L)'
;(FME)YHGALAQHLDIAQLVWYAQWLVIWTVVLLYLRREDRREGYPLVEPLGLVKLAPEDGQVYELPYPKTFVLPHGGTV
TVPRRRPETRELKLAQTDGFEGAPLQPTGNPLVDAVGPASYAERAEVVDATVDGKAKIVPLRVATDFSIAEGDVDPRGLP
VVAADGVEAGTVTDLWVDRSEHYFRYLELSVAGSARTALIPLGFCDVKKDKIVVTSILSEQFANVPRLQSRDQITLREED
KVSAYYAGGLLYATPERAESLL
;
H
#
loop_
_chem_comp.id
_chem_comp.type
_chem_comp.name
_chem_comp.formula
BCB non-polymer 'BACTERIOCHLOROPHYLL B' 'C55 H72 Mg N4 O6 2'
BPB non-polymer 'BACTERIOPHEOPHYTIN B' 'C55 H74 N4 O6'
CET non-polymer 2-CHLORO-4-ETHYLAMINO-6-(R(+)-2'-CYANO-4-BUTYLAMINO)-1,3,5-TRIAZINE 'C10 H15 Cl N6'
FE2 non-polymer 'FE (II) ION' 'Fe 2'
HEM non-polymer 'PROTOPORPHYRIN IX CONTAINING FE' 'C34 H32 Fe N4 O4'
LDA non-polymer 'LAURYL DIMETHYLAMINE-N-OXIDE' 'C14 H31 N O'
MQ7 non-polymer MENAQUINONE-7 'C46 H64 O2'
NS5 non-polymer 15-cis-1,2-dihydroneurosporene 'C40 H60'
SO4 non-polymer 'SULFATE ION' 'O4 S -2'
#
# COMPACT_ATOMS: atom_id res chain seq x y z
N CYS A 1 17.44 -3.02 14.55
CA CYS A 1 18.09 -2.41 13.34
C CYS A 1 17.43 -1.03 13.09
N PHE A 2 17.83 0.01 13.83
CA PHE A 2 17.36 1.39 13.57
C PHE A 2 18.36 2.50 13.93
N GLU A 3 18.07 3.73 13.51
CA GLU A 3 19.01 4.85 13.62
C GLU A 3 18.35 6.10 14.17
N PRO A 4 18.65 6.42 15.44
CA PRO A 4 17.95 7.48 16.17
C PRO A 4 18.11 8.86 15.52
N PRO A 5 17.03 9.66 15.52
CA PRO A 5 17.07 11.01 14.98
C PRO A 5 17.92 11.87 15.87
N PRO A 6 18.26 13.09 15.44
CA PRO A 6 17.97 13.75 14.16
C PRO A 6 18.62 13.08 12.94
N ALA A 7 18.05 13.39 11.78
CA ALA A 7 18.62 13.05 10.50
C ALA A 7 18.96 14.38 9.85
N THR A 8 20.11 14.42 9.21
CA THR A 8 20.57 15.54 8.43
C THR A 8 19.96 15.43 7.04
N THR A 9 19.22 16.44 6.61
CA THR A 9 18.60 16.38 5.28
C THR A 9 18.95 17.60 4.46
N THR A 10 19.04 17.42 3.15
CA THR A 10 19.24 18.56 2.26
C THR A 10 18.18 18.56 1.18
N GLN A 11 18.23 19.60 0.37
CA GLN A 11 17.32 19.76 -0.75
C GLN A 11 18.10 19.74 -2.05
N THR A 12 17.68 18.88 -2.97
CA THR A 12 18.27 18.82 -4.30
C THR A 12 17.22 19.10 -5.40
N GLY A 13 16.03 19.55 -4.98
CA GLY A 13 14.94 19.63 -5.92
C GLY A 13 13.98 20.76 -5.60
N PHE A 14 13.17 21.12 -6.56
CA PHE A 14 12.17 22.13 -6.29
C PHE A 14 11.39 21.66 -5.07
N ARG A 15 11.04 22.61 -4.21
CA ARG A 15 10.33 22.30 -2.97
C ARG A 15 9.02 21.51 -3.20
N GLY A 16 8.81 20.48 -2.38
CA GLY A 16 7.63 19.63 -2.50
C GLY A 16 7.82 18.38 -3.34
N LEU A 17 9.04 18.11 -3.78
CA LEU A 17 9.31 16.94 -4.59
C LEU A 17 10.01 15.88 -3.77
N SER A 18 10.34 16.22 -2.53
CA SER A 18 11.01 15.31 -1.61
C SER A 18 12.26 14.75 -2.24
N MET A 19 13.11 15.65 -2.71
CA MET A 19 14.40 15.29 -3.30
C MET A 19 15.51 15.81 -2.39
N GLY A 20 16.50 14.98 -2.12
CA GLY A 20 17.63 15.47 -1.38
C GLY A 20 18.29 14.34 -0.64
N GLU A 21 19.37 14.67 0.04
CA GLU A 21 20.11 13.72 0.85
C GLU A 21 19.50 13.50 2.22
N VAL A 22 19.79 12.33 2.78
CA VAL A 22 19.30 11.94 4.09
C VAL A 22 20.43 11.22 4.84
N LEU A 23 21.04 11.92 5.80
CA LEU A 23 22.29 11.51 6.43
C LEU A 23 22.10 11.29 7.91
N HIS A 24 22.71 10.24 8.41
CA HIS A 24 22.73 10.03 9.85
C HIS A 24 24.04 10.61 10.35
N PRO A 25 23.97 11.58 11.25
CA PRO A 25 25.20 12.28 11.60
C PRO A 25 26.38 11.39 12.05
N ALA A 26 26.11 10.39 12.89
CA ALA A 26 27.21 9.57 13.42
C ALA A 26 28.01 8.86 12.33
N THR A 27 27.31 8.45 11.29
CA THR A 27 27.95 7.74 10.22
C THR A 27 28.77 8.71 9.43
N VAL A 28 28.19 9.85 9.10
CA VAL A 28 28.91 10.85 8.35
C VAL A 28 30.18 11.17 9.08
N LYS A 29 30.06 11.33 10.39
CA LYS A 29 31.20 11.74 11.19
C LYS A 29 32.23 10.63 11.28
N ALA A 30 31.78 9.38 11.31
CA ALA A 30 32.70 8.27 11.29
C ALA A 30 33.47 8.20 9.97
N LYS A 31 32.81 8.53 8.87
CA LYS A 31 33.48 8.57 7.58
C LYS A 31 34.44 9.74 7.52
N LYS A 32 34.05 10.87 8.10
CA LYS A 32 34.90 12.07 8.12
C LYS A 32 36.21 11.74 8.80
N GLU A 33 36.11 11.08 9.94
CA GLU A 33 37.28 10.73 10.72
C GLU A 33 38.19 9.76 10.00
N ARG A 34 37.62 8.84 9.25
CA ARG A 34 38.42 7.90 8.47
C ARG A 34 39.12 8.66 7.37
N ASP A 35 38.38 9.48 6.64
CA ASP A 35 38.96 10.20 5.53
C ASP A 35 39.91 11.27 6.00
N ALA A 36 39.91 11.54 7.31
CA ALA A 36 40.79 12.57 7.88
C ALA A 36 42.25 12.15 7.90
N GLN A 37 42.45 10.83 7.87
CA GLN A 37 43.79 10.27 7.85
C GLN A 37 44.63 10.63 6.59
N TYR A 38 44.03 11.29 5.61
CA TYR A 38 44.80 11.82 4.47
C TYR A 38 46.00 12.59 5.03
N PRO A 39 47.20 11.98 4.99
CA PRO A 39 48.41 12.71 5.33
C PRO A 39 48.39 14.06 4.64
N PRO A 40 48.87 15.07 5.34
CA PRO A 40 49.10 16.42 4.81
C PRO A 40 50.20 16.41 3.80
N ALA A 41 50.28 17.49 3.04
CA ALA A 41 51.31 17.62 2.04
C ALA A 41 52.66 17.76 2.75
N LEU A 42 53.67 17.08 2.19
CA LEU A 42 55.04 17.30 2.59
C LEU A 42 55.41 18.73 2.25
N ALA A 43 56.30 19.31 3.03
CA ALA A 43 56.73 20.69 2.83
C ALA A 43 57.30 20.89 1.45
N ALA A 44 57.10 22.10 0.92
CA ALA A 44 57.58 22.46 -0.40
C ALA A 44 59.09 22.56 -0.42
N VAL A 45 59.71 21.96 -1.42
CA VAL A 45 61.16 22.05 -1.59
C VAL A 45 61.50 23.02 -2.72
N LYS A 46 62.69 23.58 -2.67
CA LYS A 46 63.12 24.47 -3.74
C LYS A 46 63.78 23.69 -4.87
N ALA A 47 63.38 24.02 -6.09
CA ALA A 47 63.88 23.35 -7.27
C ALA A 47 65.31 23.81 -7.54
N GLU A 48 66.26 22.92 -7.27
CA GLU A 48 67.66 23.22 -7.55
C GLU A 48 68.28 22.35 -8.68
N GLY A 49 68.71 23.03 -9.74
CA GLY A 49 69.57 22.42 -10.74
C GLY A 49 68.87 21.45 -11.67
N PRO A 50 69.49 20.30 -11.75
CA PRO A 50 69.28 19.34 -12.84
C PRO A 50 68.04 18.43 -12.78
N PRO A 51 67.19 18.49 -13.83
CA PRO A 51 66.13 17.50 -14.00
C PRO A 51 66.71 16.12 -13.83
N VAL A 52 66.04 15.33 -13.02
CA VAL A 52 66.52 14.04 -12.63
C VAL A 52 66.66 13.16 -13.87
N SER A 53 66.19 13.63 -15.02
CA SER A 53 66.45 12.94 -16.29
C SER A 53 67.95 12.81 -16.57
N GLN A 54 68.69 13.87 -16.23
CA GLN A 54 70.14 13.84 -16.22
C GLN A 54 70.56 13.01 -15.00
N VAL A 55 70.27 13.53 -13.81
CA VAL A 55 70.74 12.97 -12.54
C VAL A 55 70.58 11.47 -12.31
N TYR A 56 69.41 10.91 -12.58
CA TYR A 56 69.14 9.52 -12.20
C TYR A 56 69.16 8.63 -13.42
N LYS A 57 69.23 7.34 -13.16
CA LYS A 57 69.44 6.36 -14.21
C LYS A 57 68.18 5.91 -14.95
N ASN A 58 67.09 5.63 -14.22
CA ASN A 58 65.93 4.95 -14.84
C ASN A 58 64.63 5.72 -14.59
N VAL A 59 64.61 7.01 -14.91
CA VAL A 59 63.43 7.82 -14.64
C VAL A 59 62.71 8.26 -15.88
N LYS A 60 61.52 7.69 -16.02
CA LYS A 60 60.72 7.78 -17.25
C LYS A 60 59.58 8.78 -17.16
N VAL A 61 58.86 8.77 -16.05
CA VAL A 61 57.71 9.63 -15.95
C VAL A 61 58.11 10.98 -15.38
N LEU A 62 58.69 10.97 -14.18
CA LEU A 62 58.91 12.20 -13.43
C LEU A 62 60.26 12.84 -13.73
N GLY A 63 60.68 12.72 -15.00
CA GLY A 63 62.03 13.09 -15.39
C GLY A 63 62.38 14.56 -15.35
N ASN A 64 61.38 15.44 -15.39
CA ASN A 64 61.67 16.87 -15.40
C ASN A 64 61.76 17.46 -13.98
N LEU A 65 61.53 16.64 -12.97
CA LEU A 65 61.67 17.08 -11.58
C LEU A 65 63.13 17.19 -11.22
N THR A 66 63.50 18.33 -10.66
CA THR A 66 64.73 18.41 -9.89
C THR A 66 64.66 17.38 -8.73
N GLU A 67 65.78 16.71 -8.51
CA GLU A 67 66.00 15.82 -7.37
C GLU A 67 65.15 16.02 -6.12
N ALA A 68 65.27 17.20 -5.52
CA ALA A 68 64.60 17.50 -4.27
C ALA A 68 63.09 17.23 -4.34
N GLU A 69 62.49 17.68 -5.43
CA GLU A 69 61.09 17.42 -5.74
C GLU A 69 60.87 15.93 -5.92
N PHE A 70 61.73 15.31 -6.72
CA PHE A 70 61.61 13.89 -6.99
C PHE A 70 61.59 13.05 -5.71
N LEU A 71 62.42 13.40 -4.74
CA LEU A 71 62.46 12.58 -3.54
C LEU A 71 61.31 12.94 -2.60
N ARG A 72 60.79 14.15 -2.73
CA ARG A 72 59.53 14.53 -2.08
C ARG A 72 58.36 13.70 -2.63
N THR A 73 58.36 13.48 -3.93
CA THR A 73 57.31 12.71 -4.55
C THR A 73 57.43 11.30 -4.06
N MET A 74 58.66 10.75 -4.06
CA MET A 74 58.87 9.36 -3.65
C MET A 74 58.49 9.13 -2.20
N THR A 75 58.73 10.12 -1.36
CA THR A 75 58.30 10.02 0.04
C THR A 75 56.78 10.04 0.15
N ALA A 76 56.12 10.92 -0.63
CA ALA A 76 54.67 11.03 -0.61
C ALA A 76 54.07 9.72 -1.05
N ILE A 77 54.54 9.22 -2.20
CA ILE A 77 54.15 7.92 -2.70
C ILE A 77 54.28 6.86 -1.58
N THR A 78 55.41 6.83 -0.89
CA THR A 78 55.63 5.79 0.11
C THR A 78 54.62 5.94 1.23
N GLU A 79 54.27 7.18 1.49
CA GLU A 79 53.40 7.53 2.58
C GLU A 79 51.97 7.14 2.28
N TRP A 80 51.62 7.11 0.99
CA TRP A 80 50.26 6.87 0.54
C TRP A 80 50.00 5.39 0.31
N VAL A 81 50.93 4.77 -0.40
CA VAL A 81 50.73 3.42 -0.89
C VAL A 81 51.28 2.39 0.06
N SER A 82 52.54 2.53 0.40
CA SER A 82 53.23 1.49 1.16
C SER A 82 53.96 2.08 2.37
N PRO A 83 53.20 2.64 3.31
CA PRO A 83 53.83 3.23 4.49
C PRO A 83 54.45 2.21 5.43
N GLN A 84 53.83 1.03 5.53
CA GLN A 84 54.31 0.02 6.44
C GLN A 84 55.56 -0.60 5.85
N GLU A 85 55.62 -0.61 4.54
CA GLU A 85 56.61 -1.44 3.86
C GLU A 85 57.85 -0.62 3.58
N GLY A 86 57.68 0.69 3.42
CA GLY A 86 58.84 1.54 3.24
C GLY A 86 59.30 1.49 1.80
N CYS A 87 60.35 2.24 1.49
CA CYS A 87 60.84 2.37 0.11
C CYS A 87 61.09 1.05 -0.60
N THR A 88 61.51 0.01 0.14
CA THR A 88 61.92 -1.24 -0.50
C THR A 88 60.75 -2.11 -0.89
N TYR A 89 59.55 -1.61 -0.66
CA TYR A 89 58.40 -2.32 -1.18
C TYR A 89 58.54 -2.46 -2.67
N CYS A 90 59.13 -1.43 -3.28
CA CYS A 90 59.27 -1.34 -4.74
C CYS A 90 60.72 -1.35 -5.24
N HIS A 91 61.65 -0.88 -4.42
CA HIS A 91 62.99 -0.70 -4.91
C HIS A 91 63.85 -1.87 -4.54
N ASP A 92 64.87 -2.12 -5.34
CA ASP A 92 65.93 -2.96 -4.82
C ASP A 92 66.65 -2.16 -3.76
N GLU A 93 66.84 -2.79 -2.60
CA GLU A 93 67.44 -2.11 -1.46
C GLU A 93 68.74 -1.45 -1.88
N ASN A 94 69.42 -2.03 -2.86
CA ASN A 94 70.75 -1.59 -3.25
C ASN A 94 70.85 -1.15 -4.71
N ASN A 95 69.73 -1.11 -5.40
CA ASN A 95 69.69 -0.52 -6.73
C ASN A 95 68.34 0.10 -7.00
N LEU A 96 68.31 1.42 -7.07
CA LEU A 96 67.06 2.14 -7.08
C LEU A 96 66.49 2.26 -8.48
N ALA A 97 67.31 1.89 -9.45
CA ALA A 97 66.86 1.87 -10.82
C ALA A 97 66.31 0.51 -11.16
N SER A 98 66.60 -0.48 -10.33
CA SER A 98 66.16 -1.84 -10.58
C SER A 98 64.64 -1.92 -10.64
N GLU A 99 64.16 -2.66 -11.63
CA GLU A 99 62.75 -2.93 -11.82
C GLU A 99 62.46 -4.35 -11.38
N ALA A 100 63.35 -4.85 -10.54
CA ALA A 100 63.32 -6.25 -10.09
C ALA A 100 61.95 -6.68 -9.53
N LYS A 101 61.33 -5.79 -8.77
CA LYS A 101 60.07 -6.11 -8.09
C LYS A 101 58.90 -5.48 -8.83
N TYR A 102 57.78 -6.20 -8.91
CA TYR A 102 56.67 -5.72 -9.72
C TYR A 102 56.05 -4.36 -9.30
N PRO A 103 55.96 -4.10 -7.98
CA PRO A 103 55.48 -2.79 -7.58
C PRO A 103 56.19 -1.65 -8.27
N TYR A 104 57.45 -1.82 -8.64
CA TYR A 104 58.13 -0.74 -9.33
C TYR A 104 57.38 -0.45 -10.63
N VAL A 105 57.14 -1.47 -11.42
CA VAL A 105 56.64 -1.20 -12.75
C VAL A 105 55.16 -0.93 -12.72
N VAL A 106 54.47 -1.55 -11.77
CA VAL A 106 53.09 -1.17 -11.53
C VAL A 106 52.99 0.28 -11.06
N ALA A 107 53.88 0.70 -10.15
CA ALA A 107 53.88 2.08 -9.67
C ALA A 107 54.12 3.00 -10.83
N ARG A 108 54.98 2.62 -11.76
CA ARG A 108 55.28 3.47 -12.90
C ARG A 108 54.03 3.70 -13.74
N ARG A 109 53.26 2.64 -13.96
CA ARG A 109 52.00 2.74 -14.70
C ARG A 109 50.97 3.57 -13.93
N MET A 110 50.96 3.40 -12.61
CA MET A 110 50.11 4.16 -11.72
C MET A 110 50.44 5.63 -11.61
N LEU A 111 51.67 6.01 -11.95
CA LEU A 111 51.99 7.43 -12.03
C LEU A 111 51.37 7.97 -13.32
N GLU A 112 51.41 7.18 -14.37
CA GLU A 112 50.78 7.59 -15.63
C GLU A 112 49.25 7.66 -15.52
N MET A 113 48.63 6.59 -15.04
CA MET A 113 47.19 6.58 -14.79
C MET A 113 46.77 7.77 -13.93
N THR A 114 47.44 7.94 -12.79
CA THR A 114 47.12 9.04 -11.89
C THR A 114 47.21 10.39 -12.59
N ARG A 115 48.28 10.59 -13.36
CA ARG A 115 48.40 11.83 -14.12
C ARG A 115 47.36 11.97 -15.22
N ALA A 116 46.83 10.83 -15.70
CA ALA A 116 45.81 10.85 -16.76
C ALA A 116 44.51 11.36 -16.17
N ILE A 117 44.07 10.71 -15.10
CA ILE A 117 42.91 11.14 -14.37
C ILE A 117 42.91 12.63 -14.11
N ASN A 118 44.01 13.14 -13.58
CA ASN A 118 44.05 14.56 -13.25
C ASN A 118 44.13 15.46 -14.48
N THR A 119 44.63 14.93 -15.58
CA THR A 119 44.82 15.75 -16.77
C THR A 119 43.64 15.65 -17.71
N ASN A 120 43.00 14.48 -17.73
CA ASN A 120 42.08 14.14 -18.80
C ASN A 120 40.67 13.85 -18.31
N TRP A 121 40.49 13.74 -17.01
CA TRP A 121 39.18 13.46 -16.45
C TRP A 121 38.81 14.58 -15.52
N THR A 122 39.16 15.75 -15.99
CA THR A 122 38.74 17.01 -15.42
C THR A 122 37.22 17.13 -15.22
N GLN A 123 36.46 16.58 -16.16
N GLN A 123 36.44 16.62 -16.19
CA GLN A 123 35.00 16.69 -16.11
CA GLN A 123 34.98 16.71 -16.09
C GLN A 123 34.40 15.83 -14.98
C GLN A 123 34.42 15.87 -14.93
N HIS A 124 35.20 14.92 -14.46
CA HIS A 124 34.85 14.25 -13.23
C HIS A 124 35.51 14.87 -12.01
N VAL A 125 36.85 14.88 -12.00
CA VAL A 125 37.65 15.12 -10.78
C VAL A 125 37.97 16.59 -10.60
N ALA A 126 37.76 17.35 -11.66
CA ALA A 126 37.78 18.79 -11.57
C ALA A 126 39.12 19.26 -10.99
N GLN A 127 39.08 20.24 -10.08
CA GLN A 127 40.30 20.74 -9.47
C GLN A 127 40.63 20.08 -8.13
N THR A 128 39.84 19.08 -7.72
CA THR A 128 40.16 18.28 -6.54
C THR A 128 41.23 17.28 -6.90
N GLY A 129 41.00 16.54 -7.97
CA GLY A 129 42.02 15.62 -8.43
C GLY A 129 42.12 14.42 -7.50
N VAL A 130 42.79 13.38 -7.99
CA VAL A 130 43.14 12.26 -7.15
C VAL A 130 44.66 12.22 -6.92
N THR A 131 45.07 11.60 -5.82
CA THR A 131 46.46 11.18 -5.60
C THR A 131 46.39 9.69 -5.36
N CYS A 132 47.53 9.05 -5.15
CA CYS A 132 47.50 7.62 -4.90
C CYS A 132 46.67 7.34 -3.66
N TYR A 133 46.63 8.29 -2.72
CA TYR A 133 45.96 8.02 -1.44
C TYR A 133 44.48 7.75 -1.62
N THR A 134 43.88 8.46 -2.56
CA THR A 134 42.47 8.31 -2.93
C THR A 134 42.02 6.88 -3.02
N CYS A 135 42.79 6.03 -3.71
CA CYS A 135 42.44 4.60 -3.76
C CYS A 135 43.14 3.75 -2.73
N HIS A 136 44.47 3.85 -2.67
CA HIS A 136 45.27 2.96 -1.82
C HIS A 136 45.05 3.08 -0.32
N ARG A 137 44.75 4.27 0.17
CA ARG A 137 44.51 4.49 1.58
C ARG A 137 45.60 3.88 2.46
N GLY A 138 46.86 4.02 2.05
CA GLY A 138 47.95 3.57 2.90
C GLY A 138 48.29 2.08 2.83
N THR A 139 47.73 1.37 1.87
CA THR A 139 48.15 0.01 1.64
C THR A 139 48.44 -0.15 0.14
N PRO A 140 49.38 -1.01 -0.19
CA PRO A 140 49.67 -1.42 -1.56
C PRO A 140 48.42 -1.91 -2.33
N LEU A 141 47.68 -2.87 -1.77
CA LEU A 141 46.39 -3.26 -2.35
C LEU A 141 45.33 -2.30 -1.85
N PRO A 142 44.63 -1.64 -2.76
CA PRO A 142 43.56 -0.76 -2.31
C PRO A 142 42.36 -1.51 -1.70
N PRO A 143 41.81 -0.98 -0.61
CA PRO A 143 40.78 -1.66 0.18
C PRO A 143 39.54 -2.10 -0.59
N TYR A 144 38.95 -1.21 -1.39
CA TYR A 144 37.83 -1.57 -2.29
C TYR A 144 38.28 -1.72 -3.73
N VAL A 145 38.25 -2.97 -4.21
CA VAL A 145 38.50 -3.29 -5.62
C VAL A 145 37.45 -4.30 -6.09
N ARG A 146 37.38 -4.50 -7.39
CA ARG A 146 36.43 -5.46 -7.96
C ARG A 146 37.15 -6.46 -8.88
N TYR A 147 36.85 -7.74 -8.68
CA TYR A 147 37.22 -8.78 -9.63
C TYR A 147 36.06 -9.04 -10.55
N LEU A 148 36.29 -9.85 -11.58
CA LEU A 148 35.24 -10.18 -12.53
C LEU A 148 34.18 -11.09 -11.97
N GLU A 149 34.04 -11.13 -10.66
CA GLU A 149 32.87 -11.69 -10.04
C GLU A 149 32.69 -11.05 -8.67
N PRO A 150 31.45 -10.90 -8.20
CA PRO A 150 31.28 -10.27 -6.89
C PRO A 150 32.04 -11.04 -5.80
N THR A 151 32.71 -10.28 -4.94
CA THR A 151 33.47 -10.83 -3.84
C THR A 151 33.02 -10.17 -2.52
N LEU A 152 33.40 -10.76 -1.38
CA LEU A 152 33.02 -10.25 -0.06
C LEU A 152 34.04 -10.61 1.02
N PRO A 153 34.30 -9.68 1.96
CA PRO A 153 33.63 -8.40 2.24
C PRO A 153 34.13 -7.30 1.31
N LEU A 154 33.32 -6.27 1.09
CA LEU A 154 33.68 -5.23 0.12
C LEU A 154 35.00 -4.60 0.52
N ASN A 155 35.20 -4.45 1.81
CA ASN A 155 36.51 -4.04 2.25
C ASN A 155 37.40 -5.25 2.39
N ASN A 156 38.40 -5.31 1.53
CA ASN A 156 39.23 -6.50 1.46
C ASN A 156 40.23 -6.52 2.61
N ARG A 157 40.13 -5.55 3.50
CA ARG A 157 40.94 -5.55 4.71
C ARG A 157 40.27 -6.35 5.82
N GLU A 158 39.11 -6.92 5.50
CA GLU A 158 38.38 -7.76 6.44
C GLU A 158 38.47 -9.19 5.98
N THR A 159 38.26 -10.12 6.91
CA THR A 159 38.49 -11.54 6.66
C THR A 159 37.17 -12.21 6.26
N PRO A 160 37.16 -13.00 5.17
CA PRO A 160 35.92 -13.58 4.68
C PRO A 160 35.48 -14.73 5.57
N THR A 161 34.18 -14.84 5.79
CA THR A 161 33.62 -16.07 6.27
C THR A 161 33.66 -17.12 5.14
N HIS A 162 33.35 -18.36 5.48
CA HIS A 162 33.38 -19.44 4.50
C HIS A 162 32.51 -19.07 3.31
N VAL A 163 31.23 -18.81 3.62
CA VAL A 163 30.20 -18.37 2.68
C VAL A 163 30.65 -17.19 1.82
N GLU A 164 31.23 -16.17 2.48
CA GLU A 164 31.75 -15.00 1.79
C GLU A 164 32.77 -15.34 0.76
N ARG A 165 33.56 -16.38 1.01
CA ARG A 165 34.63 -16.75 0.09
C ARG A 165 34.03 -17.09 -1.24
N VAL A 166 34.69 -16.62 -2.29
CA VAL A 166 34.16 -16.66 -3.63
C VAL A 166 33.91 -18.10 -4.05
N GLU A 167 34.62 -19.02 -3.39
CA GLU A 167 34.60 -20.41 -3.76
C GLU A 167 33.30 -21.04 -3.27
N THR A 168 32.76 -20.48 -2.20
CA THR A 168 31.52 -21.02 -1.64
C THR A 168 30.31 -20.56 -2.47
N ARG A 169 29.79 -21.46 -3.29
CA ARG A 169 28.67 -21.15 -4.19
C ARG A 169 27.41 -20.73 -3.45
N SER A 170 27.17 -21.28 -2.27
CA SER A 170 25.98 -20.94 -1.49
C SER A 170 25.95 -19.46 -1.17
N GLY A 171 27.14 -18.86 -1.10
CA GLY A 171 27.23 -17.46 -0.74
C GLY A 171 27.05 -16.49 -1.90
N TYR A 172 26.71 -17.00 -3.08
CA TYR A 172 26.64 -16.15 -4.25
C TYR A 172 25.59 -15.05 -4.13
N VAL A 173 24.36 -15.44 -3.87
CA VAL A 173 23.26 -14.47 -3.87
C VAL A 173 23.57 -13.34 -2.91
N VAL A 174 24.21 -13.67 -1.80
CA VAL A 174 24.62 -12.66 -0.86
C VAL A 174 25.77 -11.82 -1.40
N ARG A 175 26.77 -12.44 -2.00
CA ARG A 175 27.87 -11.66 -2.57
C ARG A 175 27.35 -10.66 -3.55
N LEU A 176 26.25 -11.01 -4.20
CA LEU A 176 25.70 -10.16 -5.24
C LEU A 176 24.84 -9.07 -4.60
N ALA A 177 23.92 -9.48 -3.71
CA ALA A 177 23.07 -8.52 -3.01
C ALA A 177 23.90 -7.44 -2.33
N LYS A 178 24.97 -7.85 -1.67
CA LYS A 178 25.69 -6.89 -0.85
C LYS A 178 26.36 -5.88 -1.74
N TYR A 179 26.59 -6.23 -3.00
CA TYR A 179 27.09 -5.27 -4.00
C TYR A 179 26.02 -4.34 -4.59
N THR A 180 24.74 -4.69 -4.43
CA THR A 180 23.63 -3.90 -4.98
C THR A 180 22.71 -3.43 -3.87
N ALA A 181 23.32 -2.86 -2.82
CA ALA A 181 22.59 -2.28 -1.70
C ALA A 181 21.54 -3.20 -1.10
N TYR A 182 21.85 -4.49 -1.07
CA TYR A 182 21.01 -5.55 -0.51
C TYR A 182 19.83 -5.96 -1.31
N SER A 183 19.70 -5.46 -2.54
CA SER A 183 18.58 -5.88 -3.37
C SER A 183 18.75 -7.36 -3.75
N ALA A 184 17.74 -7.93 -4.39
CA ALA A 184 17.90 -9.25 -4.95
C ALA A 184 18.08 -9.22 -6.47
N LEU A 185 18.52 -8.08 -7.01
CA LEU A 185 18.70 -7.95 -8.44
C LEU A 185 19.74 -8.95 -8.86
N ASN A 186 19.35 -9.85 -9.74
CA ASN A 186 20.24 -10.95 -10.10
C ASN A 186 21.25 -10.54 -11.18
N TYR A 187 21.87 -9.38 -11.04
CA TYR A 187 22.86 -8.90 -12.01
C TYR A 187 24.06 -8.30 -11.32
N ASP A 188 25.21 -8.38 -11.98
CA ASP A 188 26.40 -7.68 -11.50
C ASP A 188 26.69 -6.45 -12.35
N PRO A 189 26.35 -5.24 -11.86
CA PRO A 189 26.58 -3.98 -12.57
C PRO A 189 28.02 -3.79 -12.99
N PHE A 190 28.93 -4.33 -12.19
CA PHE A 190 30.35 -4.09 -12.40
C PHE A 190 30.78 -4.63 -13.77
N THR A 191 30.63 -5.93 -13.94
CA THR A 191 31.11 -6.56 -15.16
C THR A 191 30.24 -6.23 -16.38
N MET A 192 28.95 -6.04 -16.14
CA MET A 192 28.05 -5.49 -17.16
C MET A 192 28.39 -4.06 -17.65
N PHE A 193 28.76 -3.17 -16.74
CA PHE A 193 28.75 -1.75 -17.08
C PHE A 193 30.09 -1.06 -16.94
N LEU A 194 30.87 -1.48 -15.96
CA LEU A 194 32.02 -0.69 -15.51
C LEU A 194 33.36 -1.20 -16.00
N ALA A 195 33.42 -2.51 -16.27
CA ALA A 195 34.65 -3.15 -16.68
C ALA A 195 35.00 -2.72 -18.08
N ASN A 196 33.99 -2.30 -18.83
CA ASN A 196 34.20 -1.84 -20.20
C ASN A 196 33.00 -1.07 -20.71
N ASP A 197 33.06 -0.75 -21.99
CA ASP A 197 32.05 0.08 -22.63
C ASP A 197 31.10 -0.70 -23.54
N LYS A 198 30.91 -1.99 -23.26
CA LYS A 198 30.07 -2.82 -24.11
C LYS A 198 28.61 -2.43 -24.00
N ARG A 199 28.13 -2.19 -22.78
CA ARG A 199 26.70 -2.09 -22.55
C ARG A 199 26.24 -0.67 -22.33
N GLN A 200 25.00 -0.44 -22.75
CA GLN A 200 24.36 0.87 -22.74
C GLN A 200 23.55 0.96 -21.44
N VAL A 201 23.74 2.03 -20.68
CA VAL A 201 23.02 2.17 -19.41
C VAL A 201 21.55 2.56 -19.56
N ARG A 202 21.21 3.31 -20.60
CA ARG A 202 19.84 3.83 -20.71
C ARG A 202 18.92 2.77 -21.28
N VAL A 203 17.77 2.59 -20.62
CA VAL A 203 16.82 1.62 -21.07
C VAL A 203 15.51 2.27 -21.43
N VAL A 204 15.20 3.39 -20.81
CA VAL A 204 13.90 4.00 -20.97
C VAL A 204 13.78 4.59 -22.36
N PRO A 205 12.61 4.44 -23.01
CA PRO A 205 12.45 5.07 -24.33
C PRO A 205 12.12 6.54 -24.30
N GLN A 206 12.40 7.21 -25.40
CA GLN A 206 12.27 8.65 -25.49
C GLN A 206 11.14 9.14 -26.43
N THR A 207 10.18 8.27 -26.70
CA THR A 207 8.95 8.68 -27.38
C THR A 207 7.76 8.10 -26.61
N ALA A 208 6.64 8.80 -26.61
CA ALA A 208 5.43 8.31 -25.96
C ALA A 208 5.01 6.93 -26.46
N LEU A 209 5.11 6.71 -27.77
CA LEU A 209 4.54 5.53 -28.40
C LEU A 209 5.66 4.63 -28.85
N PRO A 210 5.38 3.32 -28.98
CA PRO A 210 6.41 2.38 -29.43
C PRO A 210 6.73 2.56 -30.92
N LEU A 211 7.96 2.97 -31.21
CA LEU A 211 8.49 3.00 -32.55
C LEU A 211 8.43 1.65 -33.24
N VAL A 212 7.83 1.63 -34.41
CA VAL A 212 7.63 0.37 -35.09
C VAL A 212 8.96 -0.11 -35.62
N GLY A 213 9.38 -1.29 -35.19
CA GLY A 213 10.61 -1.85 -35.72
C GLY A 213 11.72 -1.94 -34.70
N VAL A 214 11.49 -1.44 -33.51
CA VAL A 214 12.32 -1.83 -32.38
C VAL A 214 11.44 -2.28 -31.23
N SER A 215 10.16 -2.50 -31.50
CA SER A 215 9.25 -2.75 -30.40
C SER A 215 8.57 -4.09 -30.36
N ARG A 216 9.10 -5.10 -31.02
CA ARG A 216 8.49 -6.44 -30.94
C ARG A 216 9.53 -7.57 -31.06
N GLY A 217 9.31 -8.66 -30.32
CA GLY A 217 10.12 -9.84 -30.51
C GLY A 217 11.61 -9.55 -30.38
N LYS A 218 12.44 -10.32 -31.07
CA LYS A 218 13.87 -10.17 -30.94
C LYS A 218 14.37 -8.75 -31.30
N GLU A 219 13.48 -7.86 -31.70
CA GLU A 219 13.92 -6.49 -31.90
C GLU A 219 14.20 -5.83 -30.59
N ARG A 220 13.57 -6.33 -29.54
CA ARG A 220 13.52 -5.62 -28.28
C ARG A 220 14.66 -5.98 -27.37
N ARG A 221 15.15 -4.99 -26.64
CA ARG A 221 15.99 -5.30 -25.51
C ARG A 221 15.08 -5.98 -24.47
N PRO A 222 15.61 -6.97 -23.75
CA PRO A 222 14.84 -7.74 -22.77
C PRO A 222 14.69 -7.00 -21.44
N LEU A 223 13.60 -7.24 -20.74
CA LEU A 223 13.33 -6.52 -19.52
C LEU A 223 14.53 -6.61 -18.56
N SER A 224 15.23 -7.74 -18.58
CA SER A 224 16.44 -7.91 -17.80
C SER A 224 17.39 -6.72 -17.86
N ASP A 225 17.43 -5.99 -18.97
CA ASP A 225 18.26 -4.78 -19.02
C ASP A 225 17.86 -3.74 -18.00
N ALA A 226 16.56 -3.51 -17.87
CA ALA A 226 16.05 -2.56 -16.90
C ALA A 226 16.45 -2.96 -15.48
N TYR A 227 16.41 -4.27 -15.18
CA TYR A 227 16.87 -4.77 -13.88
C TYR A 227 18.34 -4.38 -13.68
N ALA A 228 19.16 -4.72 -14.66
CA ALA A 228 20.58 -4.44 -14.61
C ALA A 228 20.82 -2.97 -14.37
N THR A 229 20.18 -2.11 -15.15
CA THR A 229 20.36 -0.68 -14.95
C THR A 229 19.93 -0.24 -13.55
N PHE A 230 18.86 -0.84 -13.00
CA PHE A 230 18.47 -0.59 -11.61
C PHE A 230 19.56 -1.08 -10.64
N ALA A 231 20.12 -2.25 -10.95
CA ALA A 231 21.20 -2.86 -10.19
C ALA A 231 22.38 -1.93 -10.11
N LEU A 232 22.80 -1.43 -11.27
CA LEU A 232 23.92 -0.50 -11.35
C LEU A 232 23.68 0.75 -10.53
N MET A 233 22.50 1.35 -10.69
CA MET A 233 22.15 2.56 -9.96
C MET A 233 22.02 2.31 -8.47
N MET A 234 21.65 1.11 -8.06
CA MET A 234 21.65 0.86 -6.62
C MET A 234 23.11 0.87 -6.13
N SER A 235 23.99 0.30 -6.94
CA SER A 235 25.40 0.25 -6.63
C SER A 235 26.04 1.64 -6.54
N ILE A 236 25.86 2.46 -7.57
CA ILE A 236 26.30 3.84 -7.53
C ILE A 236 25.81 4.49 -6.24
N SER A 237 24.51 4.40 -5.95
CA SER A 237 23.95 4.97 -4.73
C SER A 237 24.77 4.58 -3.52
N ASP A 238 24.90 3.29 -3.29
CA ASP A 238 25.61 2.79 -2.11
C ASP A 238 27.08 3.24 -2.12
N SER A 239 27.71 3.25 -3.29
CA SER A 239 29.06 3.72 -3.45
C SER A 239 29.25 5.16 -3.03
N LEU A 240 28.29 6.02 -3.33
CA LEU A 240 28.47 7.44 -2.96
C LEU A 240 27.80 7.75 -1.62
N GLY A 241 27.26 6.71 -0.98
CA GLY A 241 26.51 6.89 0.26
C GLY A 241 25.39 7.93 0.16
N THR A 242 24.58 7.83 -0.91
CA THR A 242 23.49 8.76 -1.22
C THR A 242 22.34 7.98 -1.89
N ASN A 243 21.33 8.69 -2.38
CA ASN A 243 20.11 8.08 -2.92
C ASN A 243 19.79 8.70 -4.27
N CYS A 244 18.85 8.09 -4.98
CA CYS A 244 18.62 8.43 -6.37
C CYS A 244 18.37 9.90 -6.57
N THR A 245 17.74 10.56 -5.59
CA THR A 245 17.43 11.96 -5.76
C THR A 245 18.63 12.86 -5.62
N PHE A 246 19.79 12.27 -5.44
CA PHE A 246 20.99 13.06 -5.49
C PHE A 246 21.17 13.51 -6.95
N CYS A 247 20.66 12.70 -7.86
CA CYS A 247 20.89 12.93 -9.27
C CYS A 247 19.66 13.05 -10.11
N HIS A 248 18.60 12.34 -9.74
CA HIS A 248 17.41 12.25 -10.58
C HIS A 248 16.25 12.91 -9.88
N ASN A 249 15.33 13.50 -10.65
CA ASN A 249 13.98 13.68 -10.18
C ASN A 249 13.26 12.42 -10.66
N ALA A 250 12.80 11.59 -9.71
CA ALA A 250 12.24 10.31 -10.06
C ALA A 250 11.02 10.45 -10.94
N GLN A 251 10.52 11.67 -11.13
CA GLN A 251 9.38 11.90 -12.04
C GLN A 251 9.70 11.30 -13.38
N THR A 252 10.93 11.54 -13.83
CA THR A 252 11.44 11.00 -15.06
C THR A 252 12.95 10.85 -14.96
N PHE A 253 13.35 9.62 -14.67
CA PHE A 253 14.74 9.23 -14.52
C PHE A 253 15.47 9.55 -15.79
N GLU A 254 14.77 9.41 -16.89
CA GLU A 254 15.44 9.42 -18.18
C GLU A 254 15.69 10.82 -18.72
N SER A 255 15.06 11.84 -18.13
CA SER A 255 15.15 13.21 -18.65
C SER A 255 16.27 13.99 -17.97
N TRP A 256 16.88 14.87 -18.75
CA TRP A 256 17.91 15.72 -18.22
C TRP A 256 17.37 17.12 -18.02
N GLY A 257 18.20 18.15 -18.24
CA GLY A 257 17.73 19.50 -18.01
C GLY A 257 17.31 19.74 -16.58
N LYS A 258 16.08 20.19 -16.37
CA LYS A 258 15.59 20.51 -15.02
C LYS A 258 15.31 19.26 -14.26
N LYS A 259 15.26 18.13 -14.95
CA LYS A 259 14.91 16.88 -14.29
C LYS A 259 16.11 16.11 -13.74
N SER A 260 17.31 16.69 -13.88
CA SER A 260 18.52 16.10 -13.29
C SER A 260 19.36 17.18 -12.58
N THR A 261 20.08 16.75 -11.52
CA THR A 261 21.05 17.62 -10.84
C THR A 261 22.40 17.68 -11.59
N PRO A 262 23.17 18.75 -11.37
CA PRO A 262 24.58 18.78 -11.78
C PRO A 262 25.38 17.48 -11.54
N GLN A 263 25.13 16.80 -10.44
CA GLN A 263 25.90 15.62 -10.07
C GLN A 263 25.66 14.44 -11.00
N ARG A 264 24.56 14.46 -11.74
CA ARG A 264 24.32 13.38 -12.67
C ARG A 264 25.20 13.54 -13.93
N ALA A 265 25.41 14.76 -14.40
CA ALA A 265 26.36 14.93 -15.46
C ALA A 265 27.75 14.54 -14.96
N ILE A 266 28.07 14.89 -13.72
CA ILE A 266 29.39 14.53 -13.19
C ILE A 266 29.52 13.01 -13.10
N ALA A 267 28.45 12.38 -12.63
CA ALA A 267 28.36 10.92 -12.58
C ALA A 267 28.50 10.32 -13.98
N TRP A 268 27.99 10.99 -15.00
CA TRP A 268 27.99 10.40 -16.33
C TRP A 268 29.43 10.32 -16.79
N TRP A 269 30.18 11.36 -16.47
CA TRP A 269 31.61 11.36 -16.73
C TRP A 269 32.36 10.30 -15.96
N GLY A 270 32.00 10.11 -14.70
CA GLY A 270 32.66 9.12 -13.87
C GLY A 270 32.54 7.69 -14.34
N ILE A 271 31.40 7.32 -14.91
CA ILE A 271 31.24 6.01 -15.50
C ILE A 271 32.24 5.86 -16.65
N ARG A 272 32.34 6.89 -17.48
CA ARG A 272 33.23 6.86 -18.64
C ARG A 272 34.67 6.76 -18.16
N MET A 273 35.05 7.62 -17.20
CA MET A 273 36.36 7.60 -16.59
C MET A 273 36.74 6.22 -16.07
N VAL A 274 35.84 5.61 -15.33
CA VAL A 274 36.08 4.28 -14.77
C VAL A 274 36.35 3.22 -15.84
N ARG A 275 35.64 3.30 -16.95
CA ARG A 275 35.84 2.38 -18.06
C ARG A 275 37.24 2.52 -18.72
N ASP A 276 37.62 3.75 -19.02
CA ASP A 276 38.99 4.06 -19.39
C ASP A 276 40.03 3.42 -18.47
N LEU A 277 39.96 3.68 -17.16
CA LEU A 277 40.92 3.13 -16.22
C LEU A 277 40.91 1.60 -16.22
N ASN A 278 39.74 1.01 -16.33
CA ASN A 278 39.68 -0.43 -16.31
C ASN A 278 40.25 -1.04 -17.59
N MET A 279 39.78 -0.55 -18.73
CA MET A 279 40.24 -1.06 -20.02
C MET A 279 41.70 -0.77 -20.30
N ASN A 280 42.13 0.44 -19.99
CA ASN A 280 43.44 0.91 -20.43
C ASN A 280 44.58 0.95 -19.41
N TYR A 281 44.27 0.86 -18.13
CA TYR A 281 45.32 0.83 -17.11
C TYR A 281 45.27 -0.39 -16.20
N LEU A 282 44.12 -0.63 -15.58
CA LEU A 282 44.11 -1.60 -14.51
C LEU A 282 44.04 -3.02 -15.06
N ALA A 283 43.17 -3.27 -16.01
CA ALA A 283 43.01 -4.66 -16.47
C ALA A 283 44.27 -5.26 -17.07
N PRO A 284 45.04 -4.48 -17.84
CA PRO A 284 46.34 -4.95 -18.32
C PRO A 284 47.35 -5.38 -17.23
N LEU A 285 47.19 -4.89 -16.01
CA LEU A 285 48.18 -5.19 -14.98
C LEU A 285 48.24 -6.65 -14.58
N ASN A 286 47.29 -7.47 -15.04
CA ASN A 286 47.41 -8.88 -14.77
C ASN A 286 48.66 -9.45 -15.46
N ALA A 287 49.12 -8.77 -16.49
CA ALA A 287 50.40 -9.10 -17.13
C ALA A 287 51.53 -9.06 -16.10
N SER A 288 51.46 -8.10 -15.20
CA SER A 288 52.57 -7.81 -14.31
C SER A 288 52.34 -8.18 -12.83
N LEU A 289 51.24 -8.83 -12.49
CA LEU A 289 51.03 -9.10 -11.06
C LEU A 289 51.30 -10.55 -10.70
N PRO A 290 51.82 -10.78 -9.50
CA PRO A 290 51.83 -12.16 -8.99
C PRO A 290 50.47 -12.76 -9.17
N ALA A 291 50.44 -14.06 -9.41
CA ALA A 291 49.17 -14.74 -9.45
C ALA A 291 48.40 -14.53 -8.15
N SER A 292 49.13 -14.30 -7.07
CA SER A 292 48.54 -14.00 -5.75
C SER A 292 47.52 -12.86 -5.82
N ARG A 293 47.60 -12.08 -6.89
CA ARG A 293 46.83 -10.85 -7.07
C ARG A 293 45.55 -11.01 -7.86
N LEU A 294 45.42 -12.13 -8.57
CA LEU A 294 44.48 -12.18 -9.68
C LEU A 294 43.22 -12.95 -9.33
N GLY A 295 42.14 -12.61 -10.04
CA GLY A 295 40.87 -13.28 -9.85
C GLY A 295 40.83 -14.67 -10.45
N ARG A 296 39.73 -15.36 -10.27
CA ARG A 296 39.61 -16.72 -10.74
C ARG A 296 39.63 -16.81 -12.26
N GLN A 297 39.48 -15.70 -12.95
CA GLN A 297 39.69 -15.70 -14.39
C GLN A 297 40.96 -14.97 -14.84
N GLY A 298 41.93 -14.88 -13.93
CA GLY A 298 43.19 -14.20 -14.23
C GLY A 298 43.10 -12.69 -14.46
N GLU A 299 42.01 -12.06 -14.03
CA GLU A 299 41.84 -10.62 -14.11
C GLU A 299 42.56 -9.88 -12.96
N ALA A 300 43.25 -8.80 -13.27
CA ALA A 300 43.72 -7.87 -12.26
C ALA A 300 42.54 -7.31 -11.46
N PRO A 301 42.72 -7.01 -10.16
CA PRO A 301 41.69 -6.21 -9.47
C PRO A 301 41.52 -4.88 -10.18
N GLN A 302 40.27 -4.44 -10.35
CA GLN A 302 40.01 -3.18 -11.00
C GLN A 302 39.10 -2.28 -10.13
N ALA A 303 38.64 -1.17 -10.71
CA ALA A 303 37.99 -0.09 -9.97
C ALA A 303 36.50 0.17 -10.28
N ASP A 304 35.77 0.64 -9.28
CA ASP A 304 34.41 1.08 -9.50
C ASP A 304 34.26 2.42 -8.80
N CYS A 305 33.04 2.85 -8.53
CA CYS A 305 32.84 4.12 -7.85
C CYS A 305 33.27 4.01 -6.38
N ARG A 306 33.11 2.84 -5.81
CA ARG A 306 33.54 2.66 -4.43
C ARG A 306 35.06 2.82 -4.27
N THR A 307 35.86 2.50 -5.29
CA THR A 307 37.31 2.46 -5.10
C THR A 307 37.87 3.81 -4.65
N CYS A 308 37.36 4.89 -5.22
CA CYS A 308 37.70 6.23 -4.75
C CYS A 308 36.74 6.75 -3.69
N HIS A 309 35.45 6.56 -3.91
CA HIS A 309 34.45 7.31 -3.14
C HIS A 309 34.26 6.75 -1.71
N GLN A 310 34.31 5.43 -1.59
CA GLN A 310 34.32 4.77 -0.30
C GLN A 310 33.22 5.32 0.61
N GLY A 311 32.07 5.56 0.02
CA GLY A 311 30.88 5.85 0.80
C GLY A 311 30.55 7.33 0.89
N VAL A 312 31.25 8.17 0.15
CA VAL A 312 31.10 9.61 0.31
C VAL A 312 30.86 10.19 -1.07
N THR A 313 29.90 11.08 -1.22
CA THR A 313 29.60 11.66 -2.52
C THR A 313 30.81 12.34 -3.23
N LYS A 314 31.73 12.87 -2.44
CA LYS A 314 33.05 13.29 -2.93
C LYS A 314 34.12 12.55 -2.13
N PRO A 315 35.12 11.97 -2.79
CA PRO A 315 35.98 11.09 -1.97
C PRO A 315 36.79 11.96 -1.04
N LEU A 316 36.89 11.50 0.22
CA LEU A 316 37.65 12.21 1.26
C LEU A 316 37.03 13.58 1.52
N PHE A 317 35.73 13.65 1.24
CA PHE A 317 34.98 14.87 1.48
C PHE A 317 35.59 16.02 0.72
N GLY A 318 36.20 15.72 -0.42
CA GLY A 318 36.67 16.79 -1.28
C GLY A 318 38.06 17.29 -0.93
N ALA A 319 38.73 16.63 0.01
CA ALA A 319 40.13 16.91 0.32
C ALA A 319 40.93 16.83 -0.96
N SER A 320 41.92 17.70 -1.12
CA SER A 320 42.72 17.76 -2.35
C SER A 320 44.23 17.99 -2.09
N ARG A 321 45.09 17.46 -2.96
CA ARG A 321 46.51 17.76 -2.86
C ARG A 321 46.98 18.14 -4.26
N LEU A 322 46.03 18.47 -5.12
CA LEU A 322 46.35 18.68 -6.51
C LEU A 322 47.45 19.75 -6.71
N LYS A 323 47.31 20.87 -6.01
CA LYS A 323 48.30 21.96 -6.04
C LYS A 323 49.59 21.65 -5.26
N ASP A 324 49.52 20.71 -4.32
CA ASP A 324 50.69 20.34 -3.55
C ASP A 324 51.63 19.45 -4.35
N TYR A 325 51.09 18.50 -5.10
CA TYR A 325 51.94 17.65 -5.93
C TYR A 325 51.49 17.67 -7.40
N PRO A 326 51.94 18.68 -8.15
CA PRO A 326 51.61 18.83 -9.58
C PRO A 326 52.33 17.87 -10.54
N GLU A 327 53.35 17.16 -10.05
CA GLU A 327 53.91 16.01 -10.77
C GLU A 327 52.76 15.15 -11.30
N LEU A 328 51.73 15.02 -10.46
CA LEU A 328 50.59 14.14 -10.76
C LEU A 328 49.53 14.77 -11.69
N GLY A 329 49.84 15.94 -12.22
CA GLY A 329 48.89 16.58 -13.12
C GLY A 329 48.04 17.62 -12.41
N PRO A 330 47.20 18.31 -13.16
CA PRO A 330 47.09 18.39 -14.63
C PRO A 330 48.41 18.60 -15.36
N ILE A 331 48.80 17.66 -16.20
CA ILE A 331 50.07 17.76 -16.90
C ILE A 331 49.92 18.49 -18.23
N LYS A 332 50.55 19.66 -18.35
CA LYS A 332 50.55 20.46 -19.59
C LYS A 332 51.29 19.74 -20.73
N ALA B 1 -38.56 14.75 -0.52
CA ALA B 1 -37.52 15.39 0.34
C ALA B 1 -37.07 14.39 1.35
N LEU B 2 -38.01 13.59 1.81
CA LEU B 2 -37.73 12.69 2.89
C LEU B 2 -37.91 11.32 2.32
N LEU B 3 -37.00 10.41 2.64
CA LEU B 3 -37.22 9.01 2.33
C LEU B 3 -38.61 8.58 2.85
N SER B 4 -39.17 7.49 2.33
CA SER B 4 -40.43 6.95 2.82
C SER B 4 -40.48 6.82 4.35
N PHE B 5 -39.34 6.58 4.98
CA PHE B 5 -39.25 6.19 6.39
C PHE B 5 -38.54 7.22 7.27
N GLU B 6 -38.22 8.38 6.69
CA GLU B 6 -37.26 9.27 7.31
C GLU B 6 -37.85 10.01 8.51
N ARG B 7 -39.08 10.49 8.37
CA ARG B 7 -39.62 11.50 9.28
C ARG B 7 -39.57 11.09 10.72
N LYS B 8 -39.72 9.80 10.97
CA LYS B 8 -39.87 9.36 12.34
C LYS B 8 -38.53 9.49 13.07
N TYR B 9 -37.47 9.68 12.30
CA TYR B 9 -36.14 9.76 12.85
C TYR B 9 -35.64 11.19 13.08
N ARG B 10 -36.23 12.16 12.38
CA ARG B 10 -35.74 13.54 12.45
C ARG B 10 -36.09 14.31 13.74
N VAL B 11 -35.61 13.84 14.89
CA VAL B 11 -35.98 14.43 16.17
C VAL B 11 -34.83 15.31 16.67
N ARG B 12 -35.13 16.34 17.45
CA ARG B 12 -34.06 17.16 18.01
C ARG B 12 -33.23 16.35 18.99
N GLY B 13 -31.96 16.73 19.13
CA GLY B 13 -31.08 16.09 20.11
C GLY B 13 -29.86 15.42 19.50
N GLY B 14 -28.94 15.00 20.36
CA GLY B 14 -27.74 14.31 19.90
C GLY B 14 -26.52 15.18 19.66
N THR B 15 -26.67 16.49 19.72
CA THR B 15 -25.58 17.43 19.48
C THR B 15 -24.41 17.20 20.45
N LEU B 16 -23.21 17.45 19.95
CA LEU B 16 -22.01 17.40 20.75
C LEU B 16 -21.85 18.76 21.36
N ILE B 17 -22.17 19.79 20.60
CA ILE B 17 -22.00 21.14 21.06
C ILE B 17 -22.95 21.99 20.25
N GLY B 18 -23.53 23.00 20.90
CA GLY B 18 -24.43 23.89 20.22
C GLY B 18 -25.89 23.61 20.51
N GLY B 19 -26.23 22.35 20.78
CA GLY B 19 -27.62 22.01 21.03
C GLY B 19 -28.54 22.49 19.92
N ASP B 20 -29.62 23.17 20.29
CA ASP B 20 -30.70 23.49 19.36
C ASP B 20 -30.35 24.47 18.24
N LEU B 21 -29.32 25.27 18.45
CA LEU B 21 -29.00 26.38 17.57
C LEU B 21 -28.80 26.00 16.09
N PHE B 22 -28.06 24.93 15.83
CA PHE B 22 -27.83 24.47 14.45
C PHE B 22 -28.40 23.10 14.23
N ASP B 23 -29.04 22.55 15.25
CA ASP B 23 -29.66 21.25 15.12
C ASP B 23 -30.81 21.25 14.10
N PHE B 24 -30.47 21.20 12.82
CA PHE B 24 -31.48 21.12 11.75
C PHE B 24 -30.88 20.63 10.41
N TRP B 25 -31.73 20.33 9.43
CA TRP B 25 -31.26 19.82 8.13
C TRP B 25 -31.42 20.86 7.05
N VAL B 26 -30.50 20.84 6.11
CA VAL B 26 -30.65 21.54 4.84
C VAL B 26 -30.73 20.46 3.80
N GLY B 27 -31.88 20.34 3.17
CA GLY B 27 -32.10 19.25 2.26
C GLY B 27 -31.88 17.95 3.02
N PRO B 28 -31.01 17.08 2.49
CA PRO B 28 -30.72 15.80 3.13
C PRO B 28 -29.67 15.95 4.21
N TYR B 29 -28.89 17.01 4.13
CA TYR B 29 -27.74 17.18 5.01
C TYR B 29 -28.19 17.66 6.36
N PHE B 30 -27.76 16.95 7.40
CA PHE B 30 -27.84 17.48 8.75
C PHE B 30 -26.78 18.58 8.81
N VAL B 31 -27.04 19.65 9.57
CA VAL B 31 -26.08 20.75 9.73
C VAL B 31 -25.35 20.62 11.07
N GLY B 32 -25.94 21.16 12.14
CA GLY B 32 -25.29 21.06 13.43
C GLY B 32 -24.05 21.93 13.45
N PHE B 33 -23.51 22.16 14.64
CA PHE B 33 -22.37 23.03 14.77
C PHE B 33 -21.21 22.68 13.82
N PHE B 34 -20.88 21.40 13.73
CA PHE B 34 -19.71 20.99 12.97
C PHE B 34 -19.93 21.06 11.49
N GLY B 35 -21.16 20.82 11.05
CA GLY B 35 -21.49 21.09 9.66
C GLY B 35 -21.16 22.52 9.30
N VAL B 36 -21.34 23.41 10.26
CA VAL B 36 -21.10 24.82 10.05
C VAL B 36 -19.58 25.11 10.04
N SER B 37 -18.83 24.62 11.02
CA SER B 37 -17.38 24.74 10.94
C SER B 37 -16.82 24.06 9.67
N ALA B 38 -17.29 22.85 9.37
CA ALA B 38 -16.88 22.14 8.19
C ALA B 38 -16.93 23.07 7.01
N ILE B 39 -18.09 23.66 6.78
CA ILE B 39 -18.28 24.53 5.63
C ILE B 39 -17.36 25.76 5.67
N PHE B 40 -17.28 26.39 6.82
CA PHE B 40 -16.40 27.52 6.97
C PHE B 40 -14.98 27.23 6.43
N PHE B 41 -14.43 26.08 6.83
CA PHE B 41 -13.07 25.68 6.47
C PHE B 41 -12.97 25.30 5.01
N ILE B 42 -14.00 24.64 4.49
CA ILE B 42 -13.95 24.15 3.12
C ILE B 42 -13.84 25.34 2.24
N PHE B 43 -14.66 26.33 2.55
CA PHE B 43 -14.71 27.57 1.82
C PHE B 43 -13.37 28.31 1.92
N LEU B 44 -12.80 28.40 3.12
CA LEU B 44 -11.46 28.94 3.24
C LEU B 44 -10.50 28.14 2.36
N GLY B 45 -10.39 26.84 2.61
CA GLY B 45 -9.37 26.06 1.94
C GLY B 45 -9.47 26.24 0.45
N VAL B 46 -10.69 26.09 -0.05
CA VAL B 46 -10.91 26.13 -1.49
C VAL B 46 -10.59 27.51 -2.05
N SER B 47 -10.85 28.54 -1.25
CA SER B 47 -10.55 29.89 -1.68
C SER B 47 -9.04 30.09 -1.85
N LEU B 48 -8.27 29.71 -0.85
CA LEU B 48 -6.81 29.79 -0.90
C LEU B 48 -6.29 29.01 -2.06
N ILE B 49 -6.93 27.88 -2.35
CA ILE B 49 -6.47 27.03 -3.43
C ILE B 49 -6.58 27.81 -4.72
N GLY B 50 -7.74 28.44 -4.92
CA GLY B 50 -7.94 29.23 -6.12
C GLY B 50 -7.09 30.48 -6.17
N TYR B 51 -6.91 31.14 -5.04
CA TYR B 51 -6.11 32.33 -5.04
C TYR B 51 -4.66 31.97 -5.26
N ALA B 52 -4.23 30.84 -4.71
CA ALA B 52 -2.86 30.42 -4.86
C ALA B 52 -2.66 29.95 -6.28
N ALA B 53 -3.58 29.13 -6.77
CA ALA B 53 -3.46 28.54 -8.09
C ALA B 53 -3.50 29.61 -9.20
N SER B 54 -4.11 30.75 -8.91
CA SER B 54 -4.16 31.84 -9.88
C SER B 54 -2.81 32.54 -9.99
N GLN B 55 -2.07 32.55 -8.89
CA GLN B 55 -0.74 33.14 -8.86
C GLN B 55 0.24 32.30 -9.63
N GLY B 56 -0.02 31.00 -9.66
CA GLY B 56 0.84 30.09 -10.41
C GLY B 56 0.66 30.31 -11.91
N PRO B 57 1.30 29.48 -12.74
CA PRO B 57 1.11 29.61 -14.19
C PRO B 57 -0.14 28.90 -14.68
N THR B 58 -0.15 27.60 -14.49
CA THR B 58 -1.12 26.74 -15.09
C THR B 58 -2.50 26.89 -14.45
N TRP B 59 -3.51 26.65 -15.28
CA TRP B 59 -4.85 26.33 -14.83
C TRP B 59 -5.27 24.90 -15.17
N ASP B 60 -4.44 24.16 -15.91
CA ASP B 60 -4.72 22.75 -16.18
C ASP B 60 -4.72 22.01 -14.86
N PRO B 61 -5.77 21.21 -14.60
CA PRO B 61 -6.06 20.66 -13.28
C PRO B 61 -5.02 19.65 -12.85
N PHE B 62 -4.56 18.84 -13.79
CA PHE B 62 -3.53 17.86 -13.53
C PHE B 62 -2.19 18.49 -13.18
N ALA B 63 -1.96 19.69 -13.68
CA ALA B 63 -0.66 20.32 -13.51
C ALA B 63 -0.57 21.24 -12.30
N ILE B 64 -1.69 21.84 -11.89
CA ILE B 64 -1.68 22.78 -10.77
C ILE B 64 -1.01 22.17 -9.55
N SER B 65 -0.17 22.93 -8.86
CA SER B 65 0.48 22.42 -7.66
C SER B 65 0.71 23.54 -6.69
N ILE B 66 0.24 23.34 -5.49
CA ILE B 66 0.55 24.20 -4.34
C ILE B 66 1.48 23.41 -3.40
N ASN B 67 2.76 23.76 -3.37
CA ASN B 67 3.77 23.01 -2.61
C ASN B 67 4.18 23.68 -1.32
N PRO B 68 4.85 22.94 -0.44
CA PRO B 68 5.30 23.48 0.85
C PRO B 68 6.55 24.33 0.66
N PRO B 69 7.10 24.87 1.77
CA PRO B 69 8.28 25.72 1.60
C PRO B 69 9.57 24.94 1.38
N ASP B 70 10.64 25.67 1.07
CA ASP B 70 11.96 25.08 1.02
C ASP B 70 12.27 24.57 2.40
N LEU B 71 13.17 23.59 2.47
CA LEU B 71 13.53 23.02 3.76
C LEU B 71 14.07 24.11 4.71
N LYS B 72 14.66 25.15 4.13
CA LYS B 72 15.32 26.22 4.90
C LYS B 72 14.40 26.98 5.83
N TYR B 73 13.14 27.17 5.46
CA TYR B 73 12.18 27.86 6.35
C TYR B 73 11.86 27.01 7.56
N GLY B 74 12.45 25.82 7.61
CA GLY B 74 12.25 24.96 8.74
C GLY B 74 10.79 24.78 9.07
N LEU B 75 10.49 24.91 10.36
CA LEU B 75 9.15 24.71 10.90
C LEU B 75 8.45 26.03 11.11
N GLY B 76 8.97 27.07 10.48
CA GLY B 76 8.43 28.40 10.64
C GLY B 76 7.53 28.80 9.48
N ALA B 77 6.97 30.00 9.59
CA ALA B 77 6.03 30.53 8.61
C ALA B 77 6.81 30.96 7.40
N ALA B 78 6.27 30.63 6.25
CA ALA B 78 6.95 30.82 4.99
C ALA B 78 6.15 31.82 4.18
N PRO B 79 6.82 32.56 3.30
CA PRO B 79 6.08 33.50 2.45
C PRO B 79 4.94 32.82 1.70
N LEU B 80 3.82 33.52 1.63
CA LEU B 80 2.61 33.01 1.01
C LEU B 80 2.84 32.16 -0.24
N LEU B 81 3.57 32.73 -1.19
CA LEU B 81 3.68 32.08 -2.48
C LEU B 81 4.69 30.97 -2.44
N GLU B 82 5.52 30.96 -1.39
CA GLU B 82 6.58 29.99 -1.28
C GLU B 82 6.34 29.08 -0.09
N GLY B 83 5.10 28.63 0.05
CA GLY B 83 4.79 27.68 1.09
C GLY B 83 3.71 28.21 2.01
N GLY B 84 3.44 29.51 1.90
CA GLY B 84 2.53 30.13 2.84
C GLY B 84 1.16 29.60 2.57
N PHE B 85 0.80 29.58 1.30
CA PHE B 85 -0.50 29.07 0.90
C PHE B 85 -0.66 27.65 1.38
N TRP B 86 0.34 26.84 1.09
CA TRP B 86 0.32 25.45 1.46
C TRP B 86 0.12 25.26 2.96
N GLN B 87 0.71 26.12 3.79
CA GLN B 87 0.59 25.92 5.24
C GLN B 87 -0.83 26.24 5.68
N ALA B 88 -1.40 27.24 5.01
CA ALA B 88 -2.75 27.63 5.35
C ALA B 88 -3.75 26.61 4.86
N ILE B 89 -3.64 26.20 3.60
CA ILE B 89 -4.53 25.18 3.05
C ILE B 89 -4.51 23.91 3.91
N THR B 90 -3.35 23.56 4.47
CA THR B 90 -3.23 22.39 5.36
C THR B 90 -4.07 22.52 6.65
N VAL B 91 -4.08 23.73 7.18
CA VAL B 91 -4.85 24.04 8.36
C VAL B 91 -6.35 23.98 8.10
N CYS B 92 -6.78 24.52 6.96
CA CYS B 92 -8.16 24.32 6.50
C CYS B 92 -8.51 22.87 6.27
N ALA B 93 -7.59 22.09 5.74
CA ALA B 93 -7.83 20.67 5.55
C ALA B 93 -8.13 19.98 6.88
N LEU B 94 -7.30 20.24 7.88
CA LEU B 94 -7.51 19.56 9.16
C LEU B 94 -8.83 20.00 9.78
N GLY B 95 -9.15 21.28 9.60
CA GLY B 95 -10.39 21.82 10.14
C GLY B 95 -11.55 21.13 9.48
N ALA B 96 -11.51 21.04 8.16
CA ALA B 96 -12.53 20.32 7.41
C ALA B 96 -12.66 18.89 7.93
N PHE B 97 -11.57 18.15 7.98
CA PHE B 97 -11.68 16.72 8.24
C PHE B 97 -12.22 16.46 9.63
N ILE B 98 -11.62 17.10 10.62
CA ILE B 98 -12.09 16.93 11.97
C ILE B 98 -13.53 17.38 12.19
N SER B 99 -13.95 18.48 11.57
CA SER B 99 -15.37 18.86 11.60
C SER B 99 -16.23 17.76 10.99
N TRP B 100 -15.86 17.26 9.81
CA TRP B 100 -16.57 16.13 9.23
C TRP B 100 -16.74 15.01 10.23
N MET B 101 -15.66 14.74 10.97
CA MET B 101 -15.64 13.61 11.89
C MET B 101 -16.58 13.82 13.10
N LEU B 102 -16.41 14.94 13.78
CA LEU B 102 -17.26 15.27 14.92
C LEU B 102 -18.71 15.36 14.49
N ARG B 103 -18.97 15.98 13.34
CA ARG B 103 -20.31 15.95 12.77
C ARG B 103 -20.90 14.56 12.63
N GLU B 104 -20.12 13.57 12.21
CA GLU B 104 -20.67 12.22 12.14
C GLU B 104 -21.09 11.70 13.50
N VAL B 105 -20.36 12.09 14.54
CA VAL B 105 -20.72 11.66 15.89
C VAL B 105 -22.13 12.13 16.25
N GLU B 106 -22.44 13.37 15.93
CA GLU B 106 -23.75 13.95 16.26
C GLU B 106 -24.85 13.24 15.50
N ILE B 107 -24.67 13.02 14.21
CA ILE B 107 -25.59 12.16 13.48
C ILE B 107 -25.74 10.78 14.14
N SER B 108 -24.64 10.11 14.50
CA SER B 108 -24.73 8.79 15.16
C SER B 108 -25.56 8.86 16.43
N ARG B 109 -25.29 9.87 17.26
CA ARG B 109 -25.96 10.02 18.54
C ARG B 109 -27.45 10.09 18.27
N LYS B 110 -27.83 10.92 17.29
CA LYS B 110 -29.24 11.24 17.07
C LYS B 110 -30.05 10.03 16.61
N LEU B 111 -29.38 9.06 16.00
CA LEU B 111 -30.05 7.87 15.51
C LEU B 111 -29.84 6.69 16.50
N GLY B 112 -29.16 6.97 17.60
CA GLY B 112 -29.01 5.95 18.64
C GLY B 112 -28.23 4.76 18.15
N ILE B 113 -27.28 5.00 17.26
CA ILE B 113 -26.40 3.95 16.78
C ILE B 113 -24.96 4.26 17.17
N GLY B 114 -24.14 3.22 17.15
CA GLY B 114 -22.76 3.39 17.58
C GLY B 114 -21.97 4.39 16.76
N TRP B 115 -20.90 4.87 17.37
CA TRP B 115 -20.07 5.91 16.78
C TRP B 115 -18.96 5.27 15.96
N HIS B 116 -19.17 4.07 15.43
CA HIS B 116 -18.04 3.39 14.81
C HIS B 116 -17.56 4.06 13.52
N VAL B 117 -18.45 4.69 12.76
CA VAL B 117 -18.02 5.30 11.50
C VAL B 117 -17.14 6.51 11.73
N PRO B 118 -17.50 7.40 12.66
CA PRO B 118 -16.56 8.52 12.89
C PRO B 118 -15.21 8.11 13.41
N LEU B 119 -15.22 7.03 14.19
CA LEU B 119 -14.01 6.39 14.65
C LEU B 119 -13.19 5.83 13.52
N ALA B 120 -13.81 5.01 12.69
CA ALA B 120 -13.14 4.45 11.54
C ALA B 120 -12.54 5.60 10.69
N PHE B 121 -13.23 6.73 10.65
CA PHE B 121 -12.77 7.86 9.87
C PHE B 121 -11.53 8.56 10.52
N CYS B 122 -11.26 8.32 11.80
CA CYS B 122 -10.07 8.90 12.44
C CYS B 122 -8.80 8.41 11.82
N VAL B 123 -8.79 7.16 11.36
CA VAL B 123 -7.61 6.59 10.77
C VAL B 123 -7.04 7.36 9.58
N PRO B 124 -7.86 7.64 8.54
CA PRO B 124 -7.37 8.46 7.42
C PRO B 124 -6.89 9.84 7.83
N ILE B 125 -7.51 10.40 8.87
CA ILE B 125 -7.14 11.75 9.32
C ILE B 125 -5.77 11.68 9.97
N PHE B 126 -5.64 10.66 10.80
CA PHE B 126 -4.36 10.29 11.40
C PHE B 126 -3.25 10.18 10.37
N MET B 127 -3.48 9.39 9.34
CA MET B 127 -2.42 9.13 8.40
C MET B 127 -2.09 10.42 7.66
N PHE B 128 -3.08 11.27 7.47
CA PHE B 128 -2.83 12.55 6.87
C PHE B 128 -1.92 13.39 7.78
N CYS B 129 -2.13 13.28 9.09
CA CYS B 129 -1.29 13.97 10.05
C CYS B 129 0.11 13.40 10.08
N VAL B 130 0.26 12.09 9.89
CA VAL B 130 1.59 11.47 9.97
C VAL B 130 2.41 11.99 8.82
N LEU B 131 1.79 12.09 7.65
CA LEU B 131 2.48 12.55 6.48
C LEU B 131 2.76 14.06 6.52
N GLN B 132 1.81 14.86 6.97
CA GLN B 132 1.91 16.31 6.81
C GLN B 132 2.36 17.06 8.06
N VAL B 133 2.21 16.45 9.23
CA VAL B 133 2.54 17.11 10.48
C VAL B 133 3.61 16.41 11.32
N PHE B 134 3.35 15.17 11.75
CA PHE B 134 4.29 14.43 12.59
C PHE B 134 5.66 14.22 11.93
N ARG B 135 5.70 13.65 10.73
CA ARG B 135 6.99 13.42 10.08
C ARG B 135 7.75 14.73 9.78
N PRO B 136 7.08 15.73 9.17
CA PRO B 136 7.74 17.05 9.09
C PRO B 136 8.26 17.62 10.42
N LEU B 137 7.49 17.50 11.50
CA LEU B 137 8.00 17.89 12.83
C LEU B 137 9.27 17.10 13.23
N LEU B 138 9.26 15.77 13.11
CA LEU B 138 10.40 14.92 13.47
C LEU B 138 11.65 15.23 12.68
N LEU B 139 11.45 15.62 11.44
CA LEU B 139 12.55 15.93 10.55
C LEU B 139 12.91 17.41 10.60
N GLY B 140 12.01 18.19 11.20
CA GLY B 140 12.31 19.57 11.44
C GLY B 140 12.08 20.56 10.30
N SER B 141 11.37 20.18 9.26
CA SER B 141 10.96 21.19 8.31
C SER B 141 9.62 20.83 7.64
N TRP B 142 8.74 21.82 7.47
CA TRP B 142 7.50 21.61 6.73
C TRP B 142 7.81 21.23 5.29
N GLY B 143 9.03 21.50 4.86
CA GLY B 143 9.39 21.20 3.48
C GLY B 143 9.25 19.76 3.09
N HIS B 144 9.22 18.84 4.06
CA HIS B 144 9.21 17.40 3.78
C HIS B 144 7.82 16.85 3.43
N ALA B 145 6.78 17.62 3.75
CA ALA B 145 5.39 17.30 3.41
C ALA B 145 5.11 17.23 1.92
N PHE B 146 3.88 16.88 1.56
CA PHE B 146 3.58 16.64 0.16
C PHE B 146 2.72 17.76 -0.37
N PRO B 147 2.85 18.05 -1.68
CA PRO B 147 2.23 19.19 -2.34
C PRO B 147 0.78 18.89 -2.67
N TYR B 148 -0.01 19.94 -2.84
CA TYR B 148 -1.39 19.78 -3.15
C TYR B 148 -1.52 19.90 -4.66
N GLY B 149 -1.45 18.75 -5.33
CA GLY B 149 -1.65 18.71 -6.76
C GLY B 149 -1.96 17.27 -7.15
N ILE B 150 -2.96 17.11 -8.01
CA ILE B 150 -3.43 15.79 -8.42
C ILE B 150 -2.29 14.89 -8.85
N LEU B 151 -1.42 15.40 -9.73
CA LEU B 151 -0.28 14.62 -10.21
C LEU B 151 0.97 14.84 -9.37
N SER B 152 1.23 16.09 -9.01
CA SER B 152 2.44 16.41 -8.28
C SER B 152 2.58 15.62 -6.98
N HIS B 153 1.49 15.28 -6.30
CA HIS B 153 1.62 14.56 -5.03
C HIS B 153 2.15 13.14 -5.24
N LEU B 154 2.08 12.70 -6.50
CA LEU B 154 2.66 11.43 -6.98
C LEU B 154 4.18 11.56 -7.16
N ASP B 155 4.63 12.65 -7.76
CA ASP B 155 6.06 12.92 -7.87
C ASP B 155 6.74 12.98 -6.50
N TRP B 156 6.06 13.56 -5.51
CA TRP B 156 6.46 13.45 -4.13
C TRP B 156 6.52 12.00 -3.65
N VAL B 157 5.44 11.24 -3.76
CA VAL B 157 5.47 9.81 -3.38
C VAL B 157 6.63 9.05 -4.05
N ASN B 158 6.81 9.33 -5.33
CA ASN B 158 7.87 8.71 -6.14
C ASN B 158 9.26 8.98 -5.56
N ASN B 159 9.59 10.24 -5.39
CA ASN B 159 10.89 10.59 -4.84
C ASN B 159 11.04 10.13 -3.39
N PHE B 160 10.02 10.36 -2.59
CA PHE B 160 10.12 9.98 -1.19
C PHE B 160 10.53 8.51 -1.15
N GLY B 161 9.92 7.73 -2.04
CA GLY B 161 10.17 6.31 -2.03
C GLY B 161 11.60 6.02 -2.39
N TYR B 162 12.11 6.66 -3.43
CA TYR B 162 13.43 6.35 -3.92
C TYR B 162 14.58 7.01 -3.14
N GLN B 163 14.27 7.99 -2.30
CA GLN B 163 15.21 8.44 -1.28
C GLN B 163 15.80 7.26 -0.48
N TYR B 164 14.99 6.21 -0.31
CA TYR B 164 15.39 5.04 0.44
C TYR B 164 15.61 3.86 -0.49
N LEU B 165 16.03 4.18 -1.72
CA LEU B 165 16.52 3.21 -2.72
C LEU B 165 15.48 2.23 -3.23
N ASN B 166 14.91 1.39 -2.38
CA ASN B 166 13.74 0.62 -2.82
C ASN B 166 12.69 0.59 -1.72
N TRP B 167 11.66 1.43 -1.88
CA TRP B 167 10.70 1.64 -0.82
C TRP B 167 9.90 0.36 -0.57
N HIS B 168 10.03 -0.59 -1.50
CA HIS B 168 9.25 -1.82 -1.44
C HIS B 168 9.67 -2.71 -0.29
N TYR B 169 10.93 -2.58 0.13
CA TYR B 169 11.47 -3.49 1.14
C TYR B 169 11.25 -2.90 2.51
N ASN B 170 10.52 -1.79 2.57
CA ASN B 170 10.21 -1.17 3.84
C ASN B 170 9.20 -2.05 4.58
N PRO B 171 9.61 -2.71 5.68
CA PRO B 171 8.73 -3.65 6.38
C PRO B 171 7.36 -3.06 6.76
N GLY B 172 7.33 -1.77 7.11
CA GLY B 172 6.06 -1.11 7.30
C GLY B 172 5.22 -1.09 6.03
N HIS B 173 5.86 -0.74 4.90
CA HIS B 173 5.16 -0.70 3.61
C HIS B 173 4.65 -2.10 3.23
N MET B 174 5.51 -3.10 3.36
CA MET B 174 5.14 -4.48 3.09
C MET B 174 3.85 -4.86 3.84
N SER B 175 3.81 -4.58 5.13
CA SER B 175 2.62 -4.86 5.88
C SER B 175 1.43 -4.04 5.34
N SER B 176 1.69 -2.79 4.98
CA SER B 176 0.65 -1.87 4.54
C SER B 176 -0.01 -2.37 3.26
N VAL B 177 0.80 -2.74 2.28
CA VAL B 177 0.35 -3.29 1.01
C VAL B 177 -0.46 -4.57 1.17
N SER B 178 0.01 -5.43 2.06
CA SER B 178 -0.68 -6.66 2.38
C SER B 178 -2.09 -6.41 2.88
N PHE B 179 -2.32 -5.39 3.71
CA PHE B 179 -3.69 -5.11 4.06
C PHE B 179 -4.48 -4.47 2.95
N LEU B 180 -3.85 -3.63 2.12
CA LEU B 180 -4.56 -3.03 0.99
C LEU B 180 -5.11 -4.11 0.08
N PHE B 181 -4.31 -5.15 -0.13
CA PHE B 181 -4.66 -6.22 -1.05
C PHE B 181 -5.69 -7.20 -0.47
N VAL B 182 -5.56 -7.58 0.79
CA VAL B 182 -6.60 -8.43 1.39
C VAL B 182 -7.90 -7.69 1.49
N ASN B 183 -7.83 -6.44 1.91
CA ASN B 183 -9.05 -5.72 2.16
C ASN B 183 -9.85 -5.71 0.89
N ALA B 184 -9.15 -5.48 -0.22
CA ALA B 184 -9.78 -5.41 -1.52
C ALA B 184 -10.37 -6.77 -1.90
N MET B 185 -9.61 -7.83 -1.70
CA MET B 185 -10.15 -9.17 -1.94
C MET B 185 -11.39 -9.44 -1.09
N ALA B 186 -11.29 -9.21 0.21
CA ALA B 186 -12.43 -9.45 1.08
C ALA B 186 -13.68 -8.61 0.77
N LEU B 187 -13.53 -7.36 0.38
CA LEU B 187 -14.70 -6.57 -0.01
C LEU B 187 -15.36 -7.24 -1.22
N GLY B 188 -14.56 -7.69 -2.18
CA GLY B 188 -15.12 -8.49 -3.24
C GLY B 188 -15.79 -9.76 -2.72
N LEU B 189 -15.14 -10.51 -1.84
CA LEU B 189 -15.71 -11.74 -1.33
C LEU B 189 -17.03 -11.40 -0.64
N HIS B 190 -17.01 -10.43 0.27
CA HIS B 190 -18.17 -10.18 1.14
C HIS B 190 -19.36 -9.64 0.34
N GLY B 191 -19.09 -8.74 -0.58
CA GLY B 191 -20.13 -8.28 -1.49
C GLY B 191 -20.64 -9.37 -2.42
N GLY B 192 -19.74 -10.12 -3.03
CA GLY B 192 -20.16 -11.14 -3.97
C GLY B 192 -21.06 -12.15 -3.28
N LEU B 193 -20.71 -12.47 -2.04
CA LEU B 193 -21.41 -13.51 -1.33
C LEU B 193 -22.80 -13.03 -0.93
N ILE B 194 -22.92 -11.81 -0.45
CA ILE B 194 -24.24 -11.30 -0.06
C ILE B 194 -25.15 -11.20 -1.28
N LEU B 195 -24.58 -10.89 -2.45
CA LEU B 195 -25.36 -10.75 -3.66
C LEU B 195 -25.73 -12.12 -4.13
N SER B 196 -24.77 -13.05 -4.02
CA SER B 196 -24.94 -14.44 -4.46
C SER B 196 -26.12 -15.11 -3.72
N VAL B 197 -26.27 -14.78 -2.44
CA VAL B 197 -27.37 -15.30 -1.67
C VAL B 197 -28.70 -14.61 -2.02
N ALA B 198 -28.71 -13.28 -2.14
CA ALA B 198 -29.96 -12.56 -2.36
C ALA B 198 -30.37 -12.57 -3.85
N ASN B 199 -29.46 -13.01 -4.70
CA ASN B 199 -29.70 -12.99 -6.12
C ASN B 199 -29.26 -14.34 -6.70
N PRO B 200 -30.02 -15.41 -6.43
CA PRO B 200 -29.57 -16.73 -6.88
C PRO B 200 -29.67 -16.99 -8.39
N GLY B 201 -30.41 -16.16 -9.09
CA GLY B 201 -30.53 -16.33 -10.53
C GLY B 201 -31.78 -17.09 -10.92
N ASP B 202 -32.21 -16.93 -12.17
CA ASP B 202 -33.45 -17.54 -12.68
C ASP B 202 -34.63 -17.19 -11.76
N GLY B 203 -35.25 -18.19 -11.17
CA GLY B 203 -36.29 -17.89 -10.20
C GLY B 203 -36.10 -18.55 -8.84
N ASP B 204 -34.87 -18.81 -8.44
CA ASP B 204 -34.66 -19.65 -7.27
C ASP B 204 -34.90 -18.82 -6.01
N LYS B 205 -35.16 -19.52 -4.91
CA LYS B 205 -35.42 -18.84 -3.67
C LYS B 205 -34.13 -18.18 -3.14
N VAL B 206 -34.23 -16.91 -2.79
CA VAL B 206 -33.29 -16.28 -1.89
C VAL B 206 -32.88 -17.30 -0.83
N LYS B 207 -31.59 -17.38 -0.50
CA LYS B 207 -31.10 -18.34 0.48
C LYS B 207 -30.97 -17.79 1.90
N THR B 208 -30.10 -18.41 2.71
CA THR B 208 -30.18 -18.22 4.17
C THR B 208 -28.82 -17.91 4.79
N ALA B 209 -28.83 -17.41 6.01
CA ALA B 209 -27.61 -17.32 6.82
C ALA B 209 -26.83 -18.65 6.84
N GLU B 210 -27.54 -19.77 6.98
CA GLU B 210 -26.88 -21.10 7.00
C GLU B 210 -26.10 -21.45 5.73
N HIS B 211 -26.54 -20.88 4.60
CA HIS B 211 -25.88 -21.03 3.31
C HIS B 211 -24.55 -20.32 3.28
N GLU B 212 -24.59 -19.03 3.58
CA GLU B 212 -23.39 -18.21 3.76
C GLU B 212 -22.27 -18.98 4.45
N ASN B 213 -22.58 -19.55 5.60
CA ASN B 213 -21.60 -20.31 6.37
C ASN B 213 -21.11 -21.54 5.61
N GLN B 214 -22.03 -22.22 4.93
CA GLN B 214 -21.70 -23.42 4.18
C GLN B 214 -20.75 -23.13 3.04
N TYR B 215 -21.02 -22.07 2.28
CA TYR B 215 -20.19 -21.78 1.13
C TYR B 215 -18.72 -21.63 1.50
N PHE B 216 -18.42 -20.86 2.55
CA PHE B 216 -17.02 -20.66 2.92
C PHE B 216 -16.38 -21.83 3.70
N ARG B 217 -17.20 -22.59 4.42
CA ARG B 217 -16.75 -23.85 4.99
C ARG B 217 -16.42 -24.84 3.88
N ASP B 218 -17.21 -24.79 2.82
CA ASP B 218 -16.95 -25.67 1.70
C ASP B 218 -15.68 -25.23 0.98
N VAL B 219 -15.63 -23.95 0.61
CA VAL B 219 -14.57 -23.48 -0.28
C VAL B 219 -13.20 -23.42 0.41
N VAL B 220 -13.14 -22.80 1.59
CA VAL B 220 -11.87 -22.59 2.25
C VAL B 220 -11.82 -23.18 3.66
N GLY B 221 -12.86 -23.90 4.07
CA GLY B 221 -12.76 -24.61 5.34
C GLY B 221 -13.11 -23.80 6.57
N TYR B 222 -13.36 -22.50 6.39
CA TYR B 222 -13.78 -21.67 7.50
C TYR B 222 -14.69 -20.51 7.09
N SER B 223 -15.79 -20.34 7.82
CA SER B 223 -16.62 -19.16 7.66
C SER B 223 -16.60 -18.32 8.94
N ILE B 224 -16.38 -17.01 8.82
CA ILE B 224 -16.10 -16.16 9.96
C ILE B 224 -17.39 -15.63 10.60
N GLY B 225 -18.47 -15.67 9.82
CA GLY B 225 -19.75 -15.23 10.32
C GLY B 225 -20.18 -13.85 9.82
N ALA B 226 -21.50 -13.62 9.84
CA ALA B 226 -22.06 -12.41 9.32
C ALA B 226 -21.55 -11.20 10.08
N LEU B 227 -21.66 -11.20 11.41
CA LEU B 227 -21.25 -10.02 12.18
C LEU B 227 -19.75 -9.81 12.07
N SER B 228 -19.01 -10.91 12.11
CA SER B 228 -17.56 -10.84 12.14
C SER B 228 -16.90 -10.39 10.85
N ILE B 229 -17.49 -10.70 9.70
CA ILE B 229 -16.82 -10.30 8.47
C ILE B 229 -16.89 -8.77 8.31
N HIS B 230 -17.86 -8.13 8.94
CA HIS B 230 -17.83 -6.68 9.03
C HIS B 230 -16.79 -6.19 10.05
N ARG B 231 -16.62 -6.89 11.17
CA ARG B 231 -15.54 -6.55 12.10
C ARG B 231 -14.15 -6.83 11.54
N LEU B 232 -14.03 -7.78 10.63
CA LEU B 232 -12.73 -8.02 10.00
C LEU B 232 -12.40 -6.90 9.03
N GLY B 233 -13.38 -6.45 8.25
CA GLY B 233 -13.11 -5.53 7.17
C GLY B 233 -12.76 -4.16 7.72
N LEU B 234 -13.47 -3.75 8.76
CA LEU B 234 -13.13 -2.52 9.46
C LEU B 234 -11.68 -2.61 9.95
N PHE B 235 -11.31 -3.81 10.43
CA PHE B 235 -9.94 -4.07 10.86
C PHE B 235 -8.91 -4.09 9.73
N LEU B 236 -9.18 -4.79 8.64
CA LEU B 236 -8.23 -4.90 7.51
C LEU B 236 -8.02 -3.55 6.90
N ALA B 237 -9.10 -2.83 6.66
CA ALA B 237 -9.02 -1.50 6.10
C ALA B 237 -8.22 -0.60 7.02
N SER B 238 -8.52 -0.64 8.31
CA SER B 238 -7.89 0.29 9.24
C SER B 238 -6.39 0.05 9.35
N ASN B 239 -5.96 -1.21 9.24
CA ASN B 239 -4.57 -1.49 9.40
C ASN B 239 -3.74 -1.20 8.17
N ILE B 240 -4.39 -0.92 7.05
CA ILE B 240 -3.64 -0.37 5.92
C ILE B 240 -2.82 0.83 6.39
N PHE B 241 -3.44 1.76 7.11
CA PHE B 241 -2.75 2.97 7.53
C PHE B 241 -2.10 2.80 8.92
N LEU B 242 -2.74 2.07 9.81
CA LEU B 242 -2.18 1.97 11.15
C LEU B 242 -0.84 1.29 11.13
N THR B 243 -0.60 0.34 10.23
CA THR B 243 0.72 -0.28 10.15
C THR B 243 1.63 0.54 9.25
N GLY B 244 1.07 1.01 8.12
CA GLY B 244 1.79 1.87 7.20
C GLY B 244 2.41 3.07 7.88
N ALA B 245 1.67 3.65 8.82
CA ALA B 245 2.12 4.85 9.52
C ALA B 245 3.50 4.65 10.12
N PHE B 246 3.80 3.42 10.51
CA PHE B 246 5.11 3.10 11.06
C PHE B 246 6.22 3.15 10.01
N GLY B 247 5.97 2.56 8.83
CA GLY B 247 6.95 2.61 7.76
C GLY B 247 7.22 4.04 7.30
N THR B 248 6.21 4.90 7.39
CA THR B 248 6.38 6.25 6.92
C THR B 248 7.23 7.00 7.91
N ILE B 249 6.83 6.93 9.17
CA ILE B 249 7.54 7.56 10.28
C ILE B 249 8.99 7.12 10.45
N ALA B 250 9.28 5.85 10.24
CA ALA B 250 10.65 5.36 10.44
C ALA B 250 11.62 5.95 9.44
N SER B 251 11.09 6.39 8.30
CA SER B 251 11.88 6.78 7.14
C SER B 251 12.45 8.17 7.27
N GLY B 252 13.70 8.25 7.73
CA GLY B 252 14.35 9.51 8.02
C GLY B 252 14.58 9.68 9.51
N PRO B 253 13.51 9.90 10.29
CA PRO B 253 13.66 9.94 11.75
C PRO B 253 14.34 8.73 12.38
N PHE B 254 14.19 7.52 11.81
CA PHE B 254 14.80 6.32 12.39
C PHE B 254 15.59 5.40 11.46
N TRP B 255 15.61 5.72 10.18
CA TRP B 255 16.39 4.94 9.25
C TRP B 255 16.73 5.83 8.09
N THR B 256 18.00 5.89 7.73
CA THR B 256 18.42 6.84 6.70
C THR B 256 19.04 6.15 5.49
N ARG B 257 19.15 4.83 5.55
CA ARG B 257 19.75 4.07 4.45
C ARG B 257 18.66 3.55 3.55
N GLY B 258 19.05 2.87 2.48
CA GLY B 258 18.09 2.15 1.68
C GLY B 258 17.32 1.21 2.58
N TRP B 259 16.09 0.87 2.21
CA TRP B 259 15.32 -0.11 2.95
C TRP B 259 15.76 -1.58 2.79
N PRO B 260 16.26 -1.98 1.61
CA PRO B 260 16.82 -3.34 1.49
C PRO B 260 17.82 -3.70 2.58
N GLU B 261 18.70 -2.75 2.90
CA GLU B 261 19.73 -2.98 3.92
C GLU B 261 19.19 -3.21 5.32
N TRP B 262 18.00 -2.71 5.59
CA TRP B 262 17.41 -2.96 6.87
C TRP B 262 17.34 -4.47 7.11
N TRP B 263 17.21 -5.24 6.03
CA TRP B 263 17.03 -6.67 6.19
C TRP B 263 18.33 -7.36 6.52
N GLY B 264 19.36 -6.53 6.55
CA GLY B 264 20.66 -6.93 7.05
C GLY B 264 20.57 -7.60 8.40
N TRP B 265 19.69 -7.09 9.28
CA TRP B 265 19.50 -7.71 10.60
C TRP B 265 19.27 -9.23 10.53
N TRP B 266 18.65 -9.70 9.45
CA TRP B 266 18.47 -11.12 9.23
C TRP B 266 19.68 -11.68 8.46
N LEU B 267 19.91 -11.13 7.28
CA LEU B 267 20.89 -11.70 6.38
C LEU B 267 22.25 -11.81 7.05
N ASP B 268 22.51 -10.89 7.97
CA ASP B 268 23.83 -10.73 8.53
C ASP B 268 23.98 -11.35 9.94
N ILE B 269 23.01 -12.16 10.37
CA ILE B 269 23.21 -12.90 11.60
C ILE B 269 24.48 -13.74 11.41
N PRO B 270 25.42 -13.63 12.36
CA PRO B 270 26.78 -14.09 12.05
C PRO B 270 26.83 -15.62 12.01
N PHE B 271 25.89 -16.24 12.71
CA PHE B 271 25.66 -17.68 12.67
C PHE B 271 25.68 -18.27 11.25
N TRP B 272 25.04 -17.59 10.31
CA TRP B 272 24.94 -18.14 8.96
C TRP B 272 25.57 -17.25 7.91
N SER B 273 26.39 -16.30 8.35
CA SER B 273 27.09 -15.46 7.41
C SER B 273 28.31 -16.17 6.80
N ALA C 1 -21.78 1.50 25.44
CA ALA C 1 -20.73 0.73 24.70
C ALA C 1 -21.28 -0.65 24.36
N ASP C 2 -21.02 -1.07 23.14
CA ASP C 2 -21.57 -2.31 22.64
C ASP C 2 -20.41 -3.25 22.50
N TYR C 3 -20.24 -4.15 23.47
CA TYR C 3 -19.05 -5.01 23.53
C TYR C 3 -19.11 -6.10 22.48
N GLN C 4 -20.31 -6.35 21.98
CA GLN C 4 -20.52 -7.38 20.99
C GLN C 4 -19.85 -7.01 19.68
N THR C 5 -19.67 -5.71 19.46
CA THR C 5 -19.10 -5.27 18.21
C THR C 5 -17.58 -5.41 18.27
N ILE C 6 -17.06 -5.52 19.48
CA ILE C 6 -15.65 -5.90 19.74
C ILE C 6 -15.42 -7.42 19.79
N TYR C 7 -16.19 -8.11 20.63
CA TYR C 7 -16.06 -9.56 20.78
C TYR C 7 -17.32 -10.09 21.43
N THR C 8 -17.45 -11.40 21.39
CA THR C 8 -18.66 -12.08 21.78
C THR C 8 -18.61 -12.36 23.28
N GLN C 9 -19.37 -11.59 24.04
CA GLN C 9 -19.40 -11.76 25.48
C GLN C 9 -19.76 -13.18 25.98
N ILE C 10 -20.82 -13.81 25.47
CA ILE C 10 -21.15 -15.21 25.82
C ILE C 10 -21.28 -15.98 24.52
N GLN C 11 -20.57 -17.10 24.43
CA GLN C 11 -20.52 -17.86 23.20
C GLN C 11 -21.49 -19.04 23.32
N ALA C 12 -22.19 -19.32 22.22
CA ALA C 12 -23.16 -20.41 22.15
C ALA C 12 -22.51 -21.58 21.46
N ARG C 13 -22.71 -22.75 22.03
CA ARG C 13 -22.39 -23.98 21.34
C ARG C 13 -23.69 -24.73 21.05
N GLY C 14 -23.65 -25.55 20.03
CA GLY C 14 -24.86 -26.20 19.59
C GLY C 14 -24.49 -27.10 18.43
N PRO C 15 -25.41 -27.96 18.03
CA PRO C 15 -25.05 -29.01 17.08
C PRO C 15 -24.60 -28.45 15.73
N HIS C 16 -23.58 -29.08 15.15
CA HIS C 16 -23.02 -28.72 13.83
C HIS C 16 -24.11 -28.69 12.74
N ILE C 17 -24.09 -27.64 11.91
CA ILE C 17 -25.06 -27.50 10.79
C ILE C 17 -24.45 -27.90 9.43
N THR C 18 -25.25 -28.59 8.60
CA THR C 18 -24.90 -28.79 7.19
C THR C 18 -26.04 -28.38 6.25
N VAL C 19 -25.69 -27.60 5.23
CA VAL C 19 -26.62 -27.24 4.16
C VAL C 19 -26.20 -28.09 3.00
N SER C 20 -27.15 -28.81 2.41
CA SER C 20 -26.83 -29.74 1.35
C SER C 20 -26.76 -29.10 -0.04
N GLY C 21 -25.71 -29.46 -0.77
CA GLY C 21 -25.57 -28.99 -2.14
C GLY C 21 -26.16 -29.97 -3.14
N GLU C 22 -26.39 -29.48 -4.36
CA GLU C 22 -26.90 -30.29 -5.45
C GLU C 22 -25.99 -31.49 -5.72
N TRP C 23 -24.79 -31.46 -5.15
CA TRP C 23 -23.88 -32.60 -5.22
C TRP C 23 -22.71 -32.49 -4.25
N GLY C 24 -21.97 -33.59 -4.14
CA GLY C 24 -20.72 -33.59 -3.42
C GLY C 24 -20.81 -33.55 -1.90
N ASP C 25 -22.00 -33.63 -1.32
CA ASP C 25 -22.12 -33.60 0.14
C ASP C 25 -21.29 -34.70 0.81
N ASN C 26 -20.91 -35.70 0.01
CA ASN C 26 -20.12 -36.82 0.47
C ASN C 26 -18.63 -36.49 0.50
N ASP C 27 -18.27 -35.35 -0.09
CA ASP C 27 -16.87 -34.98 -0.24
C ASP C 27 -16.42 -34.05 0.84
N ARG C 28 -17.34 -33.62 1.68
CA ARG C 28 -16.95 -32.82 2.83
C ARG C 28 -16.19 -33.75 3.74
N VAL C 29 -14.89 -33.55 3.82
CA VAL C 29 -14.03 -34.38 4.65
C VAL C 29 -13.69 -33.62 5.92
N GLY C 30 -13.40 -34.34 6.99
CA GLY C 30 -13.01 -33.68 8.21
C GLY C 30 -14.13 -33.66 9.22
N LYS C 31 -13.77 -33.46 10.48
CA LYS C 31 -14.73 -33.33 11.55
C LYS C 31 -14.64 -31.91 12.06
N PRO C 32 -15.78 -31.23 12.09
CA PRO C 32 -15.87 -29.88 12.67
C PRO C 32 -15.23 -29.89 14.04
N PHE C 33 -14.42 -28.89 14.32
CA PHE C 33 -13.99 -28.67 15.68
C PHE C 33 -13.99 -27.18 16.05
N TYR C 34 -13.98 -26.93 17.34
CA TYR C 34 -14.43 -25.66 17.86
C TYR C 34 -13.34 -24.98 18.66
N SER C 35 -13.05 -23.73 18.33
CA SER C 35 -12.04 -22.97 19.03
C SER C 35 -12.67 -21.87 19.86
N TYR C 36 -12.30 -21.82 21.12
CA TYR C 36 -12.87 -20.84 22.02
C TYR C 36 -12.40 -19.43 21.67
N TRP C 37 -11.09 -19.30 21.47
CA TRP C 37 -10.53 -18.01 21.20
C TRP C 37 -11.01 -17.47 19.87
N LEU C 38 -11.09 -18.35 18.88
CA LEU C 38 -11.66 -17.98 17.60
C LEU C 38 -13.09 -17.53 17.83
N GLY C 39 -13.82 -18.35 18.58
CA GLY C 39 -15.17 -18.01 18.96
C GLY C 39 -15.32 -16.59 19.49
N LYS C 40 -14.29 -16.05 20.11
CA LYS C 40 -14.38 -14.70 20.68
C LYS C 40 -14.63 -13.60 19.62
N ILE C 41 -13.94 -13.70 18.49
CA ILE C 41 -14.11 -12.69 17.43
C ILE C 41 -14.56 -13.28 16.09
N GLY C 42 -15.13 -14.49 16.10
CA GLY C 42 -15.58 -15.12 14.87
C GLY C 42 -16.44 -16.35 15.14
N ASP C 43 -16.82 -17.08 14.11
CA ASP C 43 -17.45 -18.36 14.37
C ASP C 43 -16.40 -19.27 14.96
N ALA C 44 -16.77 -20.01 16.00
CA ALA C 44 -15.84 -20.93 16.65
C ALA C 44 -15.55 -22.26 15.92
N GLN C 45 -16.36 -22.63 14.93
CA GLN C 45 -16.18 -23.90 14.24
C GLN C 45 -15.17 -23.78 13.11
N ILE C 46 -14.09 -24.54 13.19
CA ILE C 46 -13.22 -24.70 12.03
C ILE C 46 -13.52 -26.01 11.30
N GLY C 47 -13.54 -25.98 9.97
CA GLY C 47 -13.81 -27.17 9.18
C GLY C 47 -15.29 -27.50 9.21
N PRO C 48 -15.75 -28.60 8.62
CA PRO C 48 -15.14 -29.48 7.61
C PRO C 48 -14.94 -28.71 6.33
N ILE C 49 -14.46 -29.42 5.32
CA ILE C 49 -14.13 -28.81 4.05
C ILE C 49 -14.47 -29.76 2.92
N TYR C 50 -15.08 -29.22 1.88
CA TYR C 50 -15.29 -29.97 0.65
C TYR C 50 -13.96 -30.32 -0.01
N LEU C 51 -13.74 -31.59 -0.28
CA LEU C 51 -12.67 -31.99 -1.18
C LEU C 51 -13.07 -31.64 -2.60
N GLY C 52 -13.60 -32.61 -3.33
CA GLY C 52 -14.10 -32.32 -4.66
C GLY C 52 -12.97 -32.43 -5.66
N ALA C 53 -13.32 -32.47 -6.94
CA ALA C 53 -12.38 -32.79 -8.01
C ALA C 53 -11.52 -31.62 -8.43
N SER C 54 -12.18 -30.50 -8.74
CA SER C 54 -11.48 -29.33 -9.22
C SER C 54 -10.59 -28.81 -8.10
N GLY C 55 -11.01 -29.07 -6.85
CA GLY C 55 -10.16 -28.81 -5.69
C GLY C 55 -8.90 -29.66 -5.65
N ILE C 56 -9.08 -30.97 -5.71
CA ILE C 56 -7.93 -31.85 -5.76
C ILE C 56 -7.01 -31.49 -6.93
N ALA C 57 -7.62 -31.24 -8.10
CA ALA C 57 -6.88 -30.78 -9.26
C ALA C 57 -6.03 -29.54 -8.95
N ALA C 58 -6.67 -28.53 -8.35
CA ALA C 58 -5.98 -27.30 -8.05
C ALA C 58 -4.85 -27.51 -7.07
N PHE C 59 -5.04 -28.37 -6.10
N PHE C 59 -5.04 -28.39 -6.10
CA PHE C 59 -3.98 -28.66 -5.12
CA PHE C 59 -3.99 -28.65 -5.10
C PHE C 59 -2.78 -29.30 -5.80
C PHE C 59 -2.84 -29.46 -5.67
N ALA C 60 -3.07 -30.15 -6.78
CA ALA C 60 -2.04 -30.96 -7.39
C ALA C 60 -1.21 -30.11 -8.33
N PHE C 61 -1.86 -29.34 -9.21
CA PHE C 61 -1.10 -28.41 -10.04
C PHE C 61 -0.36 -27.37 -9.20
N GLY C 62 -1.04 -26.79 -8.22
CA GLY C 62 -0.41 -25.80 -7.36
C GLY C 62 0.89 -26.31 -6.78
N SER C 63 0.85 -27.51 -6.21
CA SER C 63 2.02 -28.16 -5.64
C SER C 63 3.13 -28.42 -6.66
N THR C 64 2.78 -28.87 -7.85
CA THR C 64 3.79 -29.05 -8.89
C THR C 64 4.56 -27.76 -9.09
N ALA C 65 3.82 -26.67 -9.22
CA ALA C 65 4.39 -25.35 -9.45
C ALA C 65 5.32 -25.02 -8.29
N ILE C 66 4.85 -25.30 -7.08
CA ILE C 66 5.68 -24.94 -5.94
C ILE C 66 6.99 -25.73 -5.93
N LEU C 67 6.98 -26.98 -6.38
CA LEU C 67 8.22 -27.76 -6.37
C LEU C 67 9.22 -27.28 -7.39
N ILE C 68 8.73 -26.86 -8.55
CA ILE C 68 9.61 -26.34 -9.59
C ILE C 68 10.29 -25.07 -9.09
N ILE C 69 9.51 -24.20 -8.48
CA ILE C 69 10.09 -22.97 -7.96
C ILE C 69 11.12 -23.34 -6.87
N LEU C 70 10.70 -24.15 -5.90
CA LEU C 70 11.52 -24.40 -4.72
C LEU C 70 12.80 -25.14 -5.07
N PHE C 71 12.74 -26.03 -6.05
CA PHE C 71 13.95 -26.68 -6.52
C PHE C 71 14.91 -25.73 -7.18
N ASN C 72 14.39 -24.89 -8.07
CA ASN C 72 15.23 -23.89 -8.70
C ASN C 72 15.80 -22.91 -7.68
N MET C 73 15.02 -22.62 -6.65
CA MET C 73 15.49 -21.81 -5.56
C MET C 73 16.59 -22.51 -4.79
N ALA C 74 16.43 -23.81 -4.50
CA ALA C 74 17.47 -24.57 -3.82
C ALA C 74 18.76 -24.70 -4.65
N ALA C 75 18.64 -24.73 -5.96
CA ALA C 75 19.83 -24.72 -6.81
C ALA C 75 20.65 -23.45 -6.61
N GLU C 76 19.98 -22.33 -6.38
CA GLU C 76 20.63 -21.04 -6.26
C GLU C 76 21.62 -20.96 -5.07
N VAL C 77 21.25 -21.52 -3.92
CA VAL C 77 22.19 -21.61 -2.80
C VAL C 77 22.89 -22.97 -2.81
N HIS C 78 22.93 -23.54 -4.00
CA HIS C 78 23.66 -24.77 -4.26
C HIS C 78 23.29 -25.88 -3.28
N PHE C 79 22.00 -25.94 -2.99
CA PHE C 79 21.42 -27.00 -2.19
C PHE C 79 21.98 -27.05 -0.81
N ASP C 80 22.63 -25.97 -0.41
CA ASP C 80 22.98 -25.79 0.99
C ASP C 80 21.71 -25.40 1.76
N PRO C 81 21.26 -26.23 2.70
CA PRO C 81 20.04 -26.00 3.50
C PRO C 81 20.01 -24.72 4.30
N LEU C 82 21.00 -24.52 5.15
CA LEU C 82 20.96 -23.33 6.00
C LEU C 82 20.98 -22.04 5.16
N GLN C 83 21.78 -22.02 4.11
CA GLN C 83 21.85 -20.85 3.26
C GLN C 83 20.54 -20.67 2.51
N PHE C 84 19.88 -21.78 2.22
CA PHE C 84 18.54 -21.75 1.69
C PHE C 84 17.63 -20.99 2.64
N PHE C 85 17.49 -21.48 3.87
N PHE C 85 17.48 -21.50 3.87
CA PHE C 85 16.63 -20.85 4.87
CA PHE C 85 16.64 -20.86 4.87
C PHE C 85 17.03 -19.39 5.06
C PHE C 85 17.02 -19.39 5.01
N ARG C 86 18.33 -19.12 5.04
CA ARG C 86 18.85 -17.76 5.22
C ARG C 86 18.44 -16.83 4.07
N GLN C 87 18.73 -17.23 2.84
CA GLN C 87 18.58 -16.35 1.68
C GLN C 87 17.20 -16.44 0.99
N PHE C 88 16.23 -17.07 1.64
CA PHE C 88 15.03 -17.50 0.93
C PHE C 88 14.36 -16.36 0.18
N PHE C 89 14.14 -15.24 0.85
CA PHE C 89 13.53 -14.08 0.24
C PHE C 89 14.17 -13.63 -1.05
N TRP C 90 15.51 -13.76 -1.13
CA TRP C 90 16.29 -13.22 -2.25
C TRP C 90 16.29 -14.20 -3.38
N LEU C 91 15.89 -15.44 -3.08
CA LEU C 91 15.93 -16.50 -4.06
C LEU C 91 14.77 -16.39 -5.03
N GLY C 92 15.01 -16.69 -6.30
CA GLY C 92 13.96 -16.56 -7.27
C GLY C 92 14.11 -17.49 -8.46
N LEU C 93 13.02 -17.63 -9.19
CA LEU C 93 12.98 -18.39 -10.41
C LEU C 93 12.60 -17.40 -11.53
N TYR C 94 13.57 -17.00 -12.35
CA TYR C 94 13.37 -15.91 -13.31
C TYR C 94 12.97 -16.38 -14.70
N PRO C 95 12.27 -15.51 -15.45
CA PRO C 95 12.07 -15.61 -16.90
C PRO C 95 13.40 -15.49 -17.65
N PRO C 96 13.39 -15.70 -18.99
CA PRO C 96 14.62 -15.55 -19.76
C PRO C 96 15.27 -14.19 -19.57
N LYS C 97 16.50 -14.21 -19.09
CA LYS C 97 17.34 -13.03 -19.10
C LYS C 97 17.70 -12.62 -20.52
N ALA C 98 17.72 -13.56 -21.45
CA ALA C 98 18.08 -13.23 -22.84
C ALA C 98 16.83 -13.01 -23.69
N GLN C 99 17.00 -12.37 -24.85
CA GLN C 99 15.86 -12.14 -25.73
C GLN C 99 15.72 -13.33 -26.65
N TYR C 100 14.76 -14.20 -26.36
CA TYR C 100 14.45 -15.29 -27.27
C TYR C 100 13.19 -14.94 -28.08
N GLY C 101 12.78 -13.67 -28.05
CA GLY C 101 11.53 -13.30 -28.67
C GLY C 101 10.44 -14.09 -27.99
N MET C 102 9.63 -14.77 -28.79
CA MET C 102 8.59 -15.65 -28.25
C MET C 102 9.01 -17.11 -28.20
N GLY C 103 10.29 -17.37 -28.38
CA GLY C 103 10.76 -18.73 -28.49
C GLY C 103 10.86 -19.37 -27.13
N ILE C 104 10.49 -20.65 -27.04
CA ILE C 104 10.49 -21.37 -25.76
C ILE C 104 11.91 -21.34 -25.18
N PRO C 105 12.08 -20.67 -24.02
CA PRO C 105 13.42 -20.55 -23.43
C PRO C 105 14.02 -21.88 -22.97
N PRO C 106 15.35 -21.99 -23.01
CA PRO C 106 16.04 -23.12 -22.38
C PRO C 106 15.75 -23.18 -20.88
N LEU C 107 15.76 -24.39 -20.32
CA LEU C 107 15.38 -24.60 -18.93
C LEU C 107 16.14 -23.70 -17.99
N HIS C 108 17.42 -23.54 -18.30
CA HIS C 108 18.32 -22.79 -17.45
C HIS C 108 18.14 -21.28 -17.60
N ASP C 109 17.50 -20.85 -18.67
CA ASP C 109 17.20 -19.45 -18.86
C ASP C 109 15.72 -19.22 -19.10
N GLY C 110 14.91 -19.65 -18.14
CA GLY C 110 13.50 -19.36 -18.21
C GLY C 110 12.60 -20.51 -18.59
N GLY C 111 13.18 -21.57 -19.12
CA GLY C 111 12.43 -22.78 -19.36
C GLY C 111 11.65 -23.18 -18.12
N TRP C 112 12.31 -23.24 -16.98
CA TRP C 112 11.67 -23.69 -15.75
C TRP C 112 10.58 -22.73 -15.24
N TRP C 113 10.73 -21.47 -15.60
CA TRP C 113 9.82 -20.42 -15.16
C TRP C 113 8.50 -20.58 -15.89
N LEU C 114 8.58 -20.80 -17.20
CA LEU C 114 7.39 -21.00 -18.03
C LEU C 114 6.63 -22.24 -17.55
N MET C 115 7.37 -23.25 -17.10
CA MET C 115 6.81 -24.47 -16.56
C MET C 115 5.90 -24.15 -15.39
N ALA C 116 6.52 -23.57 -14.37
CA ALA C 116 5.81 -23.14 -13.18
C ALA C 116 4.68 -22.19 -13.54
N GLY C 117 4.92 -21.33 -14.53
CA GLY C 117 3.88 -20.44 -14.99
C GLY C 117 2.65 -21.20 -15.42
N LEU C 118 2.84 -22.12 -16.34
CA LEU C 118 1.77 -23.00 -16.81
C LEU C 118 1.03 -23.75 -15.69
N PHE C 119 1.78 -24.37 -14.79
CA PHE C 119 1.15 -25.12 -13.72
C PHE C 119 0.32 -24.25 -12.76
N MET C 120 0.88 -23.10 -12.37
CA MET C 120 0.15 -22.17 -11.50
C MET C 120 -1.15 -21.71 -12.16
N THR C 121 -1.10 -21.49 -13.47
CA THR C 121 -2.28 -21.19 -14.30
C THR C 121 -3.38 -22.23 -14.21
N LEU C 122 -2.97 -23.50 -14.31
CA LEU C 122 -3.92 -24.60 -14.23
C LEU C 122 -4.48 -24.69 -12.84
N SER C 123 -3.59 -24.44 -11.87
CA SER C 123 -3.97 -24.38 -10.48
C SER C 123 -5.06 -23.33 -10.27
N LEU C 124 -4.86 -22.16 -10.84
CA LEU C 124 -5.84 -21.07 -10.74
C LEU C 124 -7.17 -21.42 -11.36
N GLY C 125 -7.11 -22.03 -12.54
CA GLY C 125 -8.30 -22.49 -13.21
C GLY C 125 -9.12 -23.51 -12.43
N SER C 126 -8.51 -24.63 -12.06
CA SER C 126 -9.24 -25.64 -11.31
C SER C 126 -9.86 -25.04 -10.06
N TRP C 127 -9.19 -24.04 -9.48
CA TRP C 127 -9.76 -23.36 -8.30
C TRP C 127 -10.98 -22.48 -8.66
N TRP C 128 -10.91 -21.81 -9.80
CA TRP C 128 -12.05 -21.01 -10.27
C TRP C 128 -13.28 -21.92 -10.40
N ILE C 129 -13.06 -23.09 -10.98
CA ILE C 129 -14.12 -24.07 -11.12
C ILE C 129 -14.73 -24.46 -9.78
N ARG C 130 -13.90 -24.73 -8.79
CA ARG C 130 -14.39 -24.98 -7.43
C ARG C 130 -15.17 -23.79 -6.84
N VAL C 131 -14.65 -22.58 -7.03
CA VAL C 131 -15.28 -21.37 -6.49
C VAL C 131 -16.63 -21.13 -7.13
N TYR C 132 -16.72 -21.45 -8.41
CA TYR C 132 -17.93 -21.35 -9.20
C TYR C 132 -18.97 -22.45 -8.87
N SER C 133 -18.53 -23.72 -8.90
CA SER C 133 -19.36 -24.88 -8.55
C SER C 133 -20.01 -24.85 -7.17
N ARG C 134 -19.23 -24.59 -6.12
CA ARG C 134 -19.83 -24.60 -4.78
C ARG C 134 -21.02 -23.64 -4.70
N ALA C 135 -20.98 -22.55 -5.44
CA ALA C 135 -22.10 -21.63 -5.41
C ALA C 135 -23.27 -22.30 -6.09
N ARG C 136 -23.03 -22.84 -7.27
CA ARG C 136 -24.11 -23.50 -7.99
C ARG C 136 -24.65 -24.73 -7.22
N ALA C 137 -23.76 -25.49 -6.60
CA ALA C 137 -24.19 -26.63 -5.82
C ALA C 137 -25.12 -26.15 -4.71
N LEU C 138 -24.82 -25.00 -4.12
CA LEU C 138 -25.58 -24.57 -2.95
C LEU C 138 -26.72 -23.67 -3.37
N GLY C 139 -26.85 -23.50 -4.68
CA GLY C 139 -27.95 -22.75 -5.22
C GLY C 139 -27.80 -21.25 -5.08
N LEU C 140 -26.57 -20.79 -5.27
CA LEU C 140 -26.24 -19.39 -5.04
C LEU C 140 -25.87 -18.76 -6.38
N GLY C 141 -25.91 -17.43 -6.44
CA GLY C 141 -25.38 -16.73 -7.59
C GLY C 141 -23.87 -16.86 -7.65
N THR C 142 -23.30 -16.58 -8.81
CA THR C 142 -21.87 -16.79 -9.02
C THR C 142 -21.03 -15.49 -8.97
N HIS C 143 -21.58 -14.46 -8.33
CA HIS C 143 -20.89 -13.16 -8.24
C HIS C 143 -19.44 -13.30 -7.74
N ILE C 144 -19.20 -14.23 -6.80
CA ILE C 144 -17.84 -14.44 -6.32
C ILE C 144 -16.93 -15.00 -7.40
N ALA C 145 -17.38 -16.04 -8.09
CA ALA C 145 -16.56 -16.57 -9.18
C ALA C 145 -16.28 -15.47 -10.19
N TRP C 146 -17.23 -14.58 -10.41
CA TRP C 146 -16.99 -13.51 -11.36
C TRP C 146 -16.05 -12.44 -10.89
N ASN C 147 -16.00 -12.17 -9.58
CA ASN C 147 -14.99 -11.24 -9.09
C ASN C 147 -13.60 -11.88 -9.18
N PHE C 148 -13.53 -13.18 -8.92
CA PHE C 148 -12.27 -13.92 -8.96
C PHE C 148 -11.70 -13.98 -10.36
N ALA C 149 -12.54 -14.25 -11.35
CA ALA C 149 -12.08 -14.33 -12.73
C ALA C 149 -11.27 -13.10 -13.10
N ALA C 150 -11.75 -11.93 -12.69
CA ALA C 150 -11.05 -10.67 -12.97
C ALA C 150 -9.64 -10.66 -12.39
N ALA C 151 -9.47 -11.27 -11.22
CA ALA C 151 -8.16 -11.31 -10.59
C ALA C 151 -7.23 -12.26 -11.34
N ILE C 152 -7.76 -13.42 -11.73
CA ILE C 152 -6.95 -14.34 -12.48
C ILE C 152 -6.53 -13.68 -13.77
N PHE C 153 -7.42 -12.94 -14.38
CA PHE C 153 -7.10 -12.35 -15.67
C PHE C 153 -5.98 -11.32 -15.58
N PHE C 154 -5.97 -10.55 -14.50
CA PHE C 154 -4.89 -9.61 -14.24
C PHE C 154 -3.56 -10.32 -14.32
N VAL C 155 -3.45 -11.41 -13.55
CA VAL C 155 -2.25 -12.22 -13.51
C VAL C 155 -1.91 -12.75 -14.91
N LEU C 156 -2.88 -13.30 -15.62
CA LEU C 156 -2.62 -13.75 -16.96
C LEU C 156 -2.06 -12.59 -17.75
N CYS C 157 -2.52 -11.37 -17.48
CA CYS C 157 -1.98 -10.21 -18.19
C CYS C 157 -0.52 -10.02 -17.90
N ILE C 158 -0.16 -9.89 -16.62
CA ILE C 158 1.24 -9.62 -16.29
C ILE C 158 2.19 -10.80 -16.46
N GLY C 159 1.68 -12.02 -16.30
CA GLY C 159 2.49 -13.21 -16.54
C GLY C 159 2.58 -13.70 -17.98
N CYS C 160 1.54 -13.49 -18.78
CA CYS C 160 1.51 -14.09 -20.12
C CYS C 160 1.25 -13.09 -21.20
N ILE C 161 0.12 -12.42 -21.10
CA ILE C 161 -0.49 -11.84 -22.27
C ILE C 161 0.26 -10.61 -22.75
N HIS C 162 0.68 -9.78 -21.81
CA HIS C 162 1.55 -8.70 -22.18
C HIS C 162 2.89 -9.19 -22.72
N PRO C 163 3.49 -10.23 -22.12
CA PRO C 163 4.72 -10.76 -22.74
C PRO C 163 4.50 -11.22 -24.18
N THR C 164 3.35 -11.84 -24.42
CA THR C 164 3.01 -12.34 -25.73
C THR C 164 2.76 -11.18 -26.68
N LEU C 165 2.10 -10.14 -26.19
CA LEU C 165 1.71 -9.01 -27.02
C LEU C 165 2.91 -8.24 -27.56
N VAL C 166 3.89 -7.95 -26.71
CA VAL C 166 5.11 -7.29 -27.16
C VAL C 166 6.09 -8.29 -27.81
N GLY C 167 5.94 -9.56 -27.44
CA GLY C 167 6.69 -10.62 -28.09
C GLY C 167 7.95 -11.06 -27.36
N SER C 168 7.98 -10.90 -26.05
CA SER C 168 9.14 -11.34 -25.26
C SER C 168 8.78 -11.90 -23.89
N TRP C 169 9.34 -13.06 -23.56
CA TRP C 169 9.07 -13.73 -22.28
C TRP C 169 9.90 -13.11 -21.19
N SER C 170 10.88 -12.31 -21.58
CA SER C 170 11.78 -11.72 -20.61
C SER C 170 11.03 -10.74 -19.74
N GLU C 171 9.80 -10.38 -20.13
CA GLU C 171 9.04 -9.35 -19.41
C GLU C 171 8.17 -9.89 -18.26
N GLY C 172 8.16 -11.20 -18.05
CA GLY C 172 7.22 -11.76 -17.10
C GLY C 172 7.65 -11.56 -15.64
N VAL C 173 6.82 -12.04 -14.73
CA VAL C 173 7.04 -11.86 -13.30
C VAL C 173 7.78 -13.08 -12.69
N PRO C 174 8.99 -12.87 -12.14
CA PRO C 174 9.78 -13.95 -11.56
C PRO C 174 9.08 -14.44 -10.30
N PHE C 175 9.26 -15.71 -9.93
CA PHE C 175 8.69 -16.20 -8.66
C PHE C 175 9.75 -16.09 -7.58
N GLY C 176 9.37 -15.53 -6.45
CA GLY C 176 10.29 -15.35 -5.34
C GLY C 176 9.80 -14.14 -4.60
N ILE C 177 10.24 -13.96 -3.36
CA ILE C 177 9.70 -12.88 -2.56
C ILE C 177 10.25 -11.53 -2.98
N TRP C 178 11.54 -11.28 -2.77
CA TRP C 178 12.11 -10.06 -3.28
C TRP C 178 12.07 -10.01 -4.81
N PRO C 179 12.32 -11.15 -5.49
CA PRO C 179 12.30 -11.07 -6.96
C PRO C 179 11.01 -10.59 -7.65
N HIS C 180 9.83 -10.91 -7.11
CA HIS C 180 8.61 -10.41 -7.75
C HIS C 180 8.38 -8.93 -7.48
N ILE C 181 8.96 -8.45 -6.38
CA ILE C 181 8.92 -7.05 -5.98
C ILE C 181 9.91 -6.21 -6.84
N ASP C 182 11.06 -6.79 -7.18
CA ASP C 182 12.05 -6.12 -8.01
C ASP C 182 11.48 -5.84 -9.38
N TRP C 183 10.73 -6.81 -9.91
CA TRP C 183 10.05 -6.66 -11.18
C TRP C 183 9.23 -5.36 -11.30
N LEU C 184 8.46 -5.02 -10.27
CA LEU C 184 7.61 -3.83 -10.25
C LEU C 184 8.42 -2.60 -10.66
N THR C 185 9.61 -2.45 -10.11
CA THR C 185 10.44 -1.30 -10.47
C THR C 185 11.01 -1.41 -11.85
N ALA C 186 11.45 -2.61 -12.21
CA ALA C 186 11.99 -2.83 -13.55
C ALA C 186 10.95 -2.45 -14.63
N PHE C 187 9.70 -2.85 -14.38
CA PHE C 187 8.59 -2.72 -15.35
C PHE C 187 8.18 -1.25 -15.47
N SER C 188 8.13 -0.58 -14.32
CA SER C 188 7.88 0.84 -14.29
C SER C 188 8.97 1.67 -14.95
N ILE C 189 10.21 1.30 -14.75
CA ILE C 189 11.32 2.06 -15.32
C ILE C 189 11.38 1.93 -16.82
N ARG C 190 11.12 0.73 -17.34
CA ARG C 190 11.13 0.47 -18.77
C ARG C 190 9.96 1.23 -19.45
N TYR C 191 8.90 1.52 -18.69
CA TYR C 191 7.68 2.07 -19.27
C TYR C 191 7.39 3.49 -18.91
N GLY C 192 8.40 4.15 -18.38
CA GLY C 192 8.35 5.59 -18.27
C GLY C 192 7.49 6.07 -17.12
N ASN C 193 7.37 5.22 -16.09
CA ASN C 193 6.91 5.64 -14.76
C ASN C 193 5.42 5.36 -14.60
N PHE C 194 5.09 4.25 -13.92
CA PHE C 194 3.70 3.87 -13.78
C PHE C 194 2.82 4.85 -12.99
N TYR C 195 3.42 5.82 -12.31
CA TYR C 195 2.59 6.89 -11.77
C TYR C 195 1.83 7.65 -12.85
N TYR C 196 2.45 7.77 -14.03
CA TYR C 196 1.83 8.47 -15.14
C TYR C 196 0.99 7.58 -16.04
N CYS C 197 0.61 6.39 -15.57
CA CYS C 197 -0.27 5.54 -16.36
C CYS C 197 -1.69 5.72 -15.90
N PRO C 198 -2.56 6.22 -16.78
CA PRO C 198 -3.91 6.56 -16.29
C PRO C 198 -4.64 5.38 -15.61
N TRP C 199 -4.36 4.13 -16.01
CA TRP C 199 -5.02 2.97 -15.42
C TRP C 199 -4.45 2.51 -14.07
N HIS C 200 -3.17 2.75 -13.86
CA HIS C 200 -2.58 2.58 -12.55
C HIS C 200 -3.33 3.49 -11.56
N GLY C 201 -3.63 4.70 -12.01
CA GLY C 201 -4.45 5.62 -11.24
C GLY C 201 -5.87 5.15 -10.97
N PHE C 202 -6.57 4.65 -11.97
CA PHE C 202 -7.91 4.11 -11.73
C PHE C 202 -7.84 2.97 -10.72
N SER C 203 -6.93 2.02 -10.97
CA SER C 203 -6.71 0.89 -10.08
C SER C 203 -6.56 1.33 -8.61
N ILE C 204 -5.64 2.27 -8.39
CA ILE C 204 -5.31 2.70 -7.03
C ILE C 204 -6.53 3.36 -6.45
N GLY C 205 -7.22 4.11 -7.30
CA GLY C 205 -8.41 4.81 -6.90
C GLY C 205 -9.42 3.85 -6.33
N PHE C 206 -9.71 2.80 -7.07
CA PHE C 206 -10.53 1.72 -6.55
C PHE C 206 -9.91 0.96 -5.38
N ALA C 207 -8.59 0.76 -5.38
CA ALA C 207 -7.95 0.07 -4.25
C ALA C 207 -8.12 0.87 -2.94
N TYR C 208 -7.80 2.14 -3.00
CA TYR C 208 -8.10 3.01 -1.90
C TYR C 208 -9.57 3.00 -1.58
N GLY C 209 -10.38 3.09 -2.63
CA GLY C 209 -11.82 3.09 -2.49
C GLY C 209 -12.38 1.86 -1.77
N CYS C 210 -11.73 0.72 -1.93
CA CYS C 210 -12.18 -0.50 -1.26
C CYS C 210 -11.91 -0.37 0.21
N GLY C 211 -10.73 0.14 0.53
CA GLY C 211 -10.43 0.59 1.88
C GLY C 211 -11.46 1.58 2.40
N LEU C 212 -11.78 2.58 1.60
CA LEU C 212 -12.80 3.53 2.03
C LEU C 212 -14.10 2.81 2.30
N LEU C 213 -14.46 1.89 1.40
CA LEU C 213 -15.78 1.32 1.41
C LEU C 213 -15.94 0.25 2.48
N PHE C 214 -14.93 -0.61 2.66
CA PHE C 214 -15.01 -1.68 3.65
C PHE C 214 -14.90 -1.16 5.06
N ALA C 215 -14.13 -0.09 5.27
CA ALA C 215 -14.14 0.57 6.57
C ALA C 215 -15.50 1.25 6.84
N ALA C 216 -16.06 1.97 5.86
CA ALA C 216 -17.39 2.58 6.07
C ALA C 216 -18.51 1.54 6.18
N HIS C 217 -18.39 0.42 5.46
CA HIS C 217 -19.43 -0.60 5.52
C HIS C 217 -19.35 -1.45 6.77
N GLY C 218 -18.19 -2.04 7.01
CA GLY C 218 -17.95 -2.73 8.28
C GLY C 218 -18.40 -1.92 9.48
N ALA C 219 -18.03 -0.66 9.55
CA ALA C 219 -18.28 0.09 10.77
C ALA C 219 -19.76 0.38 10.85
N THR C 220 -20.36 0.69 9.69
CA THR C 220 -21.78 0.95 9.65
C THR C 220 -22.57 -0.24 10.17
N ILE C 221 -22.14 -1.45 9.84
CA ILE C 221 -22.86 -2.61 10.32
C ILE C 221 -22.64 -2.81 11.80
N LEU C 222 -21.41 -2.71 12.27
CA LEU C 222 -21.21 -2.83 13.71
C LEU C 222 -22.03 -1.79 14.45
N ALA C 223 -22.27 -0.65 13.81
CA ALA C 223 -22.87 0.49 14.51
C ALA C 223 -24.36 0.33 14.63
N VAL C 224 -24.91 -0.61 13.86
CA VAL C 224 -26.33 -0.99 13.97
C VAL C 224 -26.52 -2.49 14.26
N ALA C 225 -25.47 -3.13 14.75
CA ALA C 225 -25.55 -4.49 15.24
C ALA C 225 -26.62 -4.59 16.32
N ARG C 226 -26.80 -3.50 17.06
CA ARG C 226 -27.80 -3.50 18.11
C ARG C 226 -29.18 -3.87 17.59
N PHE C 227 -29.44 -3.51 16.34
CA PHE C 227 -30.73 -3.74 15.72
C PHE C 227 -30.58 -4.90 14.73
N GLY C 228 -29.59 -5.75 14.97
CA GLY C 228 -29.35 -6.91 14.11
C GLY C 228 -29.06 -6.58 12.66
N GLY C 229 -28.25 -5.55 12.44
CA GLY C 229 -27.92 -5.12 11.08
C GLY C 229 -27.12 -6.15 10.30
N ASP C 230 -26.57 -7.09 11.03
CA ASP C 230 -25.65 -8.08 10.49
C ASP C 230 -26.35 -9.19 9.71
N ARG C 231 -27.64 -9.33 9.97
CA ARG C 231 -28.41 -10.27 9.20
C ARG C 231 -28.83 -9.61 7.90
N GLU C 232 -27.83 -9.41 7.04
CA GLU C 232 -27.93 -8.55 5.88
C GLU C 232 -28.95 -9.14 4.90
N ILE C 233 -29.02 -10.47 4.78
CA ILE C 233 -29.94 -11.09 3.82
C ILE C 233 -31.39 -10.74 4.06
N GLU C 234 -31.87 -10.96 5.28
CA GLU C 234 -33.22 -10.54 5.65
C GLU C 234 -33.47 -9.03 5.84
N GLN C 235 -32.41 -8.24 5.97
CA GLN C 235 -32.59 -6.78 5.93
C GLN C 235 -32.83 -6.29 4.49
N ILE C 236 -32.32 -7.04 3.51
CA ILE C 236 -32.68 -6.85 2.10
C ILE C 236 -34.16 -7.15 1.82
N THR C 237 -34.62 -8.37 2.14
CA THR C 237 -35.98 -8.79 1.76
C THR C 237 -37.02 -8.14 2.62
N ASP C 238 -36.63 -7.70 3.81
CA ASP C 238 -37.58 -7.02 4.65
C ASP C 238 -36.91 -5.93 5.51
N ARG C 239 -36.71 -4.77 4.90
CA ARG C 239 -36.05 -3.61 5.50
C ARG C 239 -36.45 -3.43 6.97
N GLY C 240 -35.46 -3.29 7.86
CA GLY C 240 -35.72 -2.95 9.26
C GLY C 240 -34.90 -1.77 9.76
N THR C 241 -35.01 -1.42 11.05
CA THR C 241 -34.47 -0.15 11.52
C THR C 241 -32.95 -0.14 11.47
N ALA C 242 -32.36 -1.32 11.51
CA ALA C 242 -30.94 -1.48 11.27
C ALA C 242 -30.51 -0.65 10.06
N VAL C 243 -31.15 -0.89 8.93
CA VAL C 243 -30.65 -0.34 7.69
C VAL C 243 -31.40 0.93 7.27
N GLU C 244 -32.48 1.25 7.97
CA GLU C 244 -33.08 2.55 7.81
C GLU C 244 -32.17 3.52 8.51
N ARG C 245 -31.64 3.12 9.66
CA ARG C 245 -30.76 4.00 10.43
C ARG C 245 -29.42 4.09 9.73
N ALA C 246 -28.98 2.97 9.15
CA ALA C 246 -27.73 2.96 8.37
C ALA C 246 -27.81 3.91 7.19
N ALA C 247 -28.94 3.89 6.49
CA ALA C 247 -29.14 4.75 5.33
C ALA C 247 -29.19 6.24 5.69
N LEU C 248 -29.82 6.57 6.80
CA LEU C 248 -29.99 7.96 7.17
C LEU C 248 -28.69 8.53 7.73
N PHE C 249 -27.90 7.70 8.41
CA PHE C 249 -26.55 8.09 8.72
C PHE C 249 -25.86 8.65 7.48
N TRP C 250 -25.86 7.88 6.40
CA TRP C 250 -25.19 8.30 5.20
C TRP C 250 -25.89 9.38 4.42
N ARG C 251 -27.22 9.36 4.36
CA ARG C 251 -27.94 10.46 3.73
C ARG C 251 -27.68 11.77 4.47
N TRP C 252 -27.65 11.73 5.79
CA TRP C 252 -27.48 12.96 6.55
C TRP C 252 -26.07 13.47 6.50
N THR C 253 -25.12 12.60 6.26
CA THR C 253 -23.72 12.98 6.19
C THR C 253 -23.29 13.49 4.83
N ILE C 254 -23.51 12.70 3.78
CA ILE C 254 -23.06 13.03 2.43
C ILE C 254 -24.17 13.35 1.41
N GLY C 255 -25.43 13.11 1.75
CA GLY C 255 -26.54 13.68 1.00
C GLY C 255 -27.28 12.73 0.08
N PHE C 256 -26.70 11.56 -0.15
CA PHE C 256 -27.35 10.50 -0.91
C PHE C 256 -26.99 9.25 -0.14
N ASN C 257 -27.55 8.09 -0.51
CA ASN C 257 -27.35 6.90 0.31
C ASN C 257 -27.66 5.63 -0.49
N ALA C 258 -27.13 4.49 -0.03
CA ALA C 258 -27.36 3.23 -0.73
C ALA C 258 -28.50 2.52 -0.01
N THR C 259 -28.78 1.30 -0.43
CA THR C 259 -29.53 0.35 0.38
C THR C 259 -28.58 -0.77 0.87
N ILE C 260 -29.07 -1.61 1.75
CA ILE C 260 -28.23 -2.65 2.33
C ILE C 260 -27.82 -3.70 1.30
N GLU C 261 -28.57 -3.85 0.22
CA GLU C 261 -28.09 -4.70 -0.89
C GLU C 261 -27.20 -3.90 -1.82
N SER C 262 -27.65 -2.71 -2.23
CA SER C 262 -26.89 -1.94 -3.22
C SER C 262 -25.45 -1.66 -2.76
N VAL C 263 -25.27 -1.21 -1.52
CA VAL C 263 -23.90 -1.09 -1.00
C VAL C 263 -22.94 -2.27 -1.26
N HIS C 264 -23.42 -3.51 -1.14
CA HIS C 264 -22.58 -4.65 -1.49
C HIS C 264 -22.27 -4.70 -2.97
N ARG C 265 -23.22 -4.27 -3.79
CA ARG C 265 -22.97 -4.05 -5.21
C ARG C 265 -21.84 -3.04 -5.37
N TRP C 266 -21.95 -1.87 -4.73
CA TRP C 266 -20.89 -0.86 -4.85
C TRP C 266 -19.56 -1.44 -4.51
N GLY C 267 -19.55 -2.29 -3.48
CA GLY C 267 -18.31 -2.92 -3.07
C GLY C 267 -17.80 -3.87 -4.11
N TRP C 268 -18.66 -4.75 -4.57
CA TRP C 268 -18.27 -5.77 -5.52
C TRP C 268 -17.66 -5.11 -6.75
N PHE C 269 -18.32 -4.05 -7.19
CA PHE C 269 -17.94 -3.32 -8.37
C PHE C 269 -16.61 -2.67 -8.12
N PHE C 270 -16.46 -2.00 -6.99
CA PHE C 270 -15.18 -1.38 -6.66
C PHE C 270 -14.05 -2.40 -6.60
N SER C 271 -14.31 -3.59 -6.08
CA SER C 271 -13.28 -4.61 -5.98
C SER C 271 -12.93 -5.16 -7.33
N LEU C 272 -13.94 -5.56 -8.07
CA LEU C 272 -13.78 -5.89 -9.46
C LEU C 272 -12.87 -4.91 -10.22
N MET C 273 -13.16 -3.62 -10.12
CA MET C 273 -12.53 -2.62 -10.98
C MET C 273 -11.05 -2.40 -10.72
N VAL C 274 -10.57 -2.75 -9.54
CA VAL C 274 -9.14 -2.70 -9.28
C VAL C 274 -8.45 -3.59 -10.30
N MET C 275 -9.00 -4.78 -10.48
CA MET C 275 -8.38 -5.79 -11.34
C MET C 275 -8.67 -5.53 -12.80
N VAL C 276 -9.89 -5.09 -13.09
CA VAL C 276 -10.18 -4.69 -14.46
C VAL C 276 -9.29 -3.51 -14.95
N SER C 277 -9.22 -2.42 -14.20
CA SER C 277 -8.40 -1.27 -14.59
C SER C 277 -6.94 -1.65 -14.74
N ALA C 278 -6.46 -2.49 -13.84
CA ALA C 278 -5.06 -2.89 -13.89
C ALA C 278 -4.73 -3.59 -15.23
N SER C 279 -5.59 -4.52 -15.62
CA SER C 279 -5.42 -5.26 -16.84
C SER C 279 -5.40 -4.39 -18.08
N VAL C 280 -6.33 -3.45 -18.20
CA VAL C 280 -6.31 -2.55 -19.34
C VAL C 280 -4.99 -1.79 -19.32
N GLY C 281 -4.63 -1.29 -18.14
CA GLY C 281 -3.35 -0.63 -18.03
C GLY C 281 -2.20 -1.48 -18.53
N ILE C 282 -2.20 -2.78 -18.24
CA ILE C 282 -1.17 -3.63 -18.80
C ILE C 282 -1.30 -3.93 -20.31
N LEU C 283 -2.52 -4.23 -20.76
CA LEU C 283 -2.74 -4.48 -22.16
C LEU C 283 -2.30 -3.30 -23.01
N LEU C 284 -2.34 -2.09 -22.49
CA LEU C 284 -1.87 -0.98 -23.31
C LEU C 284 -0.36 -0.77 -23.26
N THR C 285 0.31 -1.35 -22.25
CA THR C 285 1.73 -1.06 -21.97
C THR C 285 2.66 -1.89 -22.83
N GLY C 286 3.51 -1.20 -23.60
CA GLY C 286 4.42 -1.85 -24.54
C GLY C 286 3.83 -2.06 -25.93
N THR C 287 2.57 -2.48 -25.93
CA THR C 287 1.77 -2.60 -27.13
C THR C 287 1.62 -1.24 -27.78
N PHE C 288 0.98 -0.34 -27.06
CA PHE C 288 0.66 0.98 -27.59
C PHE C 288 1.30 2.17 -26.93
N VAL C 289 1.80 2.00 -25.72
CA VAL C 289 2.42 3.12 -24.99
C VAL C 289 3.79 2.67 -24.49
N ASP C 290 4.82 3.45 -24.81
CA ASP C 290 6.21 3.08 -24.49
C ASP C 290 6.71 3.84 -23.26
N ASN C 291 6.46 5.14 -23.24
CA ASN C 291 6.82 5.96 -22.11
C ASN C 291 5.60 6.68 -21.57
N TRP C 292 5.03 6.20 -20.46
CA TRP C 292 3.80 6.81 -19.90
C TRP C 292 3.96 8.27 -19.51
N TYR C 293 5.11 8.67 -18.97
CA TYR C 293 5.34 10.10 -18.71
C TYR C 293 5.22 10.91 -20.01
N LEU C 294 5.79 10.41 -21.09
CA LEU C 294 5.88 11.22 -22.31
C LEU C 294 4.54 11.23 -22.97
N TRP C 295 3.80 10.14 -22.80
CA TRP C 295 2.45 10.07 -23.32
C TRP C 295 1.63 11.11 -22.60
N CYS C 296 1.82 11.20 -21.30
CA CYS C 296 1.16 12.22 -20.50
C CYS C 296 1.60 13.59 -20.99
N VAL C 297 2.90 13.75 -21.20
CA VAL C 297 3.45 15.00 -21.64
C VAL C 297 2.90 15.37 -23.01
N LYS C 298 2.77 14.35 -23.86
CA LYS C 298 2.26 14.57 -25.20
C LYS C 298 0.84 15.11 -25.09
N HIS C 299 0.12 14.73 -24.04
CA HIS C 299 -1.29 15.07 -23.95
C HIS C 299 -1.64 16.24 -23.05
N GLY C 300 -0.63 16.84 -22.42
CA GLY C 300 -0.84 18.05 -21.62
C GLY C 300 -1.01 17.82 -20.11
N ALA C 301 -1.12 16.55 -19.73
CA ALA C 301 -1.32 16.16 -18.35
C ALA C 301 -0.21 16.56 -17.33
N ALA C 302 1.06 16.26 -17.62
CA ALA C 302 2.14 16.26 -16.61
C ALA C 302 2.42 17.59 -15.93
N PRO C 303 2.60 17.58 -14.60
CA PRO C 303 3.15 18.77 -13.97
C PRO C 303 4.62 18.98 -14.34
N ASP C 304 5.14 20.17 -14.07
CA ASP C 304 6.54 20.50 -14.32
C ASP C 304 6.98 21.65 -13.42
N TYR C 305 8.24 21.67 -13.02
CA TYR C 305 8.70 22.58 -11.97
C TYR C 305 9.92 23.41 -12.38
N PRO C 306 10.12 24.55 -11.72
CA PRO C 306 11.38 25.30 -11.78
C PRO C 306 12.55 24.42 -11.41
N ALA C 307 13.71 24.70 -11.98
CA ALA C 307 14.89 24.00 -11.52
C ALA C 307 15.16 24.53 -10.12
N TYR C 308 15.92 23.78 -9.34
CA TYR C 308 16.33 24.24 -8.03
C TYR C 308 17.85 24.21 -7.96
N LEU C 309 18.46 23.09 -8.36
CA LEU C 309 19.84 23.08 -8.81
C LEU C 309 19.83 23.29 -10.32
N PRO C 310 20.90 23.87 -10.85
CA PRO C 310 21.00 24.22 -12.28
C PRO C 310 20.55 23.12 -13.24
N ALA C 311 19.79 23.51 -14.24
CA ALA C 311 19.38 22.61 -15.27
C ALA C 311 20.59 21.93 -15.90
N THR C 312 20.60 20.60 -15.88
CA THR C 312 21.75 19.85 -16.32
C THR C 312 21.52 19.12 -17.63
N PRO C 313 22.14 19.64 -18.70
CA PRO C 313 22.16 19.10 -20.06
C PRO C 313 22.73 17.72 -20.07
N ASP C 314 22.25 16.92 -21.01
CA ASP C 314 22.77 15.58 -21.21
C ASP C 314 24.24 15.66 -21.68
N PRO C 315 25.16 15.14 -20.86
CA PRO C 315 26.58 15.25 -21.24
C PRO C 315 26.76 14.56 -22.57
N ALA C 316 26.04 13.47 -22.71
CA ALA C 316 26.15 12.61 -23.85
C ALA C 316 25.87 13.37 -25.18
N SER C 317 25.04 14.39 -25.11
CA SER C 317 24.67 15.17 -26.29
C SER C 317 25.67 16.27 -26.58
N LEU C 318 26.52 16.56 -25.61
CA LEU C 318 27.51 17.62 -25.78
C LEU C 318 28.38 17.40 -27.02
N PRO C 319 28.74 18.50 -27.68
CA PRO C 319 29.91 18.67 -28.55
C PRO C 319 31.18 17.99 -28.03
N GLY C 320 31.55 16.89 -28.68
CA GLY C 320 32.79 16.20 -28.35
C GLY C 320 32.66 15.21 -27.22
N ALA C 321 31.45 15.00 -26.72
CA ALA C 321 31.22 14.07 -25.64
C ALA C 321 31.46 12.64 -26.15
N PRO C 322 32.12 11.80 -25.34
CA PRO C 322 32.37 10.40 -25.69
C PRO C 322 31.06 9.66 -25.84
N LYS C 323 31.15 8.35 -26.00
CA LYS C 323 29.94 7.56 -26.12
C LYS C 323 29.58 6.92 -24.79
N FME D 1 7.33 4.87 -37.61
CN FME D 1 8.04 6.03 -37.47
O1 FME D 1 7.37 7.00 -37.88
CA FME D 1 5.89 4.97 -37.39
CB FME D 1 5.17 4.26 -38.55
CG FME D 1 5.58 4.78 -39.94
SD FME D 1 5.46 3.50 -41.24
CE FME D 1 4.21 2.37 -40.67
C FME D 1 5.59 4.28 -36.06
O FME D 1 6.39 3.49 -35.58
N TYR D 2 4.49 4.65 -35.41
CA TYR D 2 4.27 4.16 -34.05
C TYR D 2 3.10 3.23 -33.89
N HIS D 3 3.31 2.19 -33.08
CA HIS D 3 2.21 1.37 -32.60
C HIS D 3 1.27 2.21 -31.75
N GLY D 4 -0.01 2.20 -32.11
CA GLY D 4 -1.00 2.93 -31.34
C GLY D 4 -1.45 4.21 -32.03
N ALA D 5 -0.54 4.83 -32.76
CA ALA D 5 -0.83 6.08 -33.44
C ALA D 5 -1.99 5.84 -34.38
N LEU D 6 -3.04 6.61 -34.19
CA LEU D 6 -4.28 6.43 -34.92
C LEU D 6 -4.33 7.45 -36.04
N ALA D 7 -3.97 8.67 -35.70
CA ALA D 7 -4.22 9.82 -36.57
C ALA D 7 -3.43 10.97 -35.98
N GLN D 8 -3.72 12.18 -36.48
CA GLN D 8 -2.82 13.34 -36.33
C GLN D 8 -2.13 13.40 -34.98
N HIS D 9 -2.90 13.69 -33.93
CA HIS D 9 -2.38 13.62 -32.58
C HIS D 9 -3.35 12.76 -31.75
N LEU D 10 -3.73 11.62 -32.31
CA LEU D 10 -4.77 10.78 -31.75
C LEU D 10 -4.20 9.38 -31.64
N ASP D 11 -4.40 8.74 -30.49
CA ASP D 11 -3.89 7.40 -30.31
C ASP D 11 -4.77 6.50 -29.46
N ILE D 12 -4.62 5.20 -29.66
CA ILE D 12 -5.35 4.19 -28.91
C ILE D 12 -5.52 4.42 -27.40
N ALA D 13 -4.44 4.46 -26.64
CA ALA D 13 -4.61 4.59 -25.18
C ALA D 13 -5.46 5.80 -24.79
N GLN D 14 -5.42 6.84 -25.60
CA GLN D 14 -6.14 8.03 -25.26
C GLN D 14 -7.64 7.88 -25.48
N LEU D 15 -8.03 7.12 -26.50
CA LEU D 15 -9.44 6.86 -26.71
C LEU D 15 -9.94 5.94 -25.63
N VAL D 16 -9.12 4.97 -25.27
CA VAL D 16 -9.48 4.10 -24.15
C VAL D 16 -9.67 4.83 -22.82
N TRP D 17 -8.94 5.91 -22.60
CA TRP D 17 -9.19 6.70 -21.40
C TRP D 17 -10.63 7.21 -21.40
N TYR D 18 -11.08 7.70 -22.55
CA TYR D 18 -12.45 8.21 -22.69
C TYR D 18 -13.47 7.12 -22.52
N ALA D 19 -13.17 5.92 -23.00
CA ALA D 19 -14.12 4.84 -22.84
C ALA D 19 -14.22 4.43 -21.38
N GLN D 20 -13.06 4.37 -20.71
CA GLN D 20 -13.01 3.94 -19.33
C GLN D 20 -13.85 4.91 -18.47
N TRP D 21 -13.72 6.19 -18.71
CA TRP D 21 -14.53 7.16 -17.96
C TRP D 21 -16.01 6.97 -18.14
N LEU D 22 -16.38 6.78 -19.39
CA LEU D 22 -17.76 6.55 -19.75
C LEU D 22 -18.30 5.32 -19.08
N VAL D 23 -17.56 4.24 -19.16
CA VAL D 23 -18.04 3.00 -18.63
C VAL D 23 -18.28 3.17 -17.14
N ILE D 24 -17.41 3.95 -16.50
CA ILE D 24 -17.57 4.19 -15.08
C ILE D 24 -18.82 5.02 -14.73
N TRP D 25 -19.03 6.13 -15.42
CA TRP D 25 -20.20 6.95 -15.09
C TRP D 25 -21.55 6.33 -15.45
N THR D 26 -21.55 5.59 -16.54
CA THR D 26 -22.66 4.72 -16.88
C THR D 26 -22.99 3.76 -15.76
N VAL D 27 -22.03 2.97 -15.30
CA VAL D 27 -22.36 1.98 -14.31
C VAL D 27 -22.77 2.68 -13.03
N VAL D 28 -22.08 3.75 -12.69
CA VAL D 28 -22.32 4.41 -11.41
C VAL D 28 -23.69 5.10 -11.35
N LEU D 29 -23.96 6.00 -12.31
CA LEU D 29 -25.21 6.78 -12.37
C LEU D 29 -26.43 6.00 -12.82
N LEU D 30 -26.26 5.16 -13.82
CA LEU D 30 -27.40 4.59 -14.49
C LEU D 30 -27.76 3.22 -13.92
N TYR D 31 -26.81 2.59 -13.24
CA TYR D 31 -27.06 1.36 -12.51
C TYR D 31 -27.01 1.49 -10.97
N LEU D 32 -25.82 1.77 -10.42
CA LEU D 32 -25.67 1.74 -8.95
C LEU D 32 -26.54 2.77 -8.27
N ARG D 33 -26.48 4.01 -8.77
CA ARG D 33 -27.31 5.05 -8.23
C ARG D 33 -28.81 4.72 -8.30
N ARG D 34 -29.22 3.80 -9.16
CA ARG D 34 -30.63 3.40 -9.16
C ARG D 34 -30.98 2.20 -8.28
N GLU D 35 -30.12 1.19 -8.25
CA GLU D 35 -30.15 0.20 -7.19
C GLU D 35 -30.28 0.86 -5.80
N ASP D 36 -29.57 1.96 -5.55
CA ASP D 36 -29.73 2.61 -4.25
C ASP D 36 -31.18 3.08 -3.95
N ARG D 37 -32.07 3.11 -4.98
CA ARG D 37 -33.39 3.70 -4.78
C ARG D 37 -34.51 2.69 -4.72
N ARG D 38 -34.15 1.43 -4.51
CA ARG D 38 -35.13 0.39 -4.25
C ARG D 38 -35.87 0.49 -2.93
N GLU D 39 -35.41 1.37 -2.04
CA GLU D 39 -36.02 1.49 -0.70
C GLU D 39 -36.17 2.94 -0.34
N GLY D 40 -37.38 3.35 -0.03
CA GLY D 40 -37.57 4.69 0.49
C GLY D 40 -38.09 5.67 -0.54
N TYR D 41 -38.08 5.27 -1.82
CA TYR D 41 -38.64 6.07 -2.89
C TYR D 41 -40.07 5.67 -3.25
N PRO D 42 -40.87 6.66 -3.69
CA PRO D 42 -40.35 8.02 -3.89
C PRO D 42 -40.38 8.82 -2.61
N LEU D 43 -39.52 9.83 -2.58
CA LEU D 43 -39.44 10.75 -1.48
C LEU D 43 -40.82 11.26 -1.12
N VAL D 44 -41.06 11.41 0.18
CA VAL D 44 -42.31 11.97 0.64
C VAL D 44 -42.14 13.45 1.01
N GLU D 45 -43.28 14.00 0.99
CA GLU D 45 -43.25 15.46 1.07
C GLU D 45 -44.54 16.00 1.60
N PRO D 46 -44.66 17.32 1.66
CA PRO D 46 -45.93 17.96 1.90
C PRO D 46 -46.76 17.61 0.66
N LEU D 47 -48.10 18.09 0.72
CA LEU D 47 -48.99 17.79 -0.39
C LEU D 47 -49.30 19.05 -1.19
N GLY D 48 -49.45 18.89 -2.49
CA GLY D 48 -49.86 20.00 -3.34
C GLY D 48 -51.37 20.05 -3.44
N LEU D 49 -51.94 21.25 -3.35
CA LEU D 49 -53.38 21.42 -3.39
C LEU D 49 -53.97 21.00 -4.73
N VAL D 50 -53.27 21.36 -5.81
CA VAL D 50 -53.65 20.92 -7.15
C VAL D 50 -52.39 20.38 -7.82
N LYS D 51 -52.41 19.08 -8.12
CA LYS D 51 -51.30 18.42 -8.79
C LYS D 51 -51.84 17.18 -9.49
N LEU D 52 -51.32 16.91 -10.69
CA LEU D 52 -51.87 15.85 -11.53
C LEU D 52 -50.79 15.04 -12.25
N ALA D 53 -49.62 14.82 -12.33
CA ALA D 53 -48.61 14.12 -13.11
C ALA D 53 -47.86 13.01 -12.43
N PRO D 54 -47.67 11.89 -13.12
CA PRO D 54 -46.75 10.87 -12.65
C PRO D 54 -45.35 11.51 -12.67
N GLU D 55 -45.01 12.70 -11.53
CA GLU D 55 -43.78 13.52 -11.68
C GLU D 55 -42.59 12.82 -12.41
N ASP D 56 -42.25 13.32 -13.59
CA ASP D 56 -41.39 12.63 -14.56
C ASP D 56 -40.15 11.97 -13.97
N GLY D 57 -39.40 12.73 -13.17
CA GLY D 57 -38.12 12.30 -12.64
C GLY D 57 -38.17 11.26 -11.55
N GLN D 58 -39.30 11.14 -10.88
CA GLN D 58 -39.57 10.03 -9.97
C GLN D 58 -39.66 8.71 -10.70
N VAL D 59 -39.98 8.76 -11.98
CA VAL D 59 -39.99 7.55 -12.78
C VAL D 59 -38.55 7.21 -13.18
N TYR D 60 -37.85 8.24 -13.66
CA TYR D 60 -36.57 8.06 -14.33
C TYR D 60 -35.51 7.61 -13.35
N GLU D 61 -35.59 8.09 -12.13
CA GLU D 61 -34.61 7.70 -11.16
C GLU D 61 -34.83 6.33 -10.54
N LEU D 62 -35.93 5.65 -10.85
CA LEU D 62 -36.14 4.33 -10.26
C LEU D 62 -35.67 3.25 -11.18
N PRO D 63 -35.19 2.13 -10.61
CA PRO D 63 -34.94 0.92 -11.40
C PRO D 63 -36.26 0.27 -11.78
N TYR D 64 -36.21 -0.77 -12.58
CA TYR D 64 -37.39 -1.60 -12.73
C TYR D 64 -37.56 -2.45 -11.50
N PRO D 65 -38.80 -2.74 -11.07
CA PRO D 65 -38.94 -3.51 -9.85
C PRO D 65 -38.29 -4.88 -9.98
N LYS D 66 -37.74 -5.38 -8.87
CA LYS D 66 -37.25 -6.75 -8.78
C LYS D 66 -38.04 -7.51 -7.71
N THR D 67 -38.22 -8.81 -7.95
CA THR D 67 -38.93 -9.68 -7.01
C THR D 67 -38.03 -10.79 -6.45
N PHE D 68 -38.00 -10.85 -5.13
CA PHE D 68 -37.26 -11.87 -4.42
C PHE D 68 -38.23 -13.02 -4.13
N VAL D 69 -37.91 -14.25 -4.50
CA VAL D 69 -38.80 -15.30 -4.05
C VAL D 69 -38.20 -15.88 -2.80
N LEU D 70 -38.98 -15.77 -1.74
CA LEU D 70 -38.54 -16.04 -0.38
C LEU D 70 -38.46 -17.54 -0.13
N PRO D 71 -37.58 -17.97 0.79
CA PRO D 71 -37.21 -19.38 0.86
C PRO D 71 -38.31 -20.28 1.42
N HIS D 72 -39.11 -19.76 2.32
CA HIS D 72 -40.20 -20.54 2.89
C HIS D 72 -41.50 -19.94 2.40
N GLY D 73 -41.41 -19.27 1.24
CA GLY D 73 -42.58 -18.89 0.47
C GLY D 73 -42.98 -17.42 0.49
N GLY D 74 -43.78 -17.06 -0.51
CA GLY D 74 -44.10 -15.66 -0.72
C GLY D 74 -43.04 -14.98 -1.56
N THR D 75 -43.16 -13.67 -1.69
CA THR D 75 -42.22 -12.91 -2.47
C THR D 75 -42.23 -11.50 -1.96
N VAL D 76 -41.32 -10.71 -2.47
CA VAL D 76 -41.21 -9.33 -2.05
C VAL D 76 -40.73 -8.60 -3.28
N THR D 77 -41.35 -7.46 -3.54
CA THR D 77 -40.99 -6.70 -4.71
C THR D 77 -40.49 -5.34 -4.29
N VAL D 78 -39.32 -4.96 -4.79
CA VAL D 78 -38.80 -3.65 -4.52
C VAL D 78 -38.27 -3.07 -5.82
N PRO D 79 -38.40 -1.74 -6.02
CA PRO D 79 -39.04 -0.83 -5.06
C PRO D 79 -40.52 -1.13 -5.00
N ARG D 80 -41.17 -0.63 -3.96
CA ARG D 80 -42.62 -0.61 -3.90
C ARG D 80 -43.04 0.44 -2.88
N ARG D 81 -44.27 0.91 -2.99
CA ARG D 81 -44.71 2.03 -2.16
C ARG D 81 -45.06 1.55 -0.76
N ARG D 82 -44.36 2.12 0.21
CA ARG D 82 -44.34 1.61 1.57
C ARG D 82 -44.40 2.81 2.52
N PRO D 83 -45.58 3.44 2.62
CA PRO D 83 -45.75 4.66 3.41
C PRO D 83 -45.95 4.35 4.88
N GLU D 84 -45.56 5.28 5.74
CA GLU D 84 -45.68 5.06 7.17
C GLU D 84 -47.07 5.52 7.58
N THR D 85 -47.95 4.55 7.76
CA THR D 85 -49.33 4.80 8.15
C THR D 85 -49.40 5.22 9.61
N ARG D 86 -48.62 4.53 10.44
CA ARG D 86 -48.60 4.76 11.88
C ARG D 86 -48.51 6.23 12.23
N GLU D 87 -49.27 6.62 13.26
CA GLU D 87 -49.32 8.00 13.72
C GLU D 87 -48.07 8.28 14.53
N LEU D 88 -47.57 9.51 14.44
CA LEU D 88 -46.31 9.85 15.07
C LEU D 88 -46.48 10.94 16.09
N LYS D 89 -46.05 10.67 17.32
CA LYS D 89 -46.16 11.64 18.39
C LYS D 89 -44.96 12.59 18.44
N LEU D 90 -44.92 13.47 17.45
CA LEU D 90 -43.83 14.41 17.19
C LEU D 90 -44.47 15.74 16.78
N ALA D 91 -43.85 16.84 17.16
CA ALA D 91 -44.43 18.15 16.86
C ALA D 91 -43.34 19.01 16.25
N GLN D 92 -43.70 19.75 15.20
CA GLN D 92 -42.73 20.65 14.54
C GLN D 92 -42.26 21.75 15.49
N THR D 93 -40.95 21.86 15.66
CA THR D 93 -40.33 22.80 16.60
C THR D 93 -40.25 24.21 16.03
N ASP D 94 -40.26 24.30 14.71
CA ASP D 94 -40.21 25.56 13.99
C ASP D 94 -40.92 25.30 12.66
N GLY D 95 -40.81 26.25 11.73
CA GLY D 95 -41.60 26.13 10.52
C GLY D 95 -40.96 25.28 9.45
N PHE D 96 -39.81 25.75 8.96
CA PHE D 96 -39.12 25.17 7.81
C PHE D 96 -38.98 23.65 7.88
N GLU D 97 -38.88 23.00 6.72
CA GLU D 97 -38.66 21.56 6.72
C GLU D 97 -37.30 21.18 7.30
N GLY D 98 -36.37 22.14 7.40
CA GLY D 98 -35.13 21.84 8.09
C GLY D 98 -35.37 21.40 9.52
N ALA D 99 -36.43 21.91 10.13
CA ALA D 99 -36.62 21.83 11.57
C ALA D 99 -36.76 20.41 12.10
N PRO D 100 -36.08 20.12 13.20
CA PRO D 100 -36.29 18.83 13.87
C PRO D 100 -37.67 18.74 14.54
N LEU D 101 -38.21 17.52 14.66
CA LEU D 101 -39.46 17.27 15.41
C LEU D 101 -39.16 16.92 16.87
N GLN D 102 -40.12 17.15 17.75
CA GLN D 102 -40.03 16.83 19.18
C GLN D 102 -41.08 15.78 19.59
N PRO D 103 -40.72 14.84 20.47
CA PRO D 103 -41.80 13.97 20.97
C PRO D 103 -42.84 14.72 21.79
N THR D 104 -44.11 14.38 21.58
CA THR D 104 -45.18 14.99 22.36
C THR D 104 -45.62 14.13 23.56
N GLY D 105 -45.05 12.92 23.66
CA GLY D 105 -45.34 12.05 24.79
C GLY D 105 -44.10 11.37 25.33
N ASN D 106 -44.24 10.10 25.71
CA ASN D 106 -43.07 9.31 26.05
C ASN D 106 -42.60 8.64 24.78
N PRO D 107 -41.48 9.12 24.21
CA PRO D 107 -41.00 8.65 22.91
C PRO D 107 -40.58 7.21 22.99
N LEU D 108 -40.22 6.74 24.17
CA LEU D 108 -39.80 5.35 24.34
C LEU D 108 -40.96 4.43 24.00
N VAL D 109 -42.12 4.77 24.52
CA VAL D 109 -43.28 3.95 24.25
C VAL D 109 -43.96 4.44 22.96
N ASP D 110 -44.02 5.75 22.79
CA ASP D 110 -44.46 6.35 21.53
C ASP D 110 -43.73 5.79 20.30
N ALA D 111 -42.50 5.33 20.52
CA ALA D 111 -41.61 4.84 19.48
C ALA D 111 -41.20 5.90 18.45
N VAL D 112 -40.57 6.98 18.89
CA VAL D 112 -40.08 7.95 17.91
C VAL D 112 -38.59 8.25 18.05
N GLY D 113 -38.00 8.94 17.04
CA GLY D 113 -36.57 9.26 17.03
C GLY D 113 -35.76 7.99 17.17
N PRO D 114 -34.81 7.93 18.12
CA PRO D 114 -33.98 6.73 18.28
C PRO D 114 -34.77 5.47 18.67
N ALA D 115 -36.03 5.69 19.07
CA ALA D 115 -36.94 4.64 19.57
C ALA D 115 -37.88 4.05 18.48
N SER D 116 -37.60 4.40 17.23
CA SER D 116 -38.45 4.00 16.12
C SER D 116 -38.17 2.57 15.72
N TYR D 117 -39.19 1.86 15.28
CA TYR D 117 -38.92 0.61 14.60
C TYR D 117 -39.45 0.65 13.17
N ALA D 118 -38.98 -0.29 12.36
CA ALA D 118 -39.38 -0.37 10.97
C ALA D 118 -40.63 -1.21 10.98
N GLU D 119 -41.46 -1.06 9.95
CA GLU D 119 -42.62 -1.93 9.82
C GLU D 119 -42.23 -3.28 9.28
N ARG D 120 -41.45 -4.06 10.01
CA ARG D 120 -41.03 -5.34 9.44
C ARG D 120 -42.19 -6.33 9.47
N ALA D 121 -42.06 -7.45 8.78
CA ALA D 121 -43.09 -8.49 8.83
C ALA D 121 -43.40 -8.86 10.26
N GLU D 122 -44.66 -9.11 10.59
CA GLU D 122 -44.95 -9.80 11.83
C GLU D 122 -44.80 -11.29 11.60
N VAL D 123 -43.60 -11.70 11.24
CA VAL D 123 -43.32 -13.13 11.10
C VAL D 123 -42.04 -13.56 11.80
N VAL D 124 -42.02 -14.83 12.21
CA VAL D 124 -40.94 -15.37 13.02
C VAL D 124 -39.83 -15.74 12.09
N ASP D 125 -38.65 -15.18 12.33
CA ASP D 125 -37.57 -15.44 11.41
C ASP D 125 -37.26 -16.91 11.56
N ALA D 126 -37.05 -17.60 10.46
CA ALA D 126 -36.92 -19.03 10.54
C ALA D 126 -35.55 -19.46 10.11
N THR D 127 -35.14 -20.64 10.57
CA THR D 127 -33.90 -21.24 10.13
C THR D 127 -34.15 -21.80 8.73
N VAL D 128 -33.18 -22.52 8.19
CA VAL D 128 -33.20 -22.85 6.76
C VAL D 128 -34.13 -24.02 6.58
N ASP D 129 -34.35 -24.73 7.68
CA ASP D 129 -35.07 -25.98 7.62
C ASP D 129 -36.45 -25.78 8.25
N GLY D 130 -36.77 -24.52 8.51
CA GLY D 130 -38.15 -24.19 8.71
C GLY D 130 -38.49 -23.80 10.11
N LYS D 131 -37.62 -24.12 11.06
CA LYS D 131 -37.86 -23.79 12.47
C LYS D 131 -37.82 -22.30 12.85
N ALA D 132 -38.35 -21.95 14.02
CA ALA D 132 -38.10 -20.63 14.59
C ALA D 132 -36.61 -20.43 14.85
N LYS D 133 -36.08 -19.26 14.50
CA LYS D 133 -34.64 -19.03 14.54
C LYS D 133 -34.16 -18.49 15.87
N ILE D 134 -34.80 -17.45 16.39
CA ILE D 134 -34.34 -16.87 17.64
C ILE D 134 -35.28 -17.30 18.77
N VAL D 135 -34.77 -18.21 19.60
CA VAL D 135 -35.57 -18.89 20.61
C VAL D 135 -34.80 -19.08 21.92
N PRO D 136 -35.51 -19.02 23.06
CA PRO D 136 -34.87 -19.09 24.37
C PRO D 136 -34.22 -20.47 24.52
N LEU D 137 -33.19 -20.59 25.35
CA LEU D 137 -32.51 -21.86 25.55
C LEU D 137 -33.40 -22.84 26.29
N ARG D 138 -34.43 -22.32 26.95
CA ARG D 138 -35.49 -23.19 27.50
C ARG D 138 -36.04 -24.09 26.40
N VAL D 139 -36.06 -23.56 25.18
CA VAL D 139 -36.57 -24.25 24.01
C VAL D 139 -35.39 -24.85 23.26
N ALA D 140 -34.42 -23.99 22.92
CA ALA D 140 -33.21 -24.42 22.22
C ALA D 140 -32.33 -25.28 23.13
N THR D 141 -32.70 -26.55 23.23
CA THR D 141 -32.18 -27.45 24.26
C THR D 141 -30.86 -28.13 23.86
N ASP D 142 -30.67 -28.31 22.57
CA ASP D 142 -29.40 -28.80 22.08
C ASP D 142 -28.27 -27.75 22.07
N PHE D 143 -28.57 -26.54 22.54
CA PHE D 143 -27.61 -25.44 22.60
C PHE D 143 -27.12 -25.23 24.03
N SER D 144 -26.08 -24.43 24.21
CA SER D 144 -25.49 -24.25 25.53
C SER D 144 -24.63 -23.02 25.56
N ILE D 145 -24.07 -22.71 26.72
CA ILE D 145 -23.03 -21.69 26.78
C ILE D 145 -21.69 -22.37 26.77
N ALA D 146 -20.77 -21.83 25.97
CA ALA D 146 -19.40 -22.36 25.92
C ALA D 146 -18.74 -22.32 27.29
N GLU D 147 -18.10 -23.43 27.65
CA GLU D 147 -17.39 -23.53 28.92
C GLU D 147 -16.35 -22.42 28.94
N GLY D 148 -16.48 -21.54 29.91
CA GLY D 148 -15.50 -20.48 30.03
C GLY D 148 -16.18 -19.15 30.16
N ASP D 149 -17.41 -19.07 29.66
CA ASP D 149 -18.16 -17.81 29.64
C ASP D 149 -19.14 -17.74 30.81
N VAL D 150 -19.63 -16.53 31.07
CA VAL D 150 -20.61 -16.29 32.09
C VAL D 150 -21.96 -16.86 31.64
N ASP D 151 -22.54 -17.74 32.47
CA ASP D 151 -23.96 -18.14 32.38
C ASP D 151 -24.72 -17.09 33.17
N PRO D 152 -25.47 -16.20 32.49
CA PRO D 152 -25.99 -15.06 33.23
C PRO D 152 -27.27 -15.43 33.96
N ARG D 153 -27.83 -16.61 33.70
CA ARG D 153 -29.09 -17.02 34.33
C ARG D 153 -28.98 -17.03 35.85
N GLY D 154 -29.76 -16.16 36.49
CA GLY D 154 -29.62 -15.92 37.92
C GLY D 154 -29.03 -14.56 38.29
N LEU D 155 -28.10 -14.08 37.48
CA LEU D 155 -27.46 -12.78 37.70
C LEU D 155 -28.48 -11.67 37.68
N PRO D 156 -28.28 -10.65 38.51
CA PRO D 156 -29.15 -9.45 38.49
C PRO D 156 -28.81 -8.50 37.33
N VAL D 157 -29.86 -7.87 36.78
CA VAL D 157 -29.71 -6.83 35.77
C VAL D 157 -29.79 -5.49 36.46
N VAL D 158 -28.80 -4.65 36.23
CA VAL D 158 -28.68 -3.38 36.94
C VAL D 158 -28.76 -2.26 35.93
N ALA D 159 -29.67 -1.32 36.15
CA ALA D 159 -30.07 -0.38 35.11
C ALA D 159 -29.20 0.87 35.17
N ALA D 160 -29.52 1.87 34.35
CA ALA D 160 -28.68 3.06 34.23
C ALA D 160 -28.53 3.80 35.56
N ASP D 161 -29.58 3.68 36.37
CA ASP D 161 -29.67 4.41 37.63
C ASP D 161 -29.09 3.57 38.75
N GLY D 162 -28.29 2.57 38.40
CA GLY D 162 -27.69 1.72 39.41
C GLY D 162 -28.65 0.78 40.14
N VAL D 163 -29.92 0.79 39.75
CA VAL D 163 -30.92 0.04 40.51
C VAL D 163 -31.19 -1.32 39.88
N GLU D 164 -31.18 -2.38 40.69
CA GLU D 164 -31.45 -3.72 40.19
C GLU D 164 -32.86 -3.75 39.67
N ALA D 165 -33.02 -4.13 38.40
CA ALA D 165 -34.25 -3.92 37.65
C ALA D 165 -34.92 -5.22 37.29
N GLY D 166 -34.20 -6.33 37.47
CA GLY D 166 -34.78 -7.64 37.24
C GLY D 166 -33.69 -8.69 37.36
N THR D 167 -34.01 -9.93 36.97
CA THR D 167 -33.14 -11.10 37.15
C THR D 167 -33.11 -11.93 35.86
N VAL D 168 -31.92 -12.15 35.32
CA VAL D 168 -31.80 -12.87 34.06
C VAL D 168 -32.34 -14.28 34.24
N THR D 169 -33.26 -14.63 33.36
CA THR D 169 -33.94 -15.88 33.40
C THR D 169 -33.46 -16.82 32.31
N ASP D 170 -33.18 -16.27 31.13
CA ASP D 170 -32.77 -17.08 29.98
C ASP D 170 -31.92 -16.27 28.99
N LEU D 171 -31.33 -16.97 28.05
CA LEU D 171 -30.72 -16.40 26.86
C LEU D 171 -31.51 -16.92 25.65
N TRP D 172 -31.72 -16.08 24.63
CA TRP D 172 -32.23 -16.56 23.35
C TRP D 172 -31.10 -16.66 22.34
N VAL D 173 -31.08 -17.74 21.58
CA VAL D 173 -29.96 -18.06 20.69
C VAL D 173 -30.45 -18.04 19.25
N ASP D 174 -29.54 -17.70 18.34
CA ASP D 174 -29.80 -17.66 16.91
C ASP D 174 -29.31 -19.02 16.43
N ARG D 175 -30.24 -19.93 16.16
CA ARG D 175 -29.90 -21.30 15.78
C ARG D 175 -29.28 -21.43 14.40
N SER D 176 -29.39 -20.37 13.60
CA SER D 176 -28.83 -20.44 12.25
C SER D 176 -27.34 -20.13 12.33
N GLU D 177 -27.00 -19.28 13.29
CA GLU D 177 -25.67 -18.72 13.37
C GLU D 177 -24.98 -19.06 14.67
N HIS D 178 -25.69 -19.81 15.51
CA HIS D 178 -25.16 -20.25 16.80
C HIS D 178 -24.59 -19.02 17.51
N TYR D 179 -25.46 -18.15 17.99
CA TYR D 179 -25.02 -16.86 18.48
C TYR D 179 -26.13 -16.28 19.33
N PHE D 180 -25.81 -15.92 20.56
CA PHE D 180 -26.82 -15.36 21.43
C PHE D 180 -27.18 -13.95 20.96
N ARG D 181 -28.42 -13.51 21.18
CA ARG D 181 -28.85 -12.19 20.69
C ARG D 181 -29.66 -11.34 21.68
N TYR D 182 -30.39 -11.98 22.61
CA TYR D 182 -31.03 -11.30 23.74
C TYR D 182 -30.91 -12.09 25.05
N LEU D 183 -31.12 -11.41 26.16
CA LEU D 183 -31.30 -12.09 27.43
C LEU D 183 -32.74 -11.80 27.83
N GLU D 184 -33.34 -12.73 28.56
CA GLU D 184 -34.67 -12.52 29.12
C GLU D 184 -34.49 -12.36 30.60
N LEU D 185 -35.15 -11.35 31.16
CA LEU D 185 -35.09 -11.14 32.58
C LEU D 185 -36.50 -11.03 33.14
N SER D 186 -36.64 -11.35 34.42
CA SER D 186 -37.90 -11.19 35.11
C SER D 186 -37.91 -9.79 35.65
N VAL D 187 -38.78 -8.95 35.13
CA VAL D 187 -38.80 -7.56 35.58
C VAL D 187 -39.19 -7.48 37.05
N ALA D 188 -38.49 -6.59 37.76
CA ALA D 188 -38.61 -6.49 39.19
C ALA D 188 -39.94 -5.86 39.51
N GLY D 189 -40.69 -6.49 40.39
CA GLY D 189 -41.92 -5.90 40.89
C GLY D 189 -43.04 -5.89 39.86
N SER D 190 -42.78 -6.50 38.72
CA SER D 190 -43.79 -6.69 37.70
C SER D 190 -43.89 -8.19 37.40
N ALA D 191 -45.06 -8.58 36.91
CA ALA D 191 -45.25 -9.93 36.46
C ALA D 191 -45.06 -9.94 34.97
N ARG D 192 -43.81 -9.78 34.55
CA ARG D 192 -43.46 -9.77 33.14
C ARG D 192 -41.99 -10.06 32.94
N THR D 193 -41.67 -10.64 31.79
CA THR D 193 -40.30 -10.71 31.31
C THR D 193 -40.05 -9.63 30.26
N ALA D 194 -38.79 -9.25 30.13
CA ALA D 194 -38.36 -8.41 29.03
C ALA D 194 -37.16 -9.11 28.43
N LEU D 195 -37.02 -8.92 27.12
CA LEU D 195 -35.81 -9.31 26.40
C LEU D 195 -34.99 -8.05 26.27
N ILE D 196 -33.67 -8.21 26.22
CA ILE D 196 -32.81 -7.08 25.98
C ILE D 196 -31.69 -7.58 25.13
N PRO D 197 -31.48 -6.92 23.98
CA PRO D 197 -30.55 -7.37 22.95
C PRO D 197 -29.18 -7.39 23.57
N LEU D 198 -28.34 -8.36 23.21
CA LEU D 198 -27.12 -8.52 23.97
C LEU D 198 -26.14 -7.36 23.80
N GLY D 199 -26.45 -6.47 22.85
CA GLY D 199 -25.62 -5.28 22.65
C GLY D 199 -25.80 -4.19 23.70
N PHE D 200 -26.94 -4.22 24.39
CA PHE D 200 -27.18 -3.26 25.48
C PHE D 200 -26.77 -3.83 26.84
N CYS D 201 -26.07 -4.94 26.80
CA CYS D 201 -25.67 -5.63 28.00
C CYS D 201 -24.18 -5.55 28.20
N ASP D 202 -23.77 -4.99 29.33
CA ASP D 202 -22.43 -5.18 29.80
C ASP D 202 -22.38 -6.36 30.78
N VAL D 203 -21.80 -7.46 30.34
CA VAL D 203 -21.93 -8.74 31.02
C VAL D 203 -20.81 -9.01 31.99
N LYS D 204 -21.05 -8.73 33.27
CA LYS D 204 -20.07 -8.96 34.34
C LYS D 204 -20.20 -10.36 34.90
N LYS D 205 -19.34 -10.69 35.85
CA LYS D 205 -19.33 -12.02 36.43
C LYS D 205 -20.46 -12.23 37.42
N ASP D 206 -21.00 -11.11 37.90
CA ASP D 206 -21.84 -11.10 39.10
C ASP D 206 -23.10 -10.26 38.91
N LYS D 207 -23.22 -9.66 37.73
CA LYS D 207 -24.35 -8.83 37.36
C LYS D 207 -24.24 -8.46 35.91
N ILE D 208 -25.34 -8.01 35.36
CA ILE D 208 -25.46 -7.63 33.97
C ILE D 208 -25.83 -6.15 34.04
N VAL D 209 -24.98 -5.31 33.48
CA VAL D 209 -25.21 -3.89 33.63
C VAL D 209 -25.75 -3.37 32.31
N VAL D 210 -26.88 -2.68 32.39
CA VAL D 210 -27.55 -2.11 31.23
C VAL D 210 -27.62 -0.61 31.44
N THR D 211 -27.01 0.16 30.55
CA THR D 211 -27.00 1.61 30.73
C THR D 211 -27.97 2.45 29.86
N SER D 212 -28.68 1.82 28.92
CA SER D 212 -29.55 2.56 28.04
C SER D 212 -30.76 3.16 28.79
N ILE D 213 -31.35 2.39 29.68
CA ILE D 213 -32.56 2.87 30.37
C ILE D 213 -32.49 2.68 31.90
N LEU D 214 -33.24 3.51 32.60
CA LEU D 214 -33.31 3.44 34.05
C LEU D 214 -34.15 2.26 34.44
N SER D 215 -34.03 1.82 35.69
CA SER D 215 -34.71 0.60 36.13
C SER D 215 -36.22 0.73 35.92
N GLU D 216 -36.74 1.94 36.14
CA GLU D 216 -38.15 2.24 35.92
C GLU D 216 -38.58 1.77 34.53
N GLN D 217 -37.73 2.06 33.54
CA GLN D 217 -38.18 2.02 32.15
C GLN D 217 -38.24 0.62 31.56
N PHE D 218 -37.81 -0.39 32.31
CA PHE D 218 -38.00 -1.78 31.87
C PHE D 218 -39.47 -2.21 31.87
N ALA D 219 -40.26 -1.60 32.74
CA ALA D 219 -41.67 -1.95 32.87
C ALA D 219 -42.39 -1.93 31.54
N ASN D 220 -41.99 -0.99 30.69
CA ASN D 220 -42.67 -0.76 29.42
C ASN D 220 -41.87 -1.22 28.23
N VAL D 221 -40.77 -1.93 28.46
CA VAL D 221 -40.15 -2.67 27.37
C VAL D 221 -41.29 -3.40 26.64
N PRO D 222 -41.28 -3.33 25.31
CA PRO D 222 -42.22 -4.10 24.48
C PRO D 222 -42.41 -5.55 24.93
N ARG D 223 -43.66 -6.00 24.86
CA ARG D 223 -44.03 -7.37 25.21
C ARG D 223 -44.13 -8.24 23.95
N LEU D 224 -43.70 -9.50 24.05
CA LEU D 224 -43.90 -10.45 22.98
C LEU D 224 -45.33 -11.00 23.06
N GLN D 225 -45.81 -11.59 21.97
CA GLN D 225 -47.11 -12.23 21.98
C GLN D 225 -46.98 -13.70 22.30
N SER D 226 -45.92 -14.32 21.81
CA SER D 226 -45.52 -15.59 22.37
C SER D 226 -44.41 -15.39 23.37
N ARG D 227 -43.96 -16.49 23.96
CA ARG D 227 -42.99 -16.42 25.04
C ARG D 227 -41.71 -17.12 24.60
N ASP D 228 -41.80 -17.91 23.54
CA ASP D 228 -40.68 -18.71 23.04
C ASP D 228 -40.47 -18.43 21.56
N GLN D 229 -40.94 -17.27 21.15
CA GLN D 229 -40.99 -16.90 19.75
C GLN D 229 -40.98 -15.40 19.69
N ILE D 230 -40.44 -14.86 18.60
CA ILE D 230 -40.35 -13.43 18.41
C ILE D 230 -40.36 -13.13 16.91
N THR D 231 -41.11 -12.11 16.51
CA THR D 231 -41.18 -11.73 15.10
C THR D 231 -40.16 -10.68 14.68
N LEU D 232 -39.86 -10.67 13.38
CA LEU D 232 -39.01 -9.65 12.83
C LEU D 232 -39.44 -8.28 13.33
N ARG D 233 -40.73 -8.01 13.32
CA ARG D 233 -41.10 -6.70 13.77
C ARG D 233 -41.01 -6.53 15.27
N GLU D 234 -41.18 -7.61 16.03
CA GLU D 234 -41.01 -7.52 17.47
C GLU D 234 -39.54 -7.24 17.86
N GLU D 235 -38.63 -8.01 17.27
CA GLU D 235 -37.20 -7.74 17.40
C GLU D 235 -36.88 -6.25 17.23
N ASP D 236 -37.50 -5.62 16.25
CA ASP D 236 -37.28 -4.19 15.99
C ASP D 236 -37.81 -3.32 17.10
N LYS D 237 -38.95 -3.71 17.67
CA LYS D 237 -39.55 -2.94 18.74
C LYS D 237 -38.73 -3.03 20.03
N VAL D 238 -38.33 -4.25 20.35
CA VAL D 238 -37.48 -4.51 21.50
C VAL D 238 -36.16 -3.73 21.41
N SER D 239 -35.51 -3.85 20.25
CA SER D 239 -34.21 -3.26 20.02
C SER D 239 -34.30 -1.76 20.04
N ALA D 240 -35.31 -1.21 19.37
CA ALA D 240 -35.43 0.23 19.27
C ALA D 240 -35.63 0.81 20.67
N TYR D 241 -36.30 0.07 21.54
CA TYR D 241 -36.70 0.60 22.85
C TYR D 241 -35.50 1.07 23.64
N TYR D 242 -34.56 0.15 23.85
CA TYR D 242 -33.35 0.46 24.57
C TYR D 242 -32.51 1.48 23.81
N ALA D 243 -32.49 1.38 22.48
CA ALA D 243 -31.73 2.32 21.67
C ALA D 243 -32.23 3.73 21.95
N GLY D 244 -33.53 3.88 22.14
CA GLY D 244 -34.09 5.20 22.43
C GLY D 244 -33.83 5.65 23.86
N GLY D 245 -33.50 4.69 24.72
CA GLY D 245 -33.02 5.03 26.04
C GLY D 245 -31.86 5.99 25.93
N LEU D 246 -31.02 5.77 24.93
CA LEU D 246 -29.76 6.47 24.85
C LEU D 246 -29.95 7.98 24.64
N LEU D 247 -30.92 8.38 23.83
CA LEU D 247 -31.17 9.82 23.65
C LEU D 247 -32.15 10.35 24.70
N TYR D 248 -32.91 9.45 25.33
CA TYR D 248 -34.14 9.82 26.03
C TYR D 248 -34.32 9.30 27.47
N ALA D 249 -33.41 8.47 27.97
CA ALA D 249 -33.63 7.87 29.29
C ALA D 249 -33.79 8.98 30.31
N THR D 250 -33.09 10.09 30.12
CA THR D 250 -33.23 11.24 31.01
C THR D 250 -33.20 12.55 30.22
N PRO D 251 -33.71 13.65 30.83
CA PRO D 251 -33.92 14.89 30.06
C PRO D 251 -32.63 15.51 29.55
N GLU D 252 -31.54 15.27 30.27
CA GLU D 252 -30.27 15.82 29.86
C GLU D 252 -29.60 15.08 28.70
N ARG D 253 -30.12 13.90 28.36
CA ARG D 253 -29.50 13.06 27.34
C ARG D 253 -29.59 13.61 25.90
N ALA D 254 -30.70 14.28 25.57
CA ALA D 254 -30.86 14.83 24.23
C ALA D 254 -30.11 16.15 24.08
N GLU D 255 -29.80 16.80 25.20
CA GLU D 255 -29.17 18.11 25.15
C GLU D 255 -27.70 18.00 24.83
N SER D 256 -27.15 19.14 24.43
CA SER D 256 -25.76 19.24 24.05
C SER D 256 -24.86 18.43 24.97
N LEU D 257 -24.17 17.44 24.39
CA LEU D 257 -23.31 16.54 25.14
C LEU D 257 -22.24 17.24 25.96
N LEU D 258 -21.78 18.39 25.50
CA LEU D 258 -20.87 19.22 26.27
C LEU D 258 -21.08 20.70 25.95
CHA HEM E . 62.33 5.97 -8.82
CHB HEM E . 63.77 6.77 -4.25
CHC HEM E . 59.83 4.62 -2.56
CHD HEM E . 58.61 3.45 -7.11
C1A HEM E . 63.11 6.29 -7.71
C2A HEM E . 64.44 6.87 -7.77
C3A HEM E . 64.81 7.16 -6.51
C4A HEM E . 63.76 6.68 -5.64
CMA HEM E . 66.15 7.84 -6.10
CAA HEM E . 65.38 7.05 -8.98
CBA HEM E . 66.31 5.87 -9.21
CGA HEM E . 66.81 5.79 -10.62
O1A HEM E . 66.17 5.08 -11.43
O2A HEM E . 67.79 6.49 -10.95
C1B HEM E . 62.83 6.25 -3.40
C2B HEM E . 62.92 6.24 -1.97
C3B HEM E . 61.71 5.90 -1.53
C4B HEM E . 61.01 5.31 -2.63
CMB HEM E . 64.12 6.53 -1.10
CAB HEM E . 61.01 6.07 -0.23
CBB HEM E . 61.32 7.42 0.41
C1C HEM E . 59.16 4.11 -3.65
C2C HEM E . 57.97 3.31 -3.58
C3C HEM E . 57.73 2.85 -4.83
C4C HEM E . 58.65 3.52 -5.72
CMC HEM E . 57.24 3.07 -2.31
CAC HEM E . 56.70 1.87 -5.33
CBC HEM E . 55.28 2.12 -4.87
C1D HEM E . 59.48 4.08 -8.00
C2D HEM E . 59.30 4.17 -9.45
C3D HEM E . 60.30 4.96 -9.92
C4D HEM E . 61.12 5.31 -8.78
CMD HEM E . 58.16 3.58 -10.33
CAD HEM E . 60.42 5.41 -11.36
CBD HEM E . 60.13 6.91 -11.50
CGD HEM E . 59.87 7.35 -12.94
O1D HEM E . 59.65 8.57 -13.15
O2D HEM E . 59.89 6.49 -13.86
NA HEM E . 62.78 6.04 -6.39
NB HEM E . 61.70 5.56 -3.79
NC HEM E . 59.56 4.24 -4.98
ND HEM E . 60.55 4.86 -7.61
FE HEM E . 61.14 5.17 -5.70
CHA HEM F . 47.97 -1.38 -7.78
CHB HEM F . 50.91 2.30 -6.90
CHC HEM F . 47.37 5.46 -7.87
CHD HEM F . 44.26 1.77 -7.98
C1A HEM F . 49.08 -0.67 -7.39
C2A HEM F . 50.35 -1.25 -7.05
C3A HEM F . 51.15 -0.22 -6.69
C4A HEM F . 50.41 1.00 -6.95
CMA HEM F . 52.53 -0.38 -6.01
CAA HEM F . 50.70 -2.71 -7.01
CBA HEM F . 50.41 -3.20 -5.61
CGA HEM F . 50.55 -4.69 -5.47
O1A HEM F . 51.17 -5.14 -4.49
O2A HEM F . 50.05 -5.43 -6.34
C1B HEM F . 50.21 3.48 -7.07
C2B HEM F . 50.80 4.80 -7.04
C3B HEM F . 49.83 5.68 -7.37
C4B HEM F . 48.62 4.93 -7.58
CMB HEM F . 52.26 5.10 -6.63
CAB HEM F . 49.81 7.19 -7.38
CBB HEM F . 50.89 7.80 -8.24
C1C HEM F . 46.20 4.74 -7.95
C2C HEM F . 44.87 5.30 -8.02
C3C HEM F . 43.99 4.27 -7.93
C4C HEM F . 44.78 3.06 -7.91
CMC HEM F . 44.52 6.77 -8.19
CAC HEM F . 42.50 4.11 -7.87
CBC HEM F . 41.82 4.77 -9.05
C1D HEM F . 45.02 0.59 -7.96
C2D HEM F . 44.49 -0.73 -8.27
C3D HEM F . 45.55 -1.57 -8.36
C4D HEM F . 46.71 -0.82 -8.00
CMD HEM F . 43.04 -1.02 -8.58
CAD HEM F . 45.62 -3.01 -8.82
CBD HEM F . 45.30 -4.06 -7.78
CGD HEM F . 46.49 -4.37 -6.93
O1D HEM F . 47.59 -4.63 -7.49
O2D HEM F . 46.35 -4.32 -5.69
NA HEM F . 49.09 0.69 -7.21
NB HEM F . 48.86 3.59 -7.33
NC HEM F . 46.12 3.37 -7.81
ND HEM F . 46.39 0.51 -7.84
FE HEM F . 47.63 2.03 -7.51
CHA HEM G . 20.65 6.64 -15.67
CHB HEM G . 17.66 5.00 -12.23
CHC HEM G . 20.56 6.79 -8.83
CHD HEM G . 23.25 8.90 -12.25
C1A HEM G . 19.56 6.08 -15.02
C2A HEM G . 18.48 5.40 -15.67
C3A HEM G . 17.65 4.96 -14.71
C4A HEM G . 18.20 5.37 -13.45
CMA HEM G . 16.34 4.23 -14.91
CAA HEM G . 18.15 5.20 -17.12
CBA HEM G . 17.99 6.46 -17.89
CGA HEM G . 17.49 6.22 -19.28
O1A HEM G . 17.03 5.09 -19.59
O2A HEM G . 17.56 7.19 -20.07
C1B HEM G . 18.18 5.35 -10.99
C2B HEM G . 17.61 4.96 -9.72
C3B HEM G . 18.48 5.38 -8.77
C4B HEM G . 19.52 6.12 -9.45
CMB HEM G . 16.33 4.21 -9.61
CAB HEM G . 18.60 5.18 -7.24
CBB HEM G . 18.56 3.69 -6.86
C1C HEM G . 21.51 7.56 -9.45
C2C HEM G . 22.50 8.35 -8.78
C3C HEM G . 23.13 9.09 -9.73
C4C HEM G . 22.67 8.60 -11.02
CMC HEM G . 22.68 8.46 -7.29
CAC HEM G . 24.08 10.30 -9.72
CBC HEM G . 25.37 10.04 -8.91
C1D HEM G . 22.80 8.41 -13.47
C2D HEM G . 23.47 8.63 -14.75
C3D HEM G . 22.78 7.94 -15.70
C4D HEM G . 21.65 7.35 -15.03
CMD HEM G . 24.70 9.52 -14.91
CAD HEM G . 23.09 7.84 -17.18
CBD HEM G . 23.97 6.67 -17.62
CGD HEM G . 24.61 6.86 -18.99
O1D HEM G . 25.48 6.06 -19.35
O2D HEM G . 24.20 7.76 -19.76
NA HEM G . 19.33 6.12 -13.65
NB HEM G . 19.31 6.13 -10.80
NC HEM G . 21.58 7.76 -10.82
ND HEM G . 21.70 7.60 -13.67
FE HEM G . 20.48 6.94 -12.22
CHA HEM H . 33.11 13.65 -7.96
CHB HEM H . 30.12 10.02 -9.03
CHC HEM H . 33.94 7.12 -9.87
CHD HEM H . 36.86 10.55 -8.09
C1A HEM H . 31.95 12.94 -8.20
C2A HEM H . 30.62 13.48 -8.16
C3A HEM H . 29.77 12.46 -8.37
C4A HEM H . 30.57 11.27 -8.60
CMA HEM H . 28.27 12.61 -8.28
CAA HEM H . 30.33 14.88 -7.76
CBA HEM H . 29.62 15.09 -6.43
CGA HEM H . 29.32 16.56 -6.18
O1A HEM H . 29.60 17.43 -7.05
O2A HEM H . 28.77 16.89 -5.11
C1B HEM H . 30.90 8.90 -9.37
C2B HEM H . 30.39 7.60 -9.81
C3B HEM H . 31.45 6.85 -10.16
C4B HEM H . 32.64 7.63 -9.85
CMB HEM H . 28.94 7.13 -9.98
CAB HEM H . 31.66 5.45 -10.76
CBB HEM H . 31.07 5.22 -12.13
C1C HEM H . 35.07 7.76 -9.40
C2C HEM H . 36.38 7.15 -9.28
C3C HEM H . 37.20 8.10 -8.73
C4C HEM H . 36.38 9.29 -8.54
CMC HEM H . 36.75 5.72 -9.60
CAC HEM H . 38.67 8.13 -8.28
CBC HEM H . 39.79 7.72 -9.28
C1D HEM H . 36.08 11.69 -7.91
C2D HEM H . 36.59 12.99 -7.55
C3D HEM H . 35.51 13.80 -7.39
C4D HEM H . 34.38 13.10 -7.89
CMD HEM H . 38.03 13.36 -7.41
CAD HEM H . 35.32 15.06 -6.70
CBD HEM H . 35.06 16.30 -7.49
CGD HEM H . 34.91 17.50 -6.59
O1D HEM H . 34.30 18.51 -7.01
O2D HEM H . 35.39 17.44 -5.43
NA HEM H . 31.91 11.58 -8.41
NB HEM H . 32.28 8.87 -9.36
NC HEM H . 35.07 9.02 -8.85
ND HEM H . 34.71 11.79 -8.12
FE HEM H . 33.52 10.33 -8.65
MG BCB I . 3.54 2.71 -1.59
CHA BCB I . 2.59 4.27 1.33
CHB BCB I . 0.57 0.84 -1.51
CHC BCB I . 4.56 1.07 -4.39
CHD BCB I . 5.94 5.14 -2.04
NA BCB I . 1.80 2.64 -0.31
C1A BCB I . 1.68 3.31 0.91
C2A BCB I . 0.43 2.84 1.64
C3A BCB I . -0.35 2.11 0.57
C4A BCB I . 0.69 1.81 -0.50
CMA BCB I . -1.00 0.87 1.13
CAA BCB I . -0.44 3.94 2.30
CBA BCB I . -0.99 4.95 1.36
CGA BCB I . -1.29 6.28 2.02
O1A BCB I . -0.46 6.89 2.69
O2A BCB I . -2.45 6.82 1.78
NB BCB I . 2.74 1.22 -2.70
C1B BCB I . 1.53 0.58 -2.50
C2B BCB I . 1.43 -0.50 -3.46
C3B BCB I . 2.53 -0.45 -4.25
C4B BCB I . 3.35 0.64 -3.80
CMB BCB I . 0.25 -1.46 -3.45
CAB BCB I . 3.02 -1.24 -5.36
OBB BCB I . 4.02 -0.99 -6.05
CBB BCB I . 2.14 -2.40 -5.79
NC BCB I . 5.02 3.05 -2.96
C1C BCB I . 5.32 2.18 -4.00
C2C BCB I . 6.51 2.72 -4.73
C3C BCB I . 6.78 4.05 -4.11
C4C BCB I . 5.91 4.14 -3.01
CMC BCB I . 7.65 1.80 -4.53
CAC BCB I . 7.77 4.90 -4.37
CBC BCB I . 8.75 4.64 -5.51
ND BCB I . 4.22 4.27 -0.59
C1D BCB I . 5.16 5.21 -0.88
C2D BCB I . 5.28 6.19 0.19
C3D BCB I . 4.36 5.82 1.12
C4D BCB I . 3.66 4.68 0.58
CMD BCB I . 6.29 7.34 0.27
CAD BCB I . 3.80 6.06 2.44
OBD BCB I . 4.11 6.85 3.33
CBD BCB I . 2.58 5.14 2.59
CGD BCB I . 2.91 4.16 3.72
O1D BCB I . 1.98 3.93 4.53
O2D BCB I . 4.04 3.36 3.59
CED BCB I . 4.61 3.25 4.81
C1 BCB I . -2.62 8.17 2.28
C2 BCB I . -3.99 8.41 2.33
C3 BCB I . -4.53 9.54 2.90
C4 BCB I . -3.66 10.60 3.50
C5 BCB I . -6.00 9.74 3.00
C6 BCB I . -6.44 11.13 3.41
C7 BCB I . -7.95 11.27 3.26
C8 BCB I . -8.51 12.35 4.15
C9 BCB I . -8.76 11.76 5.48
C10 BCB I . -9.79 12.83 3.50
C11 BCB I . -9.59 13.47 2.15
C12 BCB I . -10.85 14.21 1.70
C13 BCB I . -10.78 14.84 0.31
C14 BCB I . -9.99 16.13 0.38
C15 BCB I . -12.25 15.19 0.05
C16 BCB I . -12.58 15.51 -1.38
C17 BCB I . -14.02 15.99 -1.51
C18 BCB I . -14.85 15.28 -2.57
C19 BCB I . -16.30 15.52 -2.31
C20 BCB I . -14.58 13.79 -2.54
MG BCB J . -3.56 10.52 -3.54
CHA BCB J . -4.53 8.89 -6.44
CHB BCB J . -6.50 12.31 -3.65
CHC BCB J . -3.02 11.51 -0.32
CHD BCB J . -1.00 8.24 -3.18
NA BCB J . -5.22 10.65 -4.92
C1A BCB J . -5.41 9.86 -6.04
C2A BCB J . -6.69 10.27 -6.73
C3A BCB J . -7.06 11.55 -6.05
C4A BCB J . -6.25 11.54 -4.79
CMA BCB J . -6.59 12.75 -6.90
CAA BCB J . -7.76 9.21 -6.47
CBA BCB J . -8.06 9.05 -4.99
CGA BCB J . -9.08 8.00 -4.75
O1A BCB J . -9.82 7.64 -5.67
O2A BCB J . -9.23 7.39 -3.53
NB BCB J . -4.61 11.62 -2.20
C1B BCB J . -5.77 12.34 -2.47
C2B BCB J . -6.13 13.12 -1.30
C3B BCB J . -5.17 12.89 -0.35
C4B BCB J . -4.20 11.95 -0.92
CMB BCB J . -7.39 14.02 -1.26
CAB BCB J . -4.97 13.39 1.01
OBB BCB J . -4.12 12.96 1.79
CBB BCB J . -6.04 14.31 1.54
NC BCB J . -2.08 10.11 -2.11
C1C BCB J . -2.06 10.70 -0.86
C2C BCB J . -0.77 10.32 -0.22
C3C BCB J . -0.21 9.23 -1.06
C4C BCB J . -1.09 9.14 -2.16
CMC BCB J . 0.18 11.49 -0.21
CAC BCB J . 0.73 8.33 -0.69
CBC BCB J . 1.49 8.49 0.60
ND BCB J . -2.97 8.86 -4.46
C1D BCB J . -1.84 8.10 -4.29
C2D BCB J . -1.48 7.46 -5.54
C3D BCB J . -2.51 7.69 -6.37
C4D BCB J . -3.42 8.55 -5.70
CMD BCB J . -0.17 6.81 -5.83
CAD BCB J . -3.03 7.48 -7.70
OBD BCB J . -2.49 7.05 -8.72
CBD BCB J . -4.41 8.13 -7.77
CGD BCB J . -4.31 9.19 -8.85
O1D BCB J . -4.72 8.81 -9.97
O2D BCB J . -3.75 10.45 -8.66
CED BCB J . -3.48 11.13 -9.85
C1 BCB J . -10.51 6.72 -3.31
C2 BCB J . -11.49 7.71 -2.97
C3 BCB J . -12.78 7.65 -3.48
C4 BCB J . -13.27 6.56 -4.45
C5 BCB J . -13.84 8.66 -3.19
C6 BCB J . -13.70 9.83 -4.11
C7 BCB J . -12.60 10.76 -3.64
C8 BCB J . -12.11 11.67 -4.74
C9 BCB J . -11.80 10.84 -5.95
C10 BCB J . -10.96 12.62 -4.46
C11 BCB J . -10.96 13.83 -5.39
C12 BCB J . -10.47 15.03 -4.61
C13 BCB J . -9.93 16.17 -5.44
C14 BCB J . -8.98 15.65 -6.45
C15 BCB J . -9.06 16.98 -4.49
C16 BCB J . -9.45 18.42 -4.37
C17 BCB J . -10.69 18.53 -3.53
C18 BCB J . -11.02 19.97 -3.12
C19 BCB J . -10.06 20.93 -3.77
C20 BCB J . -12.48 20.31 -3.46
C1 BPB K . -4.46 -22.41 -6.10
C2 BPB K . -3.98 -23.69 -5.53
C3 BPB K . -2.89 -23.94 -4.70
C4 BPB K . -1.96 -22.82 -4.18
C5 BPB K . -2.43 -25.33 -4.27
C6 BPB K . -1.13 -25.52 -3.52
C7 BPB K . -1.27 -25.15 -2.05
C8 BPB K . -0.49 -26.05 -1.08
C9 BPB K . -0.92 -25.80 0.36
NA BPB K . -7.05 -15.40 -3.64
NB BPB K . -5.59 -12.91 -3.62
NC BPB K . -7.75 -11.26 -4.77
ND BPB K . -9.24 -13.56 -4.65
C10 BPB K . 1.02 -26.32 -1.18
C11 BPB K . 1.48 -27.60 -0.48
C12 BPB K . 2.90 -28.01 -0.89
C13 BPB K . 3.29 -29.44 -0.48
C14 BPB K . 4.70 -29.77 -0.96
C15 BPB K . 2.29 -30.52 -0.88
C16 BPB K . 2.39 -31.79 -0.04
C17 BPB K . 1.28 -32.77 -0.40
C18 BPB K . 1.22 -34.01 0.50
C19 BPB K . 2.41 -34.92 0.28
C1A BPB K . -8.01 -16.41 -3.79
O1A BPB K . -6.16 -20.03 -6.57
C1B BPB K . -4.63 -13.75 -2.98
C1C BPB K . -6.74 -10.33 -4.85
C1D BPB K . -10.26 -12.75 -5.00
O1D BPB K . -11.03 -18.97 -3.17
C20 BPB K . -0.10 -34.75 0.28
C2A BPB K . -7.45 -17.70 -3.28
O2A BPB K . -5.58 -21.94 -5.29
C2B BPB K . -3.35 -13.09 -3.01
C2C BPB K . -7.29 -9.07 -5.44
C2D BPB K . -11.52 -13.49 -5.03
O2D BPB K . -10.85 -17.05 -1.91
C3A BPB K . -6.23 -17.29 -2.48
C3B BPB K . -3.51 -11.85 -3.52
C3C BPB K . -8.78 -9.32 -5.53
C3D BPB K . -11.19 -14.80 -4.86
C4A BPB K . -5.95 -15.87 -2.95
C4B BPB K . -4.90 -11.71 -3.92
C4C BPB K . -8.94 -10.66 -5.17
C4D BPB K . -9.79 -14.85 -4.59
CAA BPB K . -7.06 -18.50 -4.51
CAB BPB K . -2.64 -10.71 -3.71
CAC BPB K . -9.80 -8.44 -5.90
CAD BPB K . -11.71 -16.15 -4.76
CBA BPB K . -6.33 -19.79 -4.22
CBB BPB K . -3.13 -9.60 -2.82
OBB BPB K . -1.51 -10.63 -4.18
CBC BPB K . -9.66 -6.96 -6.30
CBD BPB K . -10.52 -17.09 -4.48
OBD BPB K . -12.87 -16.56 -4.68
CED BPB K . -11.58 -17.39 -0.75
CGA BPB K . -5.99 -20.55 -5.47
CGD BPB K . -10.81 -17.74 -3.12
CHA BPB K . -9.32 -16.15 -4.26
CHB BPB K . -4.82 -15.11 -2.64
CHC BPB K . -5.44 -10.55 -4.48
CHD BPB K . -10.12 -11.40 -5.25
CMA BPB K . -6.55 -17.26 -0.98
CMB BPB K . -2.00 -13.59 -2.65
CMC BPB K . -7.01 -7.80 -4.60
CMD BPB K . -12.86 -12.87 -5.08
C1 BPB L . -15.09 17.71 4.26
C2 BPB L . -14.06 18.21 3.41
C3 BPB L . -14.26 18.52 2.07
C4 BPB L . -15.54 18.31 1.25
C5 BPB L . -13.20 19.25 1.26
C6 BPB L . -12.08 19.94 2.05
C7 BPB L . -11.12 20.58 1.10
C8 BPB L . -9.86 21.14 1.78
C9 BPB L . -10.17 22.33 2.65
NA BPB L . -13.01 9.81 2.77
NB BPB L . -10.50 8.72 1.78
NC BPB L . -10.54 6.63 3.87
ND BPB L . -12.92 7.64 4.78
C10 BPB L . -8.97 21.49 0.59
C11 BPB L . -8.26 20.28 -0.02
C12 BPB L . -7.25 19.72 0.93
C13 BPB L . -6.01 19.12 0.26
C14 BPB L . -5.17 18.44 1.31
C15 BPB L . -6.28 18.11 -0.85
C16 BPB L . -5.08 17.77 -1.66
C17 BPB L . -5.48 17.04 -2.87
C18 BPB L . -4.33 16.47 -3.65
C19 BPB L . -4.80 15.95 -5.00
C1A BPB L . -14.13 10.24 3.47
O1A BPB L . -13.75 15.51 4.60
C1B BPB L . -10.69 9.68 0.77
C1C BPB L . -9.36 6.31 3.21
C1D BPB L . -12.95 6.57 5.63
O1D BPB L . -17.83 10.70 4.56
C20 BPB L . -3.58 15.41 -2.84
C2A BPB L . -14.64 11.52 2.91
O2A BPB L . -15.57 16.46 3.71
C2B BPB L . -9.53 9.75 -0.10
C2C BPB L . -8.73 5.15 3.89
C2D BPB L . -14.20 6.51 6.36
O2D BPB L . -17.22 8.77 3.45
C3A BPB L . -13.96 11.61 1.57
C3B BPB L . -8.71 8.70 0.22
C3C BPB L . -9.69 4.76 4.98
C3D BPB L . -14.88 7.66 5.99
C4A BPB L . -12.84 10.60 1.63
C4B BPB L . -9.30 8.08 1.43
C4C BPB L . -10.76 5.67 4.87
C4D BPB L . -14.07 8.34 5.03
CAA BPB L . -14.29 12.79 3.73
CAB BPB L . -7.48 8.19 -0.33
CAC BPB L . -9.55 3.86 5.98
CAD BPB L . -16.03 8.49 6.22
CBA BPB L . -15.15 14.00 3.32
CBB BPB L . -6.87 6.86 0.03
OBB BPB L . -6.86 8.90 -1.14
CBC BPB L . -8.26 3.07 6.25
CBD BPB L . -15.87 9.76 5.38
OBD BPB L . -16.89 8.44 7.08
CED BPB L . -18.19 8.90 2.55
CGA BPB L . -14.75 15.34 3.91
CGD BPB L . -17.04 9.76 4.41
CHA BPB L . -14.64 9.52 4.55
CHB BPB L . -11.77 10.53 0.71
CHC BPB L . -8.81 6.98 2.12
CHD BPB L . -11.92 5.65 5.67
CMA BPB L . -14.90 11.22 0.45
CMB BPB L . -9.21 10.93 -1.07
CMC BPB L . -8.62 4.05 2.83
CMD BPB L . -14.59 5.42 7.43
N1 CET M . -17.37 -14.55 4.73
C2 CET M . -16.19 -14.38 4.20
CL2 CET M . -16.11 -13.04 3.06
N3 CET M . -15.06 -15.02 4.37
C4 CET M . -15.19 -16.03 5.28
N5 CET M . -16.33 -16.35 5.92
C6 CET M . -17.37 -15.60 5.62
N7 CET M . -14.11 -16.74 5.57
C8 CET M . -12.78 -16.53 5.01
C9 CET M . -12.78 -16.75 3.56
N9 CET M . -12.75 -16.90 2.38
C10 CET M . -12.36 -15.10 5.32
C11 CET M . -12.22 -14.94 6.81
C12 CET M . -11.81 -17.53 5.66
N13 CET M . -18.55 -15.86 6.22
C14 CET M . -19.79 -15.10 5.98
C15 CET M . -20.91 -15.52 6.88
N1 LDA N . -5.63 17.07 -20.10
O1 LDA N . -5.03 18.11 -20.40
CM1 LDA N . -4.75 16.19 -19.34
CM2 LDA N . -6.79 17.40 -19.27
C1 LDA N . -6.07 16.35 -21.31
C2 LDA N . -6.73 14.97 -21.39
C3 LDA N . -6.11 14.09 -22.49
C4 LDA N . -6.08 12.60 -22.09
C5 LDA N . -4.86 12.23 -21.26
C6 LDA N . -5.12 12.35 -19.76
C7 LDA N . -3.93 11.86 -18.91
C8 LDA N . -4.31 11.52 -17.48
C9 LDA N . -3.10 11.02 -16.70
C10 LDA N . -3.48 10.58 -15.30
C11 LDA N . -2.28 9.90 -14.64
C12 LDA N . -2.57 9.18 -13.35
FE FE2 O . -22.17 -6.42 4.35
S SO4 P . -27.70 -9.78 -10.11
O1 SO4 P . -27.14 -9.70 -8.76
O2 SO4 P . -26.76 -9.39 -11.11
O3 SO4 P . -28.15 -11.12 -10.27
O4 SO4 P . -28.71 -8.80 -10.20
S SO4 Q . -23.74 3.14 24.15
O1 SO4 Q . -24.55 3.66 23.12
O2 SO4 Q . -22.54 2.90 23.44
O3 SO4 Q . -23.54 4.09 25.17
O4 SO4 Q . -24.28 1.98 24.78
S SO4 R . -16.01 -29.97 -7.77
O1 SO4 R . -16.02 -31.22 -7.19
O2 SO4 R . -17.32 -29.54 -7.98
O3 SO4 R . -15.49 -29.09 -6.79
O4 SO4 R . -15.20 -30.03 -9.02
MG BCB S . 2.86 -9.83 -4.40
CHA BCB S . 3.55 -8.56 -1.22
CHB BCB S . 2.33 -12.93 -3.02
CHC BCB S . 1.70 -10.90 -7.41
CHD BCB S . 2.86 -6.55 -5.55
NA BCB S . 2.90 -10.62 -2.41
C1A BCB S . 3.22 -9.92 -1.24
C2A BCB S . 3.17 -10.86 -0.07
C3A BCB S . 3.15 -12.24 -0.69
C4A BCB S . 2.78 -11.97 -2.13
CMA BCB S . 4.54 -12.83 -0.67
CAA BCB S . 1.87 -10.59 0.66
CBA BCB S . 0.69 -11.34 0.08
CGA BCB S . -0.61 -10.77 0.52
O1A BCB S . -0.64 -10.07 1.51
O2A BCB S . -1.81 -11.06 -0.17
NB BCB S . 2.03 -11.54 -5.04
C1B BCB S . 1.97 -12.72 -4.33
C2B BCB S . 1.41 -13.73 -5.18
C3B BCB S . 1.12 -13.15 -6.39
C4B BCB S . 1.66 -11.80 -6.35
CMB BCB S . 1.29 -15.14 -4.70
CAB BCB S . 0.56 -13.71 -7.63
OBB BCB S . 0.64 -14.94 -7.77
CBB BCB S . -0.01 -12.91 -8.77
NC BCB S . 2.45 -8.86 -6.21
C1C BCB S . 2.06 -9.55 -7.35
C2C BCB S . 1.93 -8.55 -8.47
C3C BCB S . 2.02 -7.22 -7.80
C4C BCB S . 2.45 -7.50 -6.48
CMC BCB S . 3.14 -8.77 -9.42
CAC BCB S . 1.69 -5.93 -8.31
CBC BCB S . 1.34 -5.56 -9.79
ND BCB S . 3.23 -7.99 -3.65
C1D BCB S . 3.25 -6.75 -4.23
C2D BCB S . 3.83 -5.75 -3.32
C3D BCB S . 3.98 -6.43 -2.13
C4D BCB S . 3.57 -7.78 -2.34
CMD BCB S . 4.21 -4.33 -3.63
CAD BCB S . 4.40 -6.35 -0.74
OBD BCB S . 4.92 -5.45 -0.11
CBD BCB S . 4.02 -7.67 -0.07
CGD BCB S . 5.34 -8.27 0.39
O1D BCB S . 5.41 -8.60 1.60
O2D BCB S . 6.37 -8.48 -0.49
CED BCB S . 7.52 -8.96 0.03
C1 BCB S . -3.05 -10.83 0.58
C2 BCB S . -3.43 -12.02 1.12
C3 BCB S . -4.49 -12.87 0.89
C4 BCB S . -5.60 -12.53 -0.10
C5 BCB S . -4.38 -14.22 1.57
C6 BCB S . -5.73 -14.86 1.74
C7 BCB S . -6.27 -14.62 3.15
C8 BCB S . -7.80 -14.68 3.28
C9 BCB S . -8.32 -13.65 4.33
C10 BCB S . -8.21 -16.09 3.71
C11 BCB S . -7.77 -17.19 2.75
C12 BCB S . -8.42 -18.49 3.14
C13 BCB S . -7.60 -19.37 4.11
C14 BCB S . -6.82 -20.41 3.25
C15 BCB S . -8.38 -20.05 5.26
C16 BCB S . -7.48 -20.74 6.33
C17 BCB S . -8.22 -21.79 7.20
C18 BCB S . -7.98 -23.25 6.78
C19 BCB S . -8.86 -24.28 7.56
C20 BCB S . -6.47 -23.64 6.81
MG BCB T . 1.62 0.37 -8.54
CHA BCB T . 0.02 -2.16 -10.31
CHB BCB T . -0.96 0.29 -6.18
CHC BCB T . 3.12 2.92 -6.87
CHD BCB T . 4.52 -0.39 -10.19
NA BCB T . -0.22 -0.81 -8.26
C1A BCB T . -0.73 -1.69 -9.20
C2A BCB T . -2.08 -2.19 -8.72
C3A BCB T . -2.25 -1.58 -7.36
C4A BCB T . -1.09 -0.65 -7.19
CMA BCB T . -3.53 -0.80 -7.23
CAA BCB T . -1.88 -3.70 -8.62
CBA BCB T . -3.12 -4.43 -8.53
CGA BCB T . -3.02 -5.49 -7.51
O1A BCB T . -3.85 -5.56 -6.63
O2A BCB T . -2.06 -6.47 -7.48
NB BCB T . 1.16 1.43 -6.84
C1B BCB T . 0.05 1.24 -6.03
C2B BCB T . 0.03 2.29 -5.05
C3B BCB T . 1.16 3.02 -5.20
C4B BCB T . 1.88 2.49 -6.35
CMB BCB T . -1.21 2.30 -4.14
CAB BCB T . 1.73 4.10 -4.43
OBB BCB T . 2.70 4.80 -4.67
CBB BCB T . 0.96 4.37 -3.15
NC BCB T . 3.47 1.24 -8.68
C1C BCB T . 3.84 2.35 -7.94
C2C BCB T . 5.21 2.74 -8.43
C3C BCB T . 5.71 1.55 -9.17
C4C BCB T . 4.59 0.73 -9.35
CMC BCB T . 5.10 3.89 -9.38
CAC BCB T . 7.03 1.14 -9.29
CBC BCB T . 8.20 2.05 -8.85
ND BCB T . 2.15 -0.85 -10.03
C1D BCB T . 3.39 -1.14 -10.55
C2D BCB T . 3.28 -2.13 -11.62
C3D BCB T . 1.95 -2.48 -11.63
C4D BCB T . 1.32 -1.79 -10.54
CMD BCB T . 4.38 -2.60 -12.63
CAD BCB T . 0.92 -3.22 -12.30
OBD BCB T . 0.99 -4.03 -13.22
CBD BCB T . -0.40 -3.03 -11.51
CGD BCB T . -1.25 -2.10 -12.36
O1D BCB T . -2.37 -1.83 -11.89
O2D BCB T . -0.74 -1.42 -13.45
CED BCB T . -1.76 -1.04 -14.35
C1 BCB T . -2.21 -7.46 -6.43
C2 BCB T . -3.25 -8.38 -6.83
C3 BCB T . -2.92 -9.52 -7.54
C4 BCB T . -1.46 -9.84 -7.92
C5 BCB T . -4.01 -10.54 -7.95
C6 BCB T . -3.74 -12.00 -7.55
C7 BCB T . -4.72 -12.92 -8.25
C8 BCB T . -4.48 -14.41 -8.03
C9 BCB T . -5.70 -15.16 -8.47
C10 BCB T . -4.08 -14.80 -6.60
C11 BCB T . -3.00 -15.86 -6.53
C12 BCB T . -3.57 -17.14 -5.96
C13 BCB T . -2.53 -18.14 -5.43
C14 BCB T . -2.11 -17.76 -4.05
C15 BCB T . -1.29 -18.41 -6.25
C16 BCB T . -0.30 -19.32 -5.53
C17 BCB T . -0.10 -20.62 -6.31
C18 BCB T . 1.36 -21.09 -6.41
C19 BCB T . 2.27 -20.05 -7.09
C20 BCB T . 1.40 -22.41 -7.15
C1 MQ7 U . -23.25 1.34 4.17
O1 MQ7 U . -22.64 0.38 4.67
C2 MQ7 U . -22.54 2.44 3.54
C2M MQ7 U . -21.04 2.41 3.70
C3 MQ7 U . -23.23 3.43 2.88
C4 MQ7 U . -24.68 3.39 2.87
O4 MQ7 U . -25.29 4.40 2.46
C5 MQ7 U . -25.38 2.29 3.49
C6 MQ7 U . -26.77 2.23 3.47
C7 MQ7 U . -27.46 1.17 4.08
C8 MQ7 U . -26.74 0.18 4.72
C9 MQ7 U . -25.35 0.24 4.73
C10 MQ7 U . -24.68 1.30 4.12
C11 MQ7 U . -22.54 4.60 2.18
C12 MQ7 U . -21.98 4.22 0.89
C13 MQ7 U . -22.54 4.54 -0.33
C14 MQ7 U . -23.74 5.40 -0.37
C15 MQ7 U . -21.96 4.11 -1.66
C16 MQ7 U . -21.29 5.22 -2.38
C17 MQ7 U . -20.11 5.60 -1.67
C18 MQ7 U . -18.83 5.78 -2.14
C19 MQ7 U . -18.38 5.66 -3.63
C20 MQ7 U . -17.75 6.16 -1.19
C21 MQ7 U . -17.38 7.59 -1.59
C22 MQ7 U . -18.35 8.58 -1.30
C23 MQ7 U . -18.33 9.82 -1.89
C24 MQ7 U . -17.20 10.24 -2.76
C25 MQ7 U . -19.27 10.96 -1.71
C26 MQ7 U . -18.55 11.97 -0.81
C27 MQ7 U . -19.45 13.04 -0.29
C28 MQ7 U . -19.17 14.08 0.59
C29 MQ7 U . -17.81 14.37 1.18
C30 MQ7 U . -20.12 15.14 1.09
C31 MQ7 U . -20.12 16.44 0.27
C32 MQ7 U . -21.03 17.48 0.86
C33 MQ7 U . -20.83 18.74 1.42
C34 MQ7 U . -19.46 19.36 1.50
C35 MQ7 U . -21.87 19.73 2.02
C36 MQ7 U . -22.47 19.17 3.29
C37 MQ7 U . -23.64 19.95 3.77
C38 MQ7 U . -23.67 20.56 5.02
C39 MQ7 U . -22.49 20.49 6.02
C40 MQ7 U . -24.83 21.37 5.52
C41 MQ7 U . -24.72 22.82 5.06
C42 MQ7 U . -24.97 22.67 3.64
C43 MQ7 U . -24.72 23.25 2.40
C44 MQ7 U . -23.95 24.54 2.06
C45 MQ7 U . -25.27 22.57 1.15
C1 NS5 V . 10.57 -22.18 3.60
CM1 NS5 V . 10.11 -22.89 4.86
CM2 NS5 V . 12.09 -22.20 3.51
C2 NS5 V . 9.94 -22.80 2.36
C3 NS5 V . 8.50 -22.35 2.09
C4 NS5 V . 7.70 -23.36 1.26
C5 NS5 V . 6.80 -22.71 0.24
C6 NS5 V . 5.37 -23.24 0.19
C7 NS5 V . 7.33 -21.88 -0.69
C8 NS5 V . 6.58 -21.09 -1.71
C9 NS5 V . 7.51 -20.51 -2.76
C10 NS5 V . 7.38 -19.05 -2.86
C11 NS5 V . 7.55 -18.30 -1.59
C12 NS5 V . 7.13 -18.47 -4.06
C13 NS5 V . 6.77 -17.10 -4.32
C14 NS5 V . 6.46 -16.59 -5.52
C15 NS5 V . 5.69 -15.38 -5.79
C16 NS5 V . 5.57 -14.44 -4.62
C17 NS5 V . 5.36 -15.07 -7.07
C18 NS5 V . 4.45 -14.07 -7.51
C19 NS5 V . 3.95 -13.87 -8.74
C20 NS5 V . 4.32 -14.54 -9.97
C21 NS5 V . 3.68 -14.27 -11.14
C22 NS5 V . 2.49 -13.45 -11.20
C23 NS5 V . 4.03 -14.90 -12.40
C24 NS5 V . 3.12 -15.26 -13.33
C25 NS5 V . 3.37 -16.04 -14.53
C26 NS5 V . 2.47 -16.70 -15.28
C27 NS5 V . 1.18 -17.21 -14.72
C28 NS5 V . 2.88 -17.30 -16.53
C29 NS5 V . 2.14 -18.23 -17.18
C30 NS5 V . 2.55 -18.92 -18.40
C31 NS5 V . 1.79 -19.44 -19.40
C32 NS5 V . 0.32 -19.71 -19.25
C33 NS5 V . 2.26 -19.23 -20.80
C34 NS5 V . 1.66 -20.20 -21.77
C35 NS5 V . 2.53 -21.42 -21.91
C36 NS5 V . 3.19 -21.76 -23.03
CM3 NS5 V . 3.16 -20.96 -24.28
CM4 NS5 V . 4.01 -23.00 -23.11
N1 LDA W . -24.18 11.30 -7.07
O1 LDA W . -24.62 10.42 -7.79
CM1 LDA W . -23.73 12.42 -7.84
CM2 LDA W . -25.20 11.78 -6.16
C1 LDA W . -23.06 10.78 -6.37
C2 LDA W . -21.92 10.16 -7.19
C3 LDA W . -20.81 9.59 -6.28
C4 LDA W . -20.09 8.38 -6.90
C5 LDA W . -18.57 8.42 -6.69
C6 LDA W . -17.86 7.47 -7.66
C7 LDA W . -16.36 7.66 -7.62
C8 LDA W . -15.66 6.79 -8.65
C9 LDA W . -14.17 6.81 -8.32
C10 LDA W . -13.35 6.67 -9.57
C11 LDA W . -12.08 5.87 -9.28
C12 LDA W . -11.01 6.82 -8.87
N1 LDA X . -18.15 -29.82 -11.58
O1 LDA X . -19.03 -29.37 -12.37
CM1 LDA X . -17.45 -28.73 -10.94
CM2 LDA X . -18.77 -30.65 -10.55
C1 LDA X . -17.16 -30.61 -12.34
C2 LDA X . -15.76 -31.08 -11.94
C3 LDA X . -14.73 -30.39 -12.80
C4 LDA X . -13.33 -30.84 -12.45
C5 LDA X . -12.36 -30.44 -13.54
C6 LDA X . -10.93 -30.73 -13.13
C7 LDA X . -10.02 -29.56 -13.49
C8 LDA X . -9.39 -29.71 -14.86
C9 LDA X . -9.14 -28.34 -15.53
C10 LDA X . -8.12 -27.50 -14.78
C11 LDA X . -8.12 -26.04 -15.21
C12 LDA X . -7.94 -25.74 -16.69
N1 LDA Y . -27.03 15.41 -4.12
O1 LDA Y . -27.06 14.99 -5.28
CM1 LDA Y . -26.74 16.84 -4.10
CM2 LDA Y . -28.30 15.20 -3.44
C1 LDA Y . -25.98 14.72 -3.38
C2 LDA Y . -24.63 14.67 -4.08
C3 LDA Y . -23.49 14.52 -3.08
C4 LDA Y . -22.17 15.06 -3.64
C5 LDA Y . -21.62 14.21 -4.78
C6 LDA Y . -20.15 14.49 -5.01
C7 LDA Y . -19.64 13.73 -6.21
C8 LDA Y . -18.14 13.87 -6.36
C9 LDA Y . -17.59 12.74 -7.22
C10 LDA Y . -16.09 12.86 -7.39
C11 LDA Y . -15.53 11.69 -8.21
C12 LDA Y . -14.32 12.09 -9.01
N1 LDA Z . 18.70 -24.48 -12.12
O1 LDA Z . 18.74 -23.46 -11.41
CM1 LDA Z . 17.94 -24.23 -13.34
CM2 LDA Z . 20.04 -24.87 -12.51
C1 LDA Z . 18.10 -25.59 -11.38
C2 LDA Z . 17.84 -27.06 -11.65
C3 LDA Z . 16.39 -27.34 -12.03
C4 LDA Z . 15.69 -28.25 -11.03
C5 LDA Z . 14.22 -28.43 -11.38
C6 LDA Z . 13.60 -29.64 -10.67
C7 LDA Z . 12.12 -29.77 -10.98
C8 LDA Z . 11.48 -30.91 -10.21
C9 LDA Z . 10.20 -30.45 -9.57
C10 LDA Z . 9.22 -31.61 -9.35
C11 LDA Z . 8.53 -32.03 -10.64
C12 LDA Z . 7.33 -32.96 -10.43
S SO4 AA . -31.81 11.28 -4.29
O1 SO4 AA . -31.53 10.99 -2.90
O2 SO4 AA . -30.60 11.34 -5.06
O3 SO4 AA . -32.64 10.30 -4.86
O4 SO4 AA . -32.47 12.54 -4.44
N1 LDA BA . -36.31 3.42 -15.78
O1 LDA BA . -36.48 3.40 -17.00
CM1 LDA BA . -35.00 2.90 -15.51
CM2 LDA BA . -36.45 4.77 -15.23
C1 LDA BA . -37.27 2.56 -15.11
C2 LDA BA . -38.70 2.90 -15.36
C3 LDA BA . -39.58 2.30 -14.32
C4 LDA BA . -39.47 3.11 -13.03
C5 LDA BA . -40.70 2.92 -12.18
C6 LDA BA . -41.29 1.52 -12.35
C7 LDA BA . -42.33 1.25 -11.29
C8 LDA BA . -41.69 1.12 -9.92
C9 LDA BA . -42.75 1.16 -8.83
C10 LDA BA . -43.09 2.60 -8.44
C11 LDA BA . -43.35 2.72 -6.93
C12 LDA BA . -43.43 4.12 -6.36
#